data_2EDQ
#
_entry.id   2EDQ
#
_entity_poly.entity_id   1
_entity_poly.type   'polypeptide(L)'
_entity_poly.pdbx_seq_one_letter_code
;GSSGSSGPSKFIEGLRNEEATEGDTATLWCELSKAAPVEWRKGHETLRDGDRHSLRQDGSRCELQIRGLAVVDAGEYSCV
CGQERTSATLTVRALPARFIESGPSSG
;
_entity_poly.pdbx_strand_id   A
#
# COMPACT_ATOMS: atom_id res chain seq x y z
N GLY A 1 27.19 24.23 11.71
CA GLY A 1 25.86 24.53 11.21
C GLY A 1 25.02 23.28 11.03
N SER A 2 24.90 22.82 9.79
CA SER A 2 24.11 21.64 9.48
C SER A 2 24.95 20.59 8.76
N SER A 3 24.34 19.44 8.48
CA SER A 3 25.04 18.35 7.80
C SER A 3 24.41 18.08 6.44
N GLY A 4 24.97 17.10 5.72
CA GLY A 4 24.45 16.75 4.41
C GLY A 4 23.69 15.43 4.42
N SER A 5 23.92 14.62 3.39
CA SER A 5 23.25 13.33 3.29
C SER A 5 24.26 12.20 3.15
N SER A 6 24.27 11.29 4.13
CA SER A 6 25.19 10.17 4.11
C SER A 6 24.43 8.84 4.12
N GLY A 7 24.90 7.90 3.32
CA GLY A 7 24.26 6.59 3.24
C GLY A 7 23.06 6.59 2.33
N PRO A 8 22.83 5.46 1.65
CA PRO A 8 21.70 5.31 0.72
C PRO A 8 20.35 5.27 1.44
N SER A 9 19.30 4.95 0.71
CA SER A 9 17.95 4.88 1.27
C SER A 9 17.62 3.46 1.69
N LYS A 10 17.47 3.25 3.00
CA LYS A 10 17.15 1.93 3.53
C LYS A 10 15.88 1.99 4.38
N PHE A 11 14.98 1.04 4.16
CA PHE A 11 13.73 0.97 4.91
C PHE A 11 14.00 0.66 6.38
N ILE A 12 13.48 1.51 7.26
CA ILE A 12 13.65 1.33 8.70
C ILE A 12 12.54 0.47 9.29
N GLU A 13 11.29 0.87 9.05
CA GLU A 13 10.14 0.14 9.56
C GLU A 13 9.71 -0.93 8.56
N GLY A 14 9.85 -0.64 7.28
CA GLY A 14 9.47 -1.59 6.25
C GLY A 14 7.96 -1.76 6.15
N LEU A 15 7.51 -2.36 5.06
CA LEU A 15 6.08 -2.57 4.84
C LEU A 15 5.60 -3.79 5.61
N ARG A 16 4.41 -3.68 6.20
CA ARG A 16 3.83 -4.77 6.97
C ARG A 16 2.51 -5.22 6.36
N ASN A 17 2.11 -6.46 6.64
CA ASN A 17 0.87 -7.01 6.13
C ASN A 17 -0.30 -6.07 6.42
N GLU A 18 -0.82 -5.44 5.37
CA GLU A 18 -1.95 -4.53 5.51
C GLU A 18 -3.27 -5.23 5.22
N GLU A 19 -4.06 -5.44 6.27
CA GLU A 19 -5.35 -6.10 6.13
C GLU A 19 -6.49 -5.11 6.27
N ALA A 20 -7.24 -4.90 5.19
CA ALA A 20 -8.37 -3.98 5.20
C ALA A 20 -9.64 -4.67 4.73
N THR A 21 -10.73 -3.90 4.65
CA THR A 21 -12.01 -4.43 4.22
C THR A 21 -12.38 -3.94 2.82
N GLU A 22 -12.89 -4.84 1.99
CA GLU A 22 -13.28 -4.48 0.64
C GLU A 22 -14.03 -3.17 0.60
N GLY A 23 -13.92 -2.45 -0.51
CA GLY A 23 -14.60 -1.17 -0.64
C GLY A 23 -13.77 -0.02 -0.12
N ASP A 24 -13.25 -0.16 1.09
CA ASP A 24 -12.43 0.87 1.71
C ASP A 24 -11.21 1.18 0.86
N THR A 25 -10.35 2.06 1.36
CA THR A 25 -9.14 2.44 0.64
C THR A 25 -7.89 2.11 1.46
N ALA A 26 -7.23 1.02 1.09
CA ALA A 26 -6.02 0.60 1.79
C ALA A 26 -4.94 1.67 1.72
N THR A 27 -4.24 1.88 2.83
CA THR A 27 -3.18 2.88 2.91
C THR A 27 -1.95 2.33 3.61
N LEU A 28 -0.88 2.13 2.84
CA LEU A 28 0.37 1.61 3.39
C LEU A 28 1.42 2.71 3.47
N TRP A 29 2.35 2.56 4.42
CA TRP A 29 3.42 3.54 4.60
C TRP A 29 4.69 2.86 5.12
N CYS A 30 5.82 3.51 4.89
CA CYS A 30 7.11 2.97 5.33
C CYS A 30 8.13 4.09 5.49
N GLU A 31 8.94 3.99 6.55
CA GLU A 31 9.96 4.99 6.82
C GLU A 31 11.18 4.79 5.92
N LEU A 32 11.95 5.85 5.73
CA LEU A 32 13.14 5.80 4.88
C LEU A 32 14.34 6.41 5.60
N SER A 33 15.46 5.70 5.57
CA SER A 33 16.68 6.16 6.22
C SER A 33 17.04 7.57 5.75
N LYS A 34 16.69 7.87 4.50
CA LYS A 34 16.97 9.18 3.92
C LYS A 34 15.81 9.65 3.03
N ALA A 35 15.74 10.95 2.80
CA ALA A 35 14.69 11.53 1.98
C ALA A 35 15.00 11.33 0.49
N ALA A 36 14.17 10.52 -0.17
CA ALA A 36 14.35 10.25 -1.60
C ALA A 36 13.07 9.72 -2.23
N PRO A 37 12.93 9.91 -3.54
CA PRO A 37 11.74 9.46 -4.28
C PRO A 37 11.69 7.94 -4.41
N VAL A 38 10.64 7.35 -3.85
CA VAL A 38 10.46 5.90 -3.91
C VAL A 38 9.44 5.50 -4.96
N GLU A 39 9.25 4.20 -5.13
CA GLU A 39 8.29 3.70 -6.11
C GLU A 39 7.55 2.48 -5.56
N TRP A 40 6.26 2.40 -5.88
CA TRP A 40 5.43 1.29 -5.42
C TRP A 40 5.05 0.38 -6.59
N ARG A 41 5.00 -0.92 -6.32
CA ARG A 41 4.64 -1.90 -7.35
C ARG A 41 3.67 -2.94 -6.80
N LYS A 42 2.70 -3.32 -7.62
CA LYS A 42 1.70 -4.30 -7.22
C LYS A 42 1.69 -5.49 -8.18
N GLY A 43 2.53 -6.48 -7.90
CA GLY A 43 2.59 -7.65 -8.76
C GLY A 43 3.55 -7.47 -9.92
N HIS A 44 3.03 -7.58 -11.14
CA HIS A 44 3.85 -7.43 -12.34
C HIS A 44 3.58 -6.09 -13.01
N GLU A 45 3.63 -5.01 -12.22
CA GLU A 45 3.39 -3.68 -12.74
C GLU A 45 3.79 -2.62 -11.72
N THR A 46 4.17 -1.44 -12.21
CA THR A 46 4.58 -0.34 -11.34
C THR A 46 3.43 0.63 -11.11
N LEU A 47 2.98 0.70 -9.86
CA LEU A 47 1.88 1.59 -9.51
C LEU A 47 2.15 3.01 -9.99
N ARG A 48 1.08 3.76 -10.26
CA ARG A 48 1.20 5.13 -10.73
C ARG A 48 0.15 6.03 -10.07
N ASP A 49 0.45 7.32 -10.01
CA ASP A 49 -0.46 8.29 -9.41
C ASP A 49 -1.36 8.92 -10.47
N GLY A 50 -2.67 8.70 -10.34
CA GLY A 50 -3.60 9.26 -11.29
C GLY A 50 -4.78 8.35 -11.55
N ASP A 51 -4.53 7.04 -11.54
CA ASP A 51 -5.58 6.06 -11.76
C ASP A 51 -5.87 5.26 -10.50
N ARG A 52 -6.95 5.62 -9.81
CA ARG A 52 -7.33 4.95 -8.58
C ARG A 52 -6.11 4.59 -7.76
N HIS A 53 -5.16 5.52 -7.67
CA HIS A 53 -3.94 5.29 -6.91
C HIS A 53 -3.29 6.63 -6.52
N SER A 54 -2.71 6.67 -5.32
CA SER A 54 -2.07 7.88 -4.83
C SER A 54 -0.69 7.56 -4.26
N LEU A 55 0.35 7.95 -4.98
CA LEU A 55 1.73 7.71 -4.56
C LEU A 55 2.41 9.01 -4.18
N ARG A 56 2.63 9.22 -2.88
CA ARG A 56 3.28 10.43 -2.40
C ARG A 56 4.07 10.14 -1.12
N GLN A 57 5.20 10.84 -0.96
CA GLN A 57 6.05 10.66 0.21
C GLN A 57 6.55 12.00 0.73
N ASP A 58 6.48 12.17 2.05
CA ASP A 58 6.92 13.41 2.68
C ASP A 58 8.30 13.24 3.33
N GLY A 59 9.25 14.07 2.93
CA GLY A 59 10.59 13.99 3.47
C GLY A 59 11.15 12.58 3.43
N SER A 60 10.94 11.84 4.52
CA SER A 60 11.44 10.47 4.61
C SER A 60 10.31 9.51 5.01
N ARG A 61 9.11 9.77 4.49
CA ARG A 61 7.96 8.93 4.78
C ARG A 61 7.13 8.68 3.52
N CYS A 62 6.90 7.41 3.22
CA CYS A 62 6.13 7.03 2.05
C CYS A 62 4.71 6.63 2.44
N GLU A 63 3.75 6.94 1.56
CA GLU A 63 2.36 6.60 1.82
C GLU A 63 1.63 6.29 0.52
N LEU A 64 1.28 5.01 0.33
CA LEU A 64 0.57 4.58 -0.86
C LEU A 64 -0.92 4.42 -0.60
N GLN A 65 -1.73 4.82 -1.56
CA GLN A 65 -3.19 4.71 -1.43
C GLN A 65 -3.79 3.94 -2.60
N ILE A 66 -4.70 3.03 -2.29
CA ILE A 66 -5.34 2.22 -3.30
C ILE A 66 -6.87 2.32 -3.20
N ARG A 67 -7.44 3.32 -3.86
CA ARG A 67 -8.88 3.52 -3.85
C ARG A 67 -9.60 2.38 -4.57
N GLY A 68 -10.66 1.86 -3.94
CA GLY A 68 -11.40 0.77 -4.53
C GLY A 68 -10.80 -0.59 -4.22
N LEU A 69 -10.71 -0.91 -2.94
CA LEU A 69 -10.14 -2.18 -2.51
C LEU A 69 -10.96 -3.35 -3.05
N ALA A 70 -10.28 -4.44 -3.42
CA ALA A 70 -10.95 -5.62 -3.94
C ALA A 70 -10.22 -6.89 -3.52
N VAL A 71 -10.88 -8.03 -3.69
CA VAL A 71 -10.31 -9.31 -3.32
C VAL A 71 -9.07 -9.62 -4.17
N VAL A 72 -9.07 -9.13 -5.41
CA VAL A 72 -7.95 -9.35 -6.31
C VAL A 72 -6.76 -8.49 -5.92
N ASP A 73 -7.02 -7.29 -5.40
CA ASP A 73 -5.97 -6.38 -4.99
C ASP A 73 -5.09 -7.03 -3.91
N ALA A 74 -5.72 -7.70 -2.96
CA ALA A 74 -5.00 -8.36 -1.88
C ALA A 74 -4.00 -9.37 -2.43
N GLY A 75 -2.72 -9.05 -2.30
CA GLY A 75 -1.68 -9.94 -2.78
C GLY A 75 -0.33 -9.67 -2.15
N GLU A 76 0.49 -8.88 -2.83
CA GLU A 76 1.82 -8.54 -2.33
C GLU A 76 2.34 -7.27 -2.99
N TYR A 77 2.52 -6.22 -2.19
CA TYR A 77 3.01 -4.94 -2.69
C TYR A 77 4.49 -4.77 -2.38
N SER A 78 5.25 -4.31 -3.36
CA SER A 78 6.68 -4.10 -3.19
C SER A 78 7.04 -2.63 -3.36
N CYS A 79 7.96 -2.15 -2.54
CA CYS A 79 8.39 -0.76 -2.59
C CYS A 79 9.87 -0.66 -2.93
N VAL A 80 10.18 0.03 -4.03
CA VAL A 80 11.56 0.20 -4.47
C VAL A 80 11.94 1.67 -4.51
N CYS A 81 13.08 2.00 -3.89
CA CYS A 81 13.57 3.38 -3.85
C CYS A 81 14.84 3.53 -4.68
N GLY A 82 15.76 2.58 -4.52
CA GLY A 82 17.01 2.62 -5.25
C GLY A 82 17.67 1.26 -5.36
N GLN A 83 18.32 0.84 -4.29
CA GLN A 83 19.01 -0.46 -4.28
C GLN A 83 18.25 -1.46 -3.42
N GLU A 84 17.58 -0.96 -2.38
CA GLU A 84 16.81 -1.82 -1.49
C GLU A 84 15.35 -1.93 -1.94
N ARG A 85 14.68 -2.97 -1.50
CA ARG A 85 13.28 -3.19 -1.86
C ARG A 85 12.56 -4.01 -0.79
N THR A 86 11.36 -3.59 -0.45
CA THR A 86 10.56 -4.28 0.57
C THR A 86 9.28 -4.84 -0.04
N SER A 87 8.65 -5.77 0.69
CA SER A 87 7.42 -6.40 0.23
C SER A 87 6.49 -6.71 1.41
N ALA A 88 5.20 -6.83 1.12
CA ALA A 88 4.21 -7.12 2.15
C ALA A 88 2.91 -7.62 1.53
N THR A 89 2.24 -8.51 2.24
CA THR A 89 0.98 -9.08 1.77
C THR A 89 -0.21 -8.23 2.20
N LEU A 90 -1.18 -8.07 1.30
CA LEU A 90 -2.36 -7.28 1.59
C LEU A 90 -3.62 -8.15 1.54
N THR A 91 -4.43 -8.07 2.59
CA THR A 91 -5.66 -8.84 2.66
C THR A 91 -6.89 -7.94 2.52
N VAL A 92 -7.88 -8.41 1.76
CA VAL A 92 -9.09 -7.65 1.54
C VAL A 92 -10.33 -8.50 1.78
N ARG A 93 -10.97 -8.29 2.92
CA ARG A 93 -12.17 -9.06 3.28
C ARG A 93 -13.37 -8.59 2.46
N ALA A 94 -13.85 -9.46 1.59
CA ALA A 94 -15.00 -9.14 0.75
C ALA A 94 -16.24 -8.84 1.60
N LEU A 95 -16.80 -7.65 1.39
CA LEU A 95 -17.98 -7.23 2.14
C LEU A 95 -19.06 -8.31 2.11
N PRO A 96 -19.79 -8.47 3.21
CA PRO A 96 -20.87 -9.45 3.33
C PRO A 96 -22.07 -9.11 2.47
N ALA A 97 -22.33 -9.95 1.47
CA ALA A 97 -23.46 -9.73 0.57
C ALA A 97 -24.74 -9.45 1.35
N ARG A 98 -25.11 -8.18 1.41
CA ARG A 98 -26.32 -7.76 2.13
C ARG A 98 -27.27 -7.02 1.20
N PHE A 99 -28.44 -6.65 1.74
CA PHE A 99 -29.44 -5.94 0.95
C PHE A 99 -29.93 -4.70 1.70
N ILE A 100 -30.63 -3.83 0.99
CA ILE A 100 -31.15 -2.60 1.57
C ILE A 100 -32.67 -2.67 1.74
N GLU A 101 -33.16 -2.18 2.87
CA GLU A 101 -34.60 -2.20 3.14
C GLU A 101 -35.12 -0.78 3.33
N SER A 102 -36.29 -0.50 2.77
CA SER A 102 -36.91 0.81 2.87
C SER A 102 -37.21 1.15 4.32
N GLY A 103 -37.92 0.25 5.00
CA GLY A 103 -38.27 0.47 6.39
C GLY A 103 -38.91 -0.75 7.03
N PRO A 104 -38.65 -0.95 8.34
CA PRO A 104 -39.20 -2.08 9.08
C PRO A 104 -40.71 -1.95 9.29
N SER A 105 -41.14 -0.80 9.79
CA SER A 105 -42.56 -0.56 10.04
C SER A 105 -43.04 0.66 9.28
N SER A 106 -44.34 0.94 9.37
CA SER A 106 -44.93 2.08 8.70
C SER A 106 -45.70 2.97 9.68
N GLY A 107 -45.91 4.22 9.29
CA GLY A 107 -46.63 5.15 10.14
C GLY A 107 -46.47 6.59 9.70
N GLY A 1 28.53 4.33 0.99
CA GLY A 1 28.02 3.45 2.03
C GLY A 1 28.67 3.69 3.38
N SER A 2 30.01 3.67 3.39
CA SER A 2 30.76 3.88 4.63
C SER A 2 31.35 5.28 4.66
N SER A 3 31.93 5.71 3.55
CA SER A 3 32.55 7.03 3.45
C SER A 3 31.60 8.01 2.76
N GLY A 4 30.99 8.88 3.57
CA GLY A 4 30.08 9.87 3.02
C GLY A 4 28.66 9.69 3.54
N SER A 5 27.86 10.75 3.43
CA SER A 5 26.48 10.71 3.90
C SER A 5 25.52 10.42 2.75
N SER A 6 25.70 11.14 1.65
CA SER A 6 24.85 10.96 0.47
C SER A 6 24.93 9.53 -0.04
N GLY A 7 23.78 8.98 -0.41
CA GLY A 7 23.72 7.63 -0.91
C GLY A 7 22.31 7.15 -1.17
N PRO A 8 22.13 5.82 -1.29
CA PRO A 8 20.83 5.21 -1.54
C PRO A 8 19.91 5.32 -0.33
N SER A 9 18.69 4.79 -0.47
CA SER A 9 17.71 4.83 0.61
C SER A 9 17.44 3.44 1.16
N LYS A 10 17.17 3.36 2.45
CA LYS A 10 16.88 2.08 3.10
C LYS A 10 15.65 2.17 3.98
N PHE A 11 14.78 1.19 3.88
CA PHE A 11 13.55 1.15 4.66
C PHE A 11 13.85 0.85 6.13
N ILE A 12 13.20 1.58 7.03
CA ILE A 12 13.39 1.40 8.46
C ILE A 12 12.30 0.51 9.06
N GLU A 13 11.06 0.95 8.91
CA GLU A 13 9.91 0.20 9.42
C GLU A 13 9.66 -1.06 8.60
N GLY A 14 9.66 -0.90 7.28
CA GLY A 14 9.42 -2.03 6.40
C GLY A 14 7.96 -2.40 6.30
N LEU A 15 7.41 -2.35 5.10
CA LEU A 15 6.01 -2.68 4.87
C LEU A 15 5.60 -3.89 5.72
N ARG A 16 4.45 -3.79 6.36
CA ARG A 16 3.93 -4.88 7.19
C ARG A 16 2.62 -5.41 6.65
N ASN A 17 2.16 -6.52 7.21
CA ASN A 17 0.92 -7.15 6.77
C ASN A 17 -0.28 -6.22 7.05
N GLU A 18 -0.74 -5.52 6.02
CA GLU A 18 -1.86 -4.61 6.16
C GLU A 18 -3.18 -5.32 5.83
N GLU A 19 -4.13 -5.25 6.75
CA GLU A 19 -5.43 -5.88 6.56
C GLU A 19 -6.54 -4.83 6.51
N ALA A 20 -7.36 -4.91 5.47
CA ALA A 20 -8.47 -3.96 5.30
C ALA A 20 -9.72 -4.67 4.81
N THR A 21 -10.76 -3.90 4.55
CA THR A 21 -12.03 -4.45 4.06
C THR A 21 -12.30 -4.03 2.62
N GLU A 22 -12.85 -4.95 1.84
CA GLU A 22 -13.16 -4.67 0.45
C GLU A 22 -13.88 -3.33 0.30
N GLY A 23 -13.81 -2.76 -0.90
CA GLY A 23 -14.46 -1.48 -1.14
C GLY A 23 -13.69 -0.31 -0.55
N ASP A 24 -13.26 -0.47 0.70
CA ASP A 24 -12.50 0.58 1.37
C ASP A 24 -11.27 0.97 0.57
N THR A 25 -10.45 1.86 1.14
CA THR A 25 -9.23 2.30 0.46
C THR A 25 -8.00 2.00 1.30
N ALA A 26 -7.21 1.01 0.85
CA ALA A 26 -6.00 0.63 1.56
C ALA A 26 -4.97 1.75 1.55
N THR A 27 -4.37 2.00 2.71
CA THR A 27 -3.36 3.05 2.84
C THR A 27 -2.11 2.53 3.53
N LEU A 28 -1.08 2.22 2.75
CA LEU A 28 0.18 1.73 3.29
C LEU A 28 1.17 2.86 3.51
N TRP A 29 2.10 2.65 4.43
CA TRP A 29 3.11 3.66 4.75
C TRP A 29 4.39 3.01 5.24
N CYS A 30 5.52 3.65 4.98
CA CYS A 30 6.82 3.13 5.40
C CYS A 30 7.82 4.27 5.62
N GLU A 31 8.78 4.04 6.51
CA GLU A 31 9.78 5.05 6.82
C GLU A 31 10.99 4.91 5.90
N LEU A 32 11.76 5.99 5.76
CA LEU A 32 12.95 5.98 4.90
C LEU A 32 14.14 6.59 5.64
N SER A 33 15.28 5.92 5.54
CA SER A 33 16.50 6.40 6.19
C SER A 33 17.10 7.57 5.42
N LYS A 34 16.71 7.72 4.16
CA LYS A 34 17.21 8.78 3.31
C LYS A 34 16.09 9.36 2.44
N ALA A 35 15.93 10.68 2.49
CA ALA A 35 14.90 11.34 1.70
C ALA A 35 15.14 11.16 0.21
N ALA A 36 14.46 10.17 -0.38
CA ALA A 36 14.60 9.88 -1.80
C ALA A 36 13.27 9.45 -2.40
N PRO A 37 13.14 9.62 -3.73
CA PRO A 37 11.91 9.25 -4.46
C PRO A 37 11.72 7.74 -4.54
N VAL A 38 10.81 7.22 -3.72
CA VAL A 38 10.54 5.79 -3.70
C VAL A 38 9.52 5.42 -4.78
N GLU A 39 9.25 4.12 -4.90
CA GLU A 39 8.30 3.63 -5.89
C GLU A 39 7.56 2.40 -5.38
N TRP A 40 6.25 2.36 -5.57
CA TRP A 40 5.44 1.24 -5.12
C TRP A 40 5.09 0.32 -6.29
N ARG A 41 5.01 -0.98 -6.01
CA ARG A 41 4.70 -1.96 -7.03
C ARG A 41 3.68 -2.98 -6.51
N LYS A 42 2.94 -3.59 -7.44
CA LYS A 42 1.94 -4.58 -7.08
C LYS A 42 2.08 -5.83 -7.93
N GLY A 43 2.84 -6.81 -7.42
CA GLY A 43 3.04 -8.04 -8.15
C GLY A 43 3.88 -7.85 -9.41
N HIS A 44 3.27 -8.11 -10.56
CA HIS A 44 3.96 -7.97 -11.84
C HIS A 44 3.60 -6.64 -12.49
N GLU A 45 3.69 -5.55 -11.73
CA GLU A 45 3.38 -4.23 -12.24
C GLU A 45 3.83 -3.15 -11.26
N THR A 46 4.02 -1.93 -11.77
CA THR A 46 4.45 -0.81 -10.95
C THR A 46 3.34 0.22 -10.79
N LEU A 47 2.93 0.48 -9.55
CA LEU A 47 1.88 1.45 -9.27
C LEU A 47 2.30 2.84 -9.73
N ARG A 48 1.31 3.67 -10.03
CA ARG A 48 1.57 5.04 -10.48
C ARG A 48 0.39 5.95 -10.15
N ASP A 49 0.70 7.18 -9.73
CA ASP A 49 -0.34 8.14 -9.40
C ASP A 49 -1.12 8.57 -10.63
N GLY A 50 -2.44 8.45 -10.57
CA GLY A 50 -3.28 8.83 -11.69
C GLY A 50 -4.62 9.38 -11.26
N ASP A 51 -5.57 8.49 -10.97
CA ASP A 51 -6.90 8.90 -10.54
C ASP A 51 -7.23 8.32 -9.18
N ARG A 52 -7.12 6.99 -9.07
CA ARG A 52 -7.41 6.31 -7.81
C ARG A 52 -6.14 6.13 -6.99
N HIS A 53 -5.10 5.61 -7.62
CA HIS A 53 -3.82 5.40 -6.94
C HIS A 53 -3.19 6.72 -6.53
N SER A 54 -2.61 6.74 -5.33
CA SER A 54 -1.97 7.95 -4.81
C SER A 54 -0.59 7.63 -4.24
N LEU A 55 0.45 7.89 -5.04
CA LEU A 55 1.81 7.63 -4.61
C LEU A 55 2.53 8.93 -4.26
N ARG A 56 2.79 9.12 -2.98
CA ARG A 56 3.48 10.33 -2.51
C ARG A 56 4.34 10.02 -1.29
N GLN A 57 5.24 10.94 -0.96
CA GLN A 57 6.12 10.78 0.19
C GLN A 57 6.57 12.13 0.74
N ASP A 58 6.54 12.26 2.06
CA ASP A 58 6.94 13.50 2.71
C ASP A 58 8.27 13.34 3.43
N GLY A 59 9.21 14.24 3.15
CA GLY A 59 10.52 14.17 3.79
C GLY A 59 11.12 12.79 3.71
N SER A 60 10.94 11.99 4.75
CA SER A 60 11.49 10.64 4.78
C SER A 60 10.39 9.62 5.07
N ARG A 61 9.19 9.90 4.58
CA ARG A 61 8.06 9.00 4.79
C ARG A 61 7.31 8.76 3.48
N CYS A 62 7.02 7.50 3.20
CA CYS A 62 6.32 7.12 1.97
C CYS A 62 4.94 6.56 2.29
N GLU A 63 3.92 7.07 1.60
CA GLU A 63 2.55 6.62 1.81
C GLU A 63 1.87 6.33 0.47
N LEU A 64 1.17 5.20 0.41
CA LEU A 64 0.46 4.80 -0.81
C LEU A 64 -1.03 4.65 -0.54
N GLN A 65 -1.83 4.88 -1.57
CA GLN A 65 -3.28 4.76 -1.45
C GLN A 65 -3.86 3.97 -2.62
N ILE A 66 -4.86 3.14 -2.34
CA ILE A 66 -5.50 2.34 -3.37
C ILE A 66 -7.02 2.40 -3.24
N ARG A 67 -7.62 3.39 -3.90
CA ARG A 67 -9.07 3.56 -3.86
C ARG A 67 -9.77 2.41 -4.58
N GLY A 68 -10.82 1.89 -3.96
CA GLY A 68 -11.57 0.79 -4.55
C GLY A 68 -10.93 -0.55 -4.27
N LEU A 69 -10.81 -0.90 -2.98
CA LEU A 69 -10.22 -2.17 -2.59
C LEU A 69 -10.99 -3.34 -3.17
N ALA A 70 -10.29 -4.45 -3.39
CA ALA A 70 -10.92 -5.64 -3.94
C ALA A 70 -10.04 -6.88 -3.71
N VAL A 71 -10.61 -8.05 -3.95
CA VAL A 71 -9.89 -9.30 -3.77
C VAL A 71 -8.68 -9.38 -4.69
N VAL A 72 -8.87 -8.93 -5.93
CA VAL A 72 -7.79 -8.94 -6.91
C VAL A 72 -6.66 -8.02 -6.51
N ASP A 73 -6.90 -7.20 -5.48
CA ASP A 73 -5.90 -6.27 -4.98
C ASP A 73 -5.08 -6.90 -3.86
N ALA A 74 -5.71 -7.81 -3.12
CA ALA A 74 -5.05 -8.48 -2.01
C ALA A 74 -3.94 -9.39 -2.50
N GLY A 75 -2.69 -8.96 -2.33
CA GLY A 75 -1.56 -9.74 -2.77
C GLY A 75 -0.29 -9.40 -2.01
N GLU A 76 0.78 -9.11 -2.75
CA GLU A 76 2.05 -8.76 -2.15
C GLU A 76 2.63 -7.49 -2.77
N TYR A 77 2.66 -6.42 -2.00
CA TYR A 77 3.18 -5.14 -2.48
C TYR A 77 4.67 -5.00 -2.12
N SER A 78 5.41 -4.32 -2.99
CA SER A 78 6.83 -4.10 -2.77
C SER A 78 7.24 -2.68 -3.13
N CYS A 79 7.94 -2.02 -2.23
CA CYS A 79 8.39 -0.65 -2.45
C CYS A 79 9.89 -0.60 -2.71
N VAL A 80 10.26 -0.13 -3.90
CA VAL A 80 11.66 -0.04 -4.27
C VAL A 80 12.18 1.39 -4.13
N CYS A 81 12.83 1.66 -3.00
CA CYS A 81 13.37 2.99 -2.74
C CYS A 81 14.67 3.22 -3.53
N GLY A 82 15.21 2.15 -4.07
CA GLY A 82 16.44 2.24 -4.84
C GLY A 82 17.25 0.97 -4.82
N GLN A 83 18.09 0.82 -3.79
CA GLN A 83 18.92 -0.36 -3.66
C GLN A 83 18.16 -1.48 -2.96
N GLU A 84 17.47 -1.15 -1.88
CA GLU A 84 16.70 -2.13 -1.12
C GLU A 84 15.25 -2.19 -1.63
N ARG A 85 14.55 -3.25 -1.25
CA ARG A 85 13.16 -3.44 -1.67
C ARG A 85 12.39 -4.27 -0.64
N THR A 86 11.43 -3.65 0.02
CA THR A 86 10.62 -4.34 1.02
C THR A 86 9.41 -5.01 0.38
N SER A 87 8.74 -5.86 1.16
CA SER A 87 7.56 -6.57 0.66
C SER A 87 6.60 -6.87 1.81
N ALA A 88 5.30 -6.89 1.49
CA ALA A 88 4.27 -7.17 2.48
C ALA A 88 3.00 -7.67 1.84
N THR A 89 2.28 -8.54 2.54
CA THR A 89 1.04 -9.11 2.03
C THR A 89 -0.14 -8.19 2.31
N LEU A 90 -1.17 -8.29 1.48
CA LEU A 90 -2.37 -7.46 1.65
C LEU A 90 -3.61 -8.33 1.83
N THR A 91 -4.46 -7.96 2.78
CA THR A 91 -5.68 -8.71 3.05
C THR A 91 -6.92 -7.87 2.74
N VAL A 92 -7.76 -8.36 1.84
CA VAL A 92 -8.98 -7.67 1.46
C VAL A 92 -10.21 -8.52 1.71
N ARG A 93 -10.82 -8.35 2.88
CA ARG A 93 -12.02 -9.11 3.25
C ARG A 93 -13.17 -8.80 2.30
N ALA A 94 -13.54 -9.78 1.48
CA ALA A 94 -14.62 -9.61 0.52
C ALA A 94 -15.93 -9.29 1.23
N LEU A 95 -16.45 -8.09 1.00
CA LEU A 95 -17.69 -7.65 1.62
C LEU A 95 -18.81 -8.67 1.38
N PRO A 96 -19.72 -8.79 2.35
CA PRO A 96 -20.85 -9.73 2.27
C PRO A 96 -21.88 -9.29 1.23
N ALA A 97 -22.51 -10.26 0.59
CA ALA A 97 -23.52 -9.98 -0.41
C ALA A 97 -24.90 -10.50 0.01
N ARG A 98 -25.46 -9.89 1.05
CA ARG A 98 -26.76 -10.29 1.56
C ARG A 98 -27.44 -9.13 2.28
N PHE A 99 -28.77 -9.14 2.30
CA PHE A 99 -29.54 -8.09 2.96
C PHE A 99 -29.91 -8.51 4.38
N ILE A 100 -28.95 -9.10 5.08
CA ILE A 100 -29.16 -9.53 6.45
C ILE A 100 -29.83 -8.43 7.29
N GLU A 101 -30.73 -8.83 8.17
CA GLU A 101 -31.43 -7.88 9.03
C GLU A 101 -32.32 -6.96 8.20
N SER A 102 -33.13 -7.55 7.32
CA SER A 102 -34.03 -6.78 6.47
C SER A 102 -35.42 -6.69 7.08
N GLY A 103 -35.60 -5.74 7.99
CA GLY A 103 -36.89 -5.57 8.64
C GLY A 103 -36.94 -6.19 10.03
N PRO A 104 -36.44 -5.45 11.03
CA PRO A 104 -36.42 -5.92 12.42
C PRO A 104 -37.80 -5.99 13.03
N SER A 105 -37.90 -6.64 14.19
CA SER A 105 -39.18 -6.78 14.88
C SER A 105 -39.16 -6.06 16.22
N SER A 106 -40.33 -5.95 16.84
CA SER A 106 -40.46 -5.26 18.13
C SER A 106 -41.87 -5.40 18.68
N GLY A 107 -42.00 -5.28 20.00
CA GLY A 107 -43.31 -5.39 20.63
C GLY A 107 -43.22 -5.88 22.06
N GLY A 1 37.84 19.39 7.71
CA GLY A 1 36.52 19.65 8.28
C GLY A 1 35.80 18.37 8.67
N SER A 2 34.50 18.49 8.93
CA SER A 2 33.69 17.34 9.33
C SER A 2 32.99 16.73 8.12
N SER A 3 33.70 15.85 7.41
CA SER A 3 33.14 15.21 6.22
C SER A 3 31.68 14.84 6.45
N GLY A 4 30.88 14.96 5.39
CA GLY A 4 29.46 14.62 5.49
C GLY A 4 29.20 13.15 5.30
N SER A 5 28.44 12.57 6.23
CA SER A 5 28.12 11.14 6.16
C SER A 5 26.93 10.90 5.24
N SER A 6 27.21 10.74 3.95
CA SER A 6 26.16 10.50 2.97
C SER A 6 26.02 9.01 2.68
N GLY A 7 24.77 8.55 2.56
CA GLY A 7 24.52 7.15 2.28
C GLY A 7 23.23 6.93 1.53
N PRO A 8 23.02 5.69 1.06
CA PRO A 8 21.82 5.33 0.30
C PRO A 8 20.57 5.32 1.17
N SER A 9 19.46 4.85 0.61
CA SER A 9 18.20 4.79 1.33
C SER A 9 17.90 3.36 1.78
N LYS A 10 17.40 3.23 3.01
CA LYS A 10 17.07 1.92 3.56
C LYS A 10 15.79 1.98 4.38
N PHE A 11 14.95 0.98 4.23
CA PHE A 11 13.68 0.93 4.97
C PHE A 11 13.94 0.69 6.46
N ILE A 12 13.48 1.63 7.29
CA ILE A 12 13.66 1.53 8.73
C ILE A 12 12.57 0.67 9.36
N GLU A 13 11.33 1.12 9.25
CA GLU A 13 10.19 0.39 9.81
C GLU A 13 9.73 -0.70 8.84
N GLY A 14 9.81 -0.41 7.54
CA GLY A 14 9.39 -1.37 6.54
C GLY A 14 7.88 -1.56 6.51
N LEU A 15 7.36 -1.96 5.36
CA LEU A 15 5.92 -2.17 5.20
C LEU A 15 5.44 -3.29 6.12
N ARG A 16 4.40 -3.01 6.89
CA ARG A 16 3.83 -3.99 7.80
C ARG A 16 2.56 -4.60 7.23
N ASN A 17 2.27 -5.84 7.61
CA ASN A 17 1.09 -6.53 7.14
C ASN A 17 -0.15 -5.66 7.28
N GLU A 18 -0.81 -5.38 6.16
CA GLU A 18 -2.01 -4.55 6.16
C GLU A 18 -3.23 -5.36 5.75
N GLU A 19 -4.33 -5.18 6.47
CA GLU A 19 -5.56 -5.90 6.17
C GLU A 19 -6.76 -4.94 6.17
N ALA A 20 -7.39 -4.79 5.00
CA ALA A 20 -8.54 -3.91 4.87
C ALA A 20 -9.75 -4.68 4.35
N THR A 21 -10.91 -4.02 4.36
CA THR A 21 -12.15 -4.64 3.90
C THR A 21 -12.48 -4.20 2.48
N GLU A 22 -12.73 -5.18 1.62
CA GLU A 22 -13.06 -4.90 0.22
C GLU A 22 -14.02 -3.71 0.12
N GLY A 23 -13.73 -2.82 -0.82
CA GLY A 23 -14.57 -1.64 -1.00
C GLY A 23 -13.97 -0.40 -0.39
N ASP A 24 -13.30 -0.57 0.75
CA ASP A 24 -12.67 0.55 1.44
C ASP A 24 -11.39 0.98 0.73
N THR A 25 -10.73 2.00 1.29
CA THR A 25 -9.50 2.51 0.71
C THR A 25 -8.31 2.22 1.62
N ALA A 26 -7.50 1.24 1.24
CA ALA A 26 -6.33 0.87 2.02
C ALA A 26 -5.32 2.01 2.08
N THR A 27 -4.34 1.91 2.97
CA THR A 27 -3.33 2.93 3.12
C THR A 27 -2.08 2.37 3.80
N LEU A 28 -1.01 2.21 3.04
CA LEU A 28 0.24 1.70 3.56
C LEU A 28 1.31 2.78 3.62
N TRP A 29 2.23 2.65 4.57
CA TRP A 29 3.31 3.62 4.72
C TRP A 29 4.57 2.96 5.26
N CYS A 30 5.73 3.46 4.85
CA CYS A 30 7.01 2.92 5.29
C CYS A 30 8.04 4.03 5.48
N GLU A 31 8.96 3.82 6.40
CA GLU A 31 10.01 4.80 6.69
C GLU A 31 11.22 4.58 5.79
N LEU A 32 12.04 5.62 5.63
CA LEU A 32 13.23 5.52 4.79
C LEU A 32 14.42 6.18 5.49
N SER A 33 15.61 5.64 5.24
CA SER A 33 16.83 6.18 5.83
C SER A 33 17.30 7.44 5.11
N LYS A 34 16.97 7.52 3.82
CA LYS A 34 17.35 8.67 3.00
C LYS A 34 16.17 9.14 2.16
N ALA A 35 16.04 10.46 2.02
CA ALA A 35 14.97 11.04 1.23
C ALA A 35 15.18 10.79 -0.27
N ALA A 36 14.39 9.89 -0.83
CA ALA A 36 14.50 9.56 -2.25
C ALA A 36 13.15 9.12 -2.82
N PRO A 37 12.96 9.33 -4.13
CA PRO A 37 11.71 8.97 -4.81
C PRO A 37 11.54 7.46 -4.94
N VAL A 38 10.78 6.87 -4.01
CA VAL A 38 10.54 5.44 -4.02
C VAL A 38 9.54 5.06 -5.11
N GLU A 39 9.34 3.76 -5.29
CA GLU A 39 8.41 3.26 -6.29
C GLU A 39 7.63 2.05 -5.77
N TRP A 40 6.31 2.08 -5.97
CA TRP A 40 5.45 0.98 -5.51
C TRP A 40 5.17 0.01 -6.65
N ARG A 41 5.09 -1.27 -6.31
CA ARG A 41 4.83 -2.30 -7.31
C ARG A 41 3.70 -3.22 -6.84
N LYS A 42 2.77 -3.51 -7.75
CA LYS A 42 1.63 -4.38 -7.44
C LYS A 42 1.64 -5.62 -8.33
N GLY A 43 2.42 -6.62 -7.93
CA GLY A 43 2.50 -7.84 -8.71
C GLY A 43 3.09 -7.63 -10.08
N HIS A 44 4.37 -7.96 -10.23
CA HIS A 44 5.06 -7.80 -11.50
C HIS A 44 4.56 -6.56 -12.23
N GLU A 45 4.21 -5.53 -11.47
CA GLU A 45 3.71 -4.29 -12.05
C GLU A 45 4.06 -3.09 -11.16
N THR A 46 4.03 -1.90 -11.75
CA THR A 46 4.34 -0.69 -11.02
C THR A 46 3.12 0.22 -10.92
N LEU A 47 2.95 0.84 -9.75
CA LEU A 47 1.82 1.74 -9.51
C LEU A 47 2.16 3.16 -9.95
N ARG A 48 1.14 3.92 -10.33
CA ARG A 48 1.33 5.29 -10.77
C ARG A 48 0.24 6.20 -10.20
N ASP A 49 0.63 7.41 -9.80
CA ASP A 49 -0.31 8.37 -9.24
C ASP A 49 -1.35 8.78 -10.27
N GLY A 50 -2.62 8.54 -9.95
CA GLY A 50 -3.69 8.89 -10.87
C GLY A 50 -4.94 9.36 -10.14
N ASP A 51 -6.00 8.57 -10.21
CA ASP A 51 -7.26 8.92 -9.56
C ASP A 51 -7.54 7.99 -8.39
N ARG A 52 -7.58 6.69 -8.67
CA ARG A 52 -7.84 5.70 -7.63
C ARG A 52 -6.64 5.55 -6.71
N HIS A 53 -5.45 5.48 -7.29
CA HIS A 53 -4.22 5.34 -6.52
C HIS A 53 -3.59 6.70 -6.25
N SER A 54 -2.81 6.78 -5.18
CA SER A 54 -2.15 8.02 -4.80
C SER A 54 -0.76 7.75 -4.23
N LEU A 55 0.26 8.05 -5.03
CA LEU A 55 1.65 7.84 -4.61
C LEU A 55 2.31 9.16 -4.23
N ARG A 56 2.54 9.35 -2.93
CA ARG A 56 3.16 10.57 -2.45
C ARG A 56 4.05 10.28 -1.24
N GLN A 57 5.18 10.98 -1.15
CA GLN A 57 6.11 10.79 -0.06
C GLN A 57 6.68 12.12 0.42
N ASP A 58 6.80 12.28 1.73
CA ASP A 58 7.33 13.51 2.31
C ASP A 58 8.69 13.28 2.94
N GLY A 59 9.70 13.97 2.43
CA GLY A 59 11.04 13.83 2.95
C GLY A 59 11.51 12.38 2.95
N SER A 60 11.30 11.70 4.08
CA SER A 60 11.71 10.30 4.21
C SER A 60 10.53 9.44 4.64
N ARG A 61 9.37 9.69 4.05
CA ARG A 61 8.16 8.94 4.36
C ARG A 61 7.32 8.71 3.12
N CYS A 62 7.13 7.43 2.76
CA CYS A 62 6.34 7.08 1.59
C CYS A 62 4.99 6.47 1.99
N GLU A 63 3.92 7.03 1.44
CA GLU A 63 2.58 6.54 1.75
C GLU A 63 1.80 6.24 0.47
N LEU A 64 1.21 5.06 0.41
CA LEU A 64 0.44 4.64 -0.76
C LEU A 64 -1.05 4.53 -0.42
N GLN A 65 -1.90 4.81 -1.41
CA GLN A 65 -3.33 4.74 -1.21
C GLN A 65 -4.01 4.09 -2.41
N ILE A 66 -4.92 3.15 -2.14
CA ILE A 66 -5.64 2.45 -3.19
C ILE A 66 -7.15 2.49 -2.95
N ARG A 67 -7.83 3.36 -3.71
CA ARG A 67 -9.28 3.50 -3.57
C ARG A 67 -10.00 2.32 -4.20
N GLY A 68 -11.15 1.97 -3.66
CA GLY A 68 -11.93 0.86 -4.18
C GLY A 68 -11.16 -0.45 -4.14
N LEU A 69 -10.91 -0.96 -2.93
CA LEU A 69 -10.18 -2.20 -2.76
C LEU A 69 -10.89 -3.35 -3.46
N ALA A 70 -10.16 -4.44 -3.69
CA ALA A 70 -10.72 -5.61 -4.35
C ALA A 70 -9.94 -6.87 -3.98
N VAL A 71 -10.55 -8.02 -4.24
CA VAL A 71 -9.92 -9.30 -3.94
C VAL A 71 -8.69 -9.53 -4.79
N VAL A 72 -8.62 -8.80 -5.91
CA VAL A 72 -7.48 -8.92 -6.82
C VAL A 72 -6.32 -8.05 -6.37
N ASP A 73 -6.63 -7.03 -5.57
CA ASP A 73 -5.61 -6.12 -5.06
C ASP A 73 -4.91 -6.70 -3.83
N ALA A 74 -5.58 -7.63 -3.16
CA ALA A 74 -5.03 -8.25 -1.97
C ALA A 74 -4.03 -9.34 -2.34
N GLY A 75 -2.76 -9.09 -2.03
CA GLY A 75 -1.72 -10.06 -2.34
C GLY A 75 -0.39 -9.72 -1.69
N GLU A 76 0.38 -8.86 -2.33
CA GLU A 76 1.68 -8.45 -1.80
C GLU A 76 2.22 -7.24 -2.57
N TYR A 77 2.48 -6.17 -1.84
CA TYR A 77 3.00 -4.94 -2.44
C TYR A 77 4.49 -4.77 -2.14
N SER A 78 5.25 -4.34 -3.14
CA SER A 78 6.68 -4.15 -2.99
C SER A 78 7.07 -2.72 -3.33
N CYS A 79 7.96 -2.14 -2.52
CA CYS A 79 8.42 -0.78 -2.73
C CYS A 79 9.93 -0.72 -2.91
N VAL A 80 10.38 -0.29 -4.09
CA VAL A 80 11.80 -0.20 -4.39
C VAL A 80 12.33 1.22 -4.13
N CYS A 81 13.26 1.33 -3.20
CA CYS A 81 13.84 2.62 -2.86
C CYS A 81 15.30 2.70 -3.32
N GLY A 82 15.51 2.53 -4.62
CA GLY A 82 16.86 2.58 -5.16
C GLY A 82 17.51 1.21 -5.23
N GLN A 83 18.18 0.81 -4.16
CA GLN A 83 18.85 -0.48 -4.13
C GLN A 83 18.03 -1.49 -3.32
N GLU A 84 17.49 -1.04 -2.18
CA GLU A 84 16.69 -1.90 -1.32
C GLU A 84 15.27 -2.02 -1.84
N ARG A 85 14.59 -3.10 -1.47
CA ARG A 85 13.23 -3.34 -1.91
C ARG A 85 12.46 -4.17 -0.87
N THR A 86 11.50 -3.53 -0.22
CA THR A 86 10.69 -4.21 0.80
C THR A 86 9.39 -4.74 0.21
N SER A 87 8.68 -5.55 0.98
CA SER A 87 7.43 -6.14 0.53
C SER A 87 6.50 -6.41 1.71
N ALA A 88 5.20 -6.41 1.44
CA ALA A 88 4.20 -6.66 2.49
C ALA A 88 2.95 -7.30 1.90
N THR A 89 2.36 -8.23 2.64
CA THR A 89 1.16 -8.92 2.20
C THR A 89 -0.09 -8.15 2.61
N LEU A 90 -1.00 -7.96 1.66
CA LEU A 90 -2.24 -7.24 1.92
C LEU A 90 -3.42 -8.21 2.02
N THR A 91 -4.44 -7.80 2.77
CA THR A 91 -5.63 -8.64 2.94
C THR A 91 -6.90 -7.84 2.65
N VAL A 92 -7.67 -8.31 1.68
CA VAL A 92 -8.92 -7.65 1.31
C VAL A 92 -10.12 -8.54 1.57
N ARG A 93 -10.84 -8.28 2.66
CA ARG A 93 -12.01 -9.06 3.02
C ARG A 93 -13.15 -8.82 2.04
N ALA A 94 -13.44 -9.82 1.22
CA ALA A 94 -14.51 -9.73 0.23
C ALA A 94 -15.84 -9.41 0.90
N LEU A 95 -16.42 -8.27 0.56
CA LEU A 95 -17.70 -7.85 1.13
C LEU A 95 -18.77 -8.92 0.90
N PRO A 96 -19.67 -9.08 1.87
CA PRO A 96 -20.76 -10.05 1.80
C PRO A 96 -21.81 -9.67 0.76
N ALA A 97 -22.46 -10.69 0.19
CA ALA A 97 -23.50 -10.45 -0.81
C ALA A 97 -24.76 -11.24 -0.49
N ARG A 98 -25.10 -11.31 0.79
CA ARG A 98 -26.28 -12.04 1.23
C ARG A 98 -26.85 -11.43 2.51
N PHE A 99 -28.17 -11.48 2.65
CA PHE A 99 -28.84 -10.93 3.82
C PHE A 99 -29.42 -12.04 4.69
N ILE A 100 -29.02 -12.06 5.96
CA ILE A 100 -29.49 -13.08 6.89
C ILE A 100 -30.92 -12.78 7.35
N GLU A 101 -31.78 -13.78 7.25
CA GLU A 101 -33.17 -13.63 7.65
C GLU A 101 -33.29 -13.44 9.17
N SER A 102 -34.44 -12.97 9.61
CA SER A 102 -34.69 -12.74 11.03
C SER A 102 -35.76 -13.69 11.56
N GLY A 103 -35.32 -14.70 12.32
CA GLY A 103 -36.25 -15.66 12.88
C GLY A 103 -36.00 -15.92 14.35
N PRO A 104 -36.14 -14.87 15.17
CA PRO A 104 -35.93 -14.97 16.62
C PRO A 104 -37.02 -15.77 17.31
N SER A 105 -36.65 -16.91 17.87
CA SER A 105 -37.60 -17.78 18.56
C SER A 105 -36.87 -18.79 19.45
N SER A 106 -36.96 -18.59 20.76
CA SER A 106 -36.31 -19.48 21.71
C SER A 106 -37.31 -20.46 22.30
N GLY A 107 -36.80 -21.57 22.86
CA GLY A 107 -37.66 -22.57 23.44
C GLY A 107 -36.89 -23.77 23.95
N GLY A 1 28.53 22.76 10.43
CA GLY A 1 27.13 22.47 10.72
C GLY A 1 26.66 21.19 10.06
N SER A 2 25.36 21.11 9.79
CA SER A 2 24.78 19.94 9.16
C SER A 2 25.54 19.56 7.89
N SER A 3 26.01 18.32 7.84
CA SER A 3 26.76 17.84 6.68
C SER A 3 26.10 16.62 6.06
N GLY A 4 25.73 15.66 6.92
CA GLY A 4 25.08 14.45 6.44
C GLY A 4 26.08 13.44 5.91
N SER A 5 25.82 12.16 6.16
CA SER A 5 26.69 11.09 5.71
C SER A 5 25.91 10.01 4.97
N SER A 6 24.77 9.62 5.54
CA SER A 6 23.93 8.60 4.94
C SER A 6 23.95 8.69 3.42
N GLY A 7 24.13 7.54 2.77
CA GLY A 7 24.17 7.52 1.31
C GLY A 7 22.84 7.13 0.70
N PRO A 8 22.68 5.83 0.39
CA PRO A 8 21.45 5.31 -0.21
C PRO A 8 20.28 5.32 0.76
N SER A 9 19.14 4.82 0.32
CA SER A 9 17.94 4.77 1.15
C SER A 9 17.71 3.37 1.69
N LYS A 10 17.43 3.28 2.99
CA LYS A 10 17.19 2.00 3.64
C LYS A 10 15.90 2.03 4.44
N PHE A 11 14.98 1.13 4.10
CA PHE A 11 13.69 1.05 4.80
C PHE A 11 13.88 0.70 6.27
N ILE A 12 13.34 1.54 7.15
CA ILE A 12 13.46 1.31 8.59
C ILE A 12 12.31 0.44 9.10
N GLU A 13 11.09 0.91 8.91
CA GLU A 13 9.91 0.17 9.36
C GLU A 13 9.51 -0.87 8.32
N GLY A 14 9.71 -0.54 7.04
CA GLY A 14 9.36 -1.45 5.98
C GLY A 14 7.87 -1.73 5.92
N LEU A 15 7.41 -2.25 4.79
CA LEU A 15 5.99 -2.56 4.61
C LEU A 15 5.60 -3.80 5.41
N ARG A 16 4.41 -3.75 6.02
CA ARG A 16 3.91 -4.86 6.81
C ARG A 16 2.53 -5.29 6.34
N ASN A 17 2.25 -6.59 6.48
CA ASN A 17 0.96 -7.14 6.06
C ASN A 17 -0.19 -6.20 6.47
N GLU A 18 -0.78 -5.54 5.48
CA GLU A 18 -1.87 -4.62 5.74
C GLU A 18 -3.22 -5.27 5.42
N GLU A 19 -4.00 -5.54 6.46
CA GLU A 19 -5.30 -6.16 6.29
C GLU A 19 -6.42 -5.13 6.34
N ALA A 20 -7.21 -5.07 5.27
CA ALA A 20 -8.32 -4.11 5.19
C ALA A 20 -9.60 -4.80 4.78
N THR A 21 -10.69 -4.04 4.72
CA THR A 21 -11.99 -4.58 4.34
C THR A 21 -12.36 -4.19 2.91
N GLU A 22 -12.70 -5.17 2.09
CA GLU A 22 -13.06 -4.92 0.70
C GLU A 22 -13.89 -3.65 0.58
N GLY A 23 -13.61 -2.87 -0.47
CA GLY A 23 -14.34 -1.63 -0.68
C GLY A 23 -13.63 -0.44 -0.07
N ASP A 24 -12.98 -0.66 1.07
CA ASP A 24 -12.27 0.41 1.75
C ASP A 24 -11.11 0.93 0.90
N THR A 25 -10.34 1.85 1.47
CA THR A 25 -9.20 2.43 0.75
C THR A 25 -7.90 2.20 1.52
N ALA A 26 -7.22 1.10 1.19
CA ALA A 26 -5.96 0.76 1.83
C ALA A 26 -4.95 1.89 1.69
N THR A 27 -4.23 2.17 2.77
CA THR A 27 -3.23 3.22 2.77
C THR A 27 -1.90 2.72 3.32
N LEU A 28 -1.05 2.21 2.43
CA LEU A 28 0.26 1.70 2.84
C LEU A 28 1.17 2.83 3.29
N TRP A 29 2.24 2.47 4.00
CA TRP A 29 3.18 3.46 4.49
C TRP A 29 4.42 2.78 5.07
N CYS A 30 5.58 3.40 4.89
CA CYS A 30 6.84 2.86 5.39
C CYS A 30 7.86 3.97 5.63
N GLU A 31 8.71 3.77 6.63
CA GLU A 31 9.73 4.75 6.97
C GLU A 31 11.00 4.53 6.15
N LEU A 32 11.69 5.61 5.83
CA LEU A 32 12.92 5.53 5.05
C LEU A 32 14.08 6.17 5.80
N SER A 33 15.30 5.78 5.44
CA SER A 33 16.50 6.33 6.07
C SER A 33 16.90 7.65 5.44
N LYS A 34 16.61 7.80 4.15
CA LYS A 34 16.94 9.02 3.43
C LYS A 34 15.76 9.49 2.59
N ALA A 35 15.35 10.74 2.80
CA ALA A 35 14.23 11.31 2.06
C ALA A 35 14.49 11.27 0.56
N ALA A 36 14.21 10.12 -0.06
CA ALA A 36 14.42 9.95 -1.49
C ALA A 36 13.14 9.46 -2.16
N PRO A 37 13.04 9.70 -3.48
CA PRO A 37 11.88 9.28 -4.27
C PRO A 37 11.80 7.76 -4.44
N VAL A 38 10.83 7.14 -3.75
CA VAL A 38 10.66 5.70 -3.83
C VAL A 38 9.69 5.32 -4.95
N GLU A 39 9.45 4.02 -5.10
CA GLU A 39 8.55 3.53 -6.13
C GLU A 39 7.71 2.36 -5.62
N TRP A 40 6.43 2.39 -5.90
CA TRP A 40 5.51 1.33 -5.47
C TRP A 40 5.19 0.39 -6.61
N ARG A 41 5.11 -0.91 -6.31
CA ARG A 41 4.80 -1.91 -7.31
C ARG A 41 3.71 -2.86 -6.83
N LYS A 42 2.89 -3.32 -7.76
CA LYS A 42 1.80 -4.23 -7.42
C LYS A 42 1.93 -5.55 -8.19
N GLY A 43 2.71 -6.48 -7.64
CA GLY A 43 2.90 -7.76 -8.29
C GLY A 43 3.92 -7.70 -9.41
N HIS A 44 3.43 -7.62 -10.65
CA HIS A 44 4.32 -7.56 -11.80
C HIS A 44 4.07 -6.28 -12.61
N GLU A 45 4.00 -5.16 -11.91
CA GLU A 45 3.76 -3.87 -12.57
C GLU A 45 4.08 -2.71 -11.63
N THR A 46 4.45 -1.57 -12.20
CA THR A 46 4.78 -0.39 -11.41
C THR A 46 3.56 0.49 -11.19
N LEU A 47 3.29 0.82 -9.93
CA LEU A 47 2.15 1.66 -9.58
C LEU A 47 2.36 3.09 -10.07
N ARG A 48 1.26 3.76 -10.41
CA ARG A 48 1.32 5.14 -10.88
C ARG A 48 0.25 5.99 -10.21
N ASP A 49 0.53 7.28 -10.09
CA ASP A 49 -0.41 8.21 -9.46
C ASP A 49 -1.26 8.91 -10.52
N GLY A 50 -2.56 8.61 -10.53
CA GLY A 50 -3.46 9.22 -11.49
C GLY A 50 -4.82 8.58 -11.49
N ASP A 51 -4.85 7.25 -11.53
CA ASP A 51 -6.11 6.51 -11.54
C ASP A 51 -6.26 5.68 -10.27
N ARG A 52 -7.31 5.96 -9.50
CA ARG A 52 -7.56 5.24 -8.26
C ARG A 52 -6.27 4.88 -7.56
N HIS A 53 -5.36 5.85 -7.47
CA HIS A 53 -4.06 5.64 -6.82
C HIS A 53 -3.40 6.97 -6.51
N SER A 54 -2.69 7.02 -5.38
CA SER A 54 -2.00 8.24 -4.96
C SER A 54 -0.65 7.91 -4.35
N LEU A 55 0.42 8.21 -5.09
CA LEU A 55 1.78 7.96 -4.62
C LEU A 55 2.47 9.24 -4.20
N ARG A 56 2.63 9.42 -2.89
CA ARG A 56 3.27 10.61 -2.35
C ARG A 56 4.07 10.27 -1.09
N GLN A 57 5.22 10.93 -0.94
CA GLN A 57 6.08 10.69 0.22
C GLN A 57 6.61 12.01 0.77
N ASP A 58 6.87 12.04 2.08
CA ASP A 58 7.38 13.24 2.72
C ASP A 58 8.31 12.87 3.88
N GLY A 59 9.35 13.67 4.08
CA GLY A 59 10.29 13.42 5.16
C GLY A 59 10.54 11.93 5.37
N SER A 60 11.18 11.30 4.40
CA SER A 60 11.48 9.87 4.49
C SER A 60 10.25 9.10 4.95
N ARG A 61 9.10 9.38 4.34
CA ARG A 61 7.85 8.71 4.70
C ARG A 61 6.96 8.55 3.48
N CYS A 62 6.88 7.33 2.97
CA CYS A 62 6.06 7.04 1.80
C CYS A 62 4.65 6.64 2.21
N GLU A 63 3.66 7.01 1.39
CA GLU A 63 2.27 6.69 1.67
C GLU A 63 1.51 6.39 0.39
N LEU A 64 1.17 5.13 0.18
CA LEU A 64 0.44 4.71 -1.01
C LEU A 64 -1.04 4.57 -0.72
N GLN A 65 -1.88 4.97 -1.67
CA GLN A 65 -3.33 4.87 -1.51
C GLN A 65 -3.96 4.12 -2.68
N ILE A 66 -4.89 3.23 -2.36
CA ILE A 66 -5.57 2.45 -3.38
C ILE A 66 -7.09 2.48 -3.19
N ARG A 67 -7.72 3.46 -3.83
CA ARG A 67 -9.17 3.61 -3.72
C ARG A 67 -9.88 2.45 -4.42
N GLY A 68 -10.87 1.88 -3.74
CA GLY A 68 -11.62 0.76 -4.31
C GLY A 68 -10.93 -0.57 -4.10
N LEU A 69 -10.78 -0.95 -2.83
CA LEU A 69 -10.13 -2.22 -2.50
C LEU A 69 -10.92 -3.40 -3.04
N ALA A 70 -10.21 -4.45 -3.43
CA ALA A 70 -10.84 -5.65 -3.97
C ALA A 70 -10.03 -6.89 -3.64
N VAL A 71 -10.70 -8.04 -3.60
CA VAL A 71 -10.04 -9.30 -3.30
C VAL A 71 -8.77 -9.48 -4.12
N VAL A 72 -8.81 -9.03 -5.37
CA VAL A 72 -7.66 -9.13 -6.27
C VAL A 72 -6.55 -8.18 -5.83
N ASP A 73 -6.93 -7.10 -5.14
CA ASP A 73 -5.96 -6.12 -4.68
C ASP A 73 -5.08 -6.70 -3.57
N ALA A 74 -5.68 -7.57 -2.75
CA ALA A 74 -4.96 -8.19 -1.66
C ALA A 74 -3.94 -9.21 -2.17
N GLY A 75 -2.72 -8.75 -2.40
CA GLY A 75 -1.67 -9.63 -2.89
C GLY A 75 -0.33 -9.37 -2.24
N GLU A 76 0.59 -8.78 -3.00
CA GLU A 76 1.92 -8.47 -2.48
C GLU A 76 2.39 -7.11 -2.97
N TYR A 77 2.42 -6.14 -2.06
CA TYR A 77 2.85 -4.79 -2.39
C TYR A 77 4.30 -4.55 -1.97
N SER A 78 5.13 -4.17 -2.93
CA SER A 78 6.54 -3.92 -2.65
C SER A 78 6.89 -2.45 -2.89
N CYS A 79 7.90 -1.96 -2.18
CA CYS A 79 8.33 -0.57 -2.31
C CYS A 79 9.85 -0.47 -2.31
N VAL A 80 10.42 -0.12 -3.46
CA VAL A 80 11.86 0.02 -3.59
C VAL A 80 12.24 1.41 -4.11
N CYS A 81 13.38 1.90 -3.65
CA CYS A 81 13.86 3.21 -4.06
C CYS A 81 15.14 3.09 -4.91
N GLY A 82 16.09 2.32 -4.41
CA GLY A 82 17.34 2.14 -5.12
C GLY A 82 17.73 0.67 -5.24
N GLN A 83 18.34 0.13 -4.20
CA GLN A 83 18.77 -1.26 -4.19
C GLN A 83 17.88 -2.09 -3.27
N GLU A 84 17.52 -1.51 -2.13
CA GLU A 84 16.67 -2.20 -1.15
C GLU A 84 15.22 -2.23 -1.61
N ARG A 85 14.64 -3.41 -1.64
CA ARG A 85 13.24 -3.58 -2.05
C ARG A 85 12.47 -4.40 -1.04
N THR A 86 11.52 -3.77 -0.35
CA THR A 86 10.70 -4.44 0.64
C THR A 86 9.44 -5.02 0.02
N SER A 87 8.69 -5.78 0.82
CA SER A 87 7.45 -6.39 0.34
C SER A 87 6.50 -6.65 1.49
N ALA A 88 5.21 -6.73 1.18
CA ALA A 88 4.19 -6.97 2.20
C ALA A 88 2.90 -7.48 1.56
N THR A 89 2.26 -8.45 2.23
CA THR A 89 1.01 -9.02 1.73
C THR A 89 -0.19 -8.25 2.25
N LEU A 90 -1.02 -7.79 1.32
CA LEU A 90 -2.22 -7.03 1.67
C LEU A 90 -3.46 -7.92 1.63
N THR A 91 -4.23 -7.90 2.71
CA THR A 91 -5.44 -8.70 2.79
C THR A 91 -6.69 -7.85 2.57
N VAL A 92 -7.70 -8.43 1.95
CA VAL A 92 -8.95 -7.72 1.67
C VAL A 92 -10.16 -8.63 1.90
N ARG A 93 -10.87 -8.39 3.00
CA ARG A 93 -12.05 -9.19 3.33
C ARG A 93 -13.24 -8.77 2.46
N ALA A 94 -13.77 -9.72 1.70
CA ALA A 94 -14.92 -9.45 0.83
C ALA A 94 -16.11 -8.98 1.64
N LEU A 95 -16.71 -7.87 1.21
CA LEU A 95 -17.86 -7.31 1.90
C LEU A 95 -19.08 -8.21 1.74
N PRO A 96 -19.99 -8.15 2.73
CA PRO A 96 -21.21 -8.95 2.72
C PRO A 96 -22.20 -8.52 1.65
N ALA A 97 -23.33 -9.20 1.58
CA ALA A 97 -24.36 -8.88 0.60
C ALA A 97 -25.54 -8.17 1.24
N ARG A 98 -25.51 -6.83 1.19
CA ARG A 98 -26.57 -6.03 1.78
C ARG A 98 -27.79 -5.96 0.86
N PHE A 99 -28.76 -6.85 1.11
CA PHE A 99 -29.97 -6.90 0.29
C PHE A 99 -31.15 -6.26 1.03
N ILE A 100 -31.78 -5.29 0.40
CA ILE A 100 -32.93 -4.61 0.99
C ILE A 100 -33.97 -5.61 1.48
N GLU A 101 -34.22 -5.61 2.78
CA GLU A 101 -35.19 -6.51 3.38
C GLU A 101 -35.49 -6.11 4.82
N SER A 102 -36.78 -5.98 5.14
CA SER A 102 -37.20 -5.61 6.49
C SER A 102 -37.55 -6.84 7.31
N GLY A 103 -36.93 -6.95 8.48
CA GLY A 103 -37.19 -8.09 9.34
C GLY A 103 -36.92 -7.78 10.80
N PRO A 104 -37.27 -8.73 11.69
CA PRO A 104 -37.08 -8.56 13.13
C PRO A 104 -35.61 -8.60 13.53
N SER A 105 -35.09 -7.45 13.95
CA SER A 105 -33.69 -7.34 14.35
C SER A 105 -33.55 -7.53 15.86
N SER A 106 -33.10 -8.72 16.26
CA SER A 106 -32.92 -9.03 17.68
C SER A 106 -31.49 -8.76 18.12
N GLY A 107 -31.34 -7.99 19.19
CA GLY A 107 -30.03 -7.67 19.70
C GLY A 107 -29.84 -8.07 21.14
N GLY A 1 31.00 -0.49 12.61
CA GLY A 1 31.30 0.94 12.64
C GLY A 1 31.49 1.52 11.26
N SER A 2 30.44 1.48 10.44
CA SER A 2 30.51 2.01 9.09
C SER A 2 30.88 3.48 9.09
N SER A 3 31.85 3.84 8.26
CA SER A 3 32.31 5.23 8.17
C SER A 3 31.36 6.06 7.31
N GLY A 4 30.30 6.57 7.93
CA GLY A 4 29.33 7.37 7.19
C GLY A 4 28.11 7.71 8.03
N SER A 5 27.46 8.83 7.71
CA SER A 5 26.29 9.26 8.43
C SER A 5 25.00 8.80 7.73
N SER A 6 24.91 9.09 6.44
CA SER A 6 23.74 8.71 5.66
C SER A 6 24.11 8.57 4.18
N GLY A 7 23.65 7.48 3.57
CA GLY A 7 23.94 7.25 2.16
C GLY A 7 22.70 6.86 1.38
N PRO A 8 22.55 5.56 1.09
CA PRO A 8 21.41 5.04 0.34
C PRO A 8 20.11 5.12 1.13
N SER A 9 18.99 4.90 0.45
CA SER A 9 17.69 4.94 1.09
C SER A 9 17.21 3.54 1.49
N LYS A 10 17.27 3.24 2.78
CA LYS A 10 16.85 1.94 3.28
C LYS A 10 15.55 2.06 4.08
N PHE A 11 14.67 1.09 3.89
CA PHE A 11 13.38 1.08 4.59
C PHE A 11 13.58 0.77 6.08
N ILE A 12 13.03 1.63 6.92
CA ILE A 12 13.14 1.44 8.37
C ILE A 12 11.95 0.66 8.92
N GLU A 13 10.75 1.21 8.73
CA GLU A 13 9.53 0.57 9.20
C GLU A 13 9.21 -0.68 8.38
N GLY A 14 9.50 -0.60 7.08
CA GLY A 14 9.24 -1.72 6.19
C GLY A 14 7.76 -2.06 6.11
N LEU A 15 7.28 -2.29 4.90
CA LEU A 15 5.88 -2.62 4.68
C LEU A 15 5.49 -3.88 5.45
N ARG A 16 4.41 -3.80 6.21
CA ARG A 16 3.93 -4.93 6.99
C ARG A 16 2.59 -5.42 6.47
N ASN A 17 2.27 -6.67 6.78
CA ASN A 17 1.01 -7.28 6.34
C ASN A 17 -0.17 -6.35 6.66
N GLU A 18 -0.55 -5.54 5.69
CA GLU A 18 -1.67 -4.61 5.86
C GLU A 18 -2.99 -5.27 5.49
N GLU A 19 -3.97 -5.17 6.39
CA GLU A 19 -5.28 -5.75 6.14
C GLU A 19 -6.37 -4.69 6.18
N ALA A 20 -7.18 -4.63 5.12
CA ALA A 20 -8.25 -3.66 5.04
C ALA A 20 -9.55 -4.31 4.58
N THR A 21 -10.66 -3.61 4.77
CA THR A 21 -11.97 -4.13 4.37
C THR A 21 -12.31 -3.74 2.94
N GLU A 22 -12.77 -4.72 2.17
CA GLU A 22 -13.13 -4.48 0.76
C GLU A 22 -13.88 -3.15 0.62
N GLY A 23 -13.77 -2.56 -0.56
CA GLY A 23 -14.44 -1.29 -0.81
C GLY A 23 -13.65 -0.10 -0.29
N ASP A 24 -13.15 -0.23 0.93
CA ASP A 24 -12.37 0.84 1.54
C ASP A 24 -11.14 1.18 0.69
N THR A 25 -10.30 2.07 1.21
CA THR A 25 -9.10 2.48 0.50
C THR A 25 -7.84 2.07 1.27
N ALA A 26 -7.16 1.04 0.78
CA ALA A 26 -5.95 0.55 1.41
C ALA A 26 -4.88 1.64 1.45
N THR A 27 -4.39 1.93 2.65
CA THR A 27 -3.37 2.94 2.84
C THR A 27 -2.15 2.38 3.57
N LEU A 28 -1.08 2.13 2.82
CA LEU A 28 0.14 1.59 3.40
C LEU A 28 1.22 2.67 3.48
N TRP A 29 2.12 2.53 4.46
CA TRP A 29 3.19 3.49 4.65
C TRP A 29 4.45 2.79 5.17
N CYS A 30 5.61 3.37 4.87
CA CYS A 30 6.88 2.81 5.31
C CYS A 30 7.92 3.91 5.52
N GLU A 31 8.57 3.89 6.67
CA GLU A 31 9.59 4.88 7.00
C GLU A 31 10.86 4.65 6.18
N LEU A 32 11.51 5.74 5.78
CA LEU A 32 12.73 5.66 4.99
C LEU A 32 13.92 6.20 5.77
N SER A 33 15.11 5.75 5.42
CA SER A 33 16.33 6.19 6.09
C SER A 33 16.66 7.64 5.71
N LYS A 34 16.32 8.01 4.48
CA LYS A 34 16.58 9.36 3.99
C LYS A 34 15.55 9.78 2.96
N ALA A 35 14.96 10.95 3.15
CA ALA A 35 13.95 11.46 2.24
C ALA A 35 14.38 11.27 0.79
N ALA A 36 13.67 10.41 0.07
CA ALA A 36 13.97 10.12 -1.33
C ALA A 36 12.74 9.65 -2.08
N PRO A 37 12.73 9.87 -3.40
CA PRO A 37 11.62 9.46 -4.27
C PRO A 37 11.51 7.95 -4.40
N VAL A 38 10.70 7.34 -3.55
CA VAL A 38 10.51 5.89 -3.58
C VAL A 38 9.52 5.50 -4.68
N GLU A 39 9.58 4.23 -5.09
CA GLU A 39 8.70 3.73 -6.13
C GLU A 39 7.98 2.47 -5.67
N TRP A 40 6.66 2.44 -5.86
CA TRP A 40 5.85 1.30 -5.46
C TRP A 40 5.59 0.37 -6.64
N ARG A 41 5.34 -0.90 -6.35
CA ARG A 41 5.08 -1.89 -7.39
C ARG A 41 4.01 -2.88 -6.93
N LYS A 42 3.06 -3.18 -7.82
CA LYS A 42 1.99 -4.12 -7.52
C LYS A 42 2.15 -5.40 -8.33
N GLY A 43 2.96 -6.32 -7.82
CA GLY A 43 3.17 -7.58 -8.50
C GLY A 43 4.16 -7.46 -9.65
N HIS A 44 3.69 -7.68 -10.86
CA HIS A 44 4.54 -7.60 -12.05
C HIS A 44 4.31 -6.28 -12.79
N GLU A 45 4.17 -5.20 -12.03
CA GLU A 45 3.94 -3.89 -12.62
C GLU A 45 4.28 -2.78 -11.63
N THR A 46 4.66 -1.62 -12.15
CA THR A 46 5.01 -0.47 -11.31
C THR A 46 3.83 0.46 -11.13
N LEU A 47 3.44 0.69 -9.88
CA LEU A 47 2.32 1.57 -9.57
C LEU A 47 2.60 2.99 -10.03
N ARG A 48 1.55 3.72 -10.36
CA ARG A 48 1.68 5.10 -10.82
C ARG A 48 0.45 5.92 -10.45
N ASP A 49 0.68 7.15 -9.99
CA ASP A 49 -0.41 8.03 -9.60
C ASP A 49 -1.39 8.23 -10.76
N GLY A 50 -2.62 7.76 -10.58
CA GLY A 50 -3.62 7.90 -11.62
C GLY A 50 -4.95 8.39 -11.07
N ASP A 51 -5.89 7.46 -10.89
CA ASP A 51 -7.21 7.80 -10.38
C ASP A 51 -7.53 6.98 -9.12
N ARG A 52 -7.26 5.68 -9.18
CA ARG A 52 -7.52 4.79 -8.07
C ARG A 52 -6.23 4.39 -7.37
N HIS A 53 -5.24 5.28 -7.43
CA HIS A 53 -3.94 5.02 -6.80
C HIS A 53 -3.17 6.33 -6.60
N SER A 54 -2.47 6.43 -5.47
CA SER A 54 -1.69 7.62 -5.17
C SER A 54 -0.33 7.25 -4.60
N LEU A 55 0.72 7.81 -5.18
CA LEU A 55 2.08 7.54 -4.73
C LEU A 55 2.81 8.82 -4.34
N ARG A 56 2.90 9.06 -3.03
CA ARG A 56 3.56 10.26 -2.52
C ARG A 56 4.32 9.96 -1.23
N GLN A 57 5.35 10.74 -0.97
CA GLN A 57 6.16 10.54 0.24
C GLN A 57 6.67 11.89 0.77
N ASP A 58 6.88 11.96 2.07
CA ASP A 58 7.36 13.18 2.71
C ASP A 58 8.30 12.86 3.86
N GLY A 59 9.32 13.70 4.04
CA GLY A 59 10.28 13.49 5.11
C GLY A 59 10.53 12.01 5.38
N SER A 60 11.12 11.33 4.40
CA SER A 60 11.41 9.90 4.54
C SER A 60 10.16 9.13 4.97
N ARG A 61 9.02 9.54 4.44
CA ARG A 61 7.76 8.88 4.77
C ARG A 61 6.97 8.55 3.50
N CYS A 62 7.10 7.30 3.06
CA CYS A 62 6.40 6.84 1.86
C CYS A 62 4.97 6.43 2.18
N GLU A 63 4.01 7.02 1.47
CA GLU A 63 2.61 6.72 1.68
C GLU A 63 1.92 6.39 0.36
N LEU A 64 1.29 5.22 0.31
CA LEU A 64 0.59 4.77 -0.90
C LEU A 64 -0.90 4.59 -0.63
N GLN A 65 -1.71 4.78 -1.65
CA GLN A 65 -3.16 4.62 -1.53
C GLN A 65 -3.73 3.81 -2.69
N ILE A 66 -4.67 2.93 -2.37
CA ILE A 66 -5.30 2.10 -3.39
C ILE A 66 -6.81 2.21 -3.34
N ARG A 67 -7.35 3.28 -3.92
CA ARG A 67 -8.78 3.50 -3.95
C ARG A 67 -9.50 2.38 -4.68
N GLY A 68 -10.53 1.83 -4.05
CA GLY A 68 -11.29 0.74 -4.65
C GLY A 68 -10.72 -0.62 -4.31
N LEU A 69 -10.72 -0.94 -3.02
CA LEU A 69 -10.19 -2.22 -2.57
C LEU A 69 -11.02 -3.39 -3.12
N ALA A 70 -10.36 -4.49 -3.41
CA ALA A 70 -11.03 -5.68 -3.94
C ALA A 70 -10.24 -6.94 -3.63
N VAL A 71 -10.95 -8.07 -3.57
CA VAL A 71 -10.32 -9.35 -3.29
C VAL A 71 -9.07 -9.56 -4.15
N VAL A 72 -9.14 -9.09 -5.40
CA VAL A 72 -8.02 -9.23 -6.32
C VAL A 72 -6.86 -8.33 -5.90
N ASP A 73 -7.18 -7.12 -5.45
CA ASP A 73 -6.17 -6.17 -5.02
C ASP A 73 -5.25 -6.79 -3.98
N ALA A 74 -5.83 -7.58 -3.08
CA ALA A 74 -5.07 -8.24 -2.02
C ALA A 74 -3.98 -9.13 -2.61
N GLY A 75 -2.78 -8.58 -2.74
CA GLY A 75 -1.67 -9.34 -3.28
C GLY A 75 -0.37 -9.07 -2.56
N GLU A 76 0.67 -8.70 -3.31
CA GLU A 76 1.97 -8.42 -2.73
C GLU A 76 2.54 -7.12 -3.30
N TYR A 77 2.50 -6.07 -2.48
CA TYR A 77 3.01 -4.75 -2.90
C TYR A 77 4.46 -4.58 -2.48
N SER A 78 5.31 -4.24 -3.44
CA SER A 78 6.73 -4.04 -3.19
C SER A 78 7.12 -2.58 -3.38
N CYS A 79 7.93 -2.06 -2.46
CA CYS A 79 8.39 -0.68 -2.52
C CYS A 79 9.91 -0.60 -2.53
N VAL A 80 10.45 -0.09 -3.63
CA VAL A 80 11.90 0.03 -3.76
C VAL A 80 12.28 1.40 -4.31
N CYS A 81 13.29 2.03 -3.70
CA CYS A 81 13.74 3.33 -4.13
C CYS A 81 15.03 3.22 -4.95
N GLY A 82 16.00 2.48 -4.42
CA GLY A 82 17.26 2.31 -5.12
C GLY A 82 17.65 0.85 -5.26
N GLN A 83 18.27 0.29 -4.23
CA GLN A 83 18.69 -1.10 -4.25
C GLN A 83 17.78 -1.95 -3.37
N GLU A 84 17.46 -1.45 -2.18
CA GLU A 84 16.61 -2.18 -1.25
C GLU A 84 15.16 -2.21 -1.77
N ARG A 85 14.56 -3.40 -1.71
CA ARG A 85 13.18 -3.57 -2.16
C ARG A 85 12.38 -4.41 -1.17
N THR A 86 11.48 -3.75 -0.45
CA THR A 86 10.65 -4.43 0.54
C THR A 86 9.37 -4.97 -0.09
N SER A 87 8.66 -5.82 0.64
CA SER A 87 7.42 -6.41 0.15
C SER A 87 6.48 -6.74 1.30
N ALA A 88 5.19 -6.71 1.03
CA ALA A 88 4.18 -7.01 2.04
C ALA A 88 2.87 -7.48 1.40
N THR A 89 2.22 -8.45 2.04
CA THR A 89 0.96 -8.98 1.54
C THR A 89 -0.22 -8.21 2.10
N LEU A 90 -1.19 -7.90 1.24
CA LEU A 90 -2.38 -7.17 1.65
C LEU A 90 -3.57 -8.11 1.81
N THR A 91 -4.38 -7.87 2.83
CA THR A 91 -5.55 -8.69 3.10
C THR A 91 -6.83 -7.88 2.94
N VAL A 92 -7.67 -8.29 1.99
CA VAL A 92 -8.93 -7.60 1.73
C VAL A 92 -10.12 -8.49 2.10
N ARG A 93 -10.80 -8.13 3.19
CA ARG A 93 -11.95 -8.89 3.66
C ARG A 93 -13.19 -8.55 2.84
N ALA A 94 -13.58 -9.48 1.96
CA ALA A 94 -14.75 -9.27 1.11
C ALA A 94 -15.97 -8.88 1.95
N LEU A 95 -16.62 -7.80 1.55
CA LEU A 95 -17.81 -7.31 2.26
C LEU A 95 -18.91 -8.36 2.24
N PRO A 96 -19.67 -8.44 3.35
CA PRO A 96 -20.77 -9.39 3.48
C PRO A 96 -21.95 -9.04 2.58
N ALA A 97 -22.83 -10.01 2.36
CA ALA A 97 -24.01 -9.80 1.52
C ALA A 97 -25.30 -9.99 2.32
N ARG A 98 -26.43 -9.67 1.69
CA ARG A 98 -27.73 -9.82 2.35
C ARG A 98 -28.79 -10.24 1.35
N PHE A 99 -29.96 -10.62 1.86
CA PHE A 99 -31.06 -11.06 1.00
C PHE A 99 -32.40 -10.87 1.72
N ILE A 100 -33.49 -11.03 0.97
CA ILE A 100 -34.82 -10.87 1.53
C ILE A 100 -35.41 -12.23 1.92
N GLU A 101 -35.94 -12.30 3.14
CA GLU A 101 -36.54 -13.55 3.63
C GLU A 101 -38.04 -13.58 3.35
N SER A 102 -38.48 -14.57 2.60
CA SER A 102 -39.88 -14.71 2.25
C SER A 102 -40.71 -15.07 3.48
N GLY A 103 -41.96 -14.60 3.51
CA GLY A 103 -42.83 -14.88 4.63
C GLY A 103 -43.91 -13.82 4.81
N PRO A 104 -45.09 -14.25 5.27
CA PRO A 104 -46.22 -13.35 5.49
C PRO A 104 -46.00 -12.41 6.67
N SER A 105 -45.62 -12.98 7.81
CA SER A 105 -45.36 -12.20 9.01
C SER A 105 -46.49 -11.19 9.24
N SER A 106 -47.72 -11.63 9.03
CA SER A 106 -48.88 -10.75 9.21
C SER A 106 -49.41 -10.84 10.64
N GLY A 107 -49.34 -9.74 11.36
CA GLY A 107 -49.81 -9.70 12.73
C GLY A 107 -49.01 -8.76 13.60
N GLY A 1 37.49 3.38 -0.91
CA GLY A 1 37.61 4.80 -0.62
C GLY A 1 36.27 5.45 -0.36
N SER A 2 36.04 5.90 0.87
CA SER A 2 34.78 6.54 1.23
C SER A 2 35.02 7.99 1.66
N SER A 3 34.88 8.91 0.72
CA SER A 3 35.08 10.33 1.01
C SER A 3 33.85 11.13 0.64
N GLY A 4 33.50 12.10 1.49
CA GLY A 4 32.33 12.93 1.24
C GLY A 4 31.18 12.61 2.17
N SER A 5 30.00 12.40 1.59
CA SER A 5 28.80 12.09 2.37
C SER A 5 28.13 10.83 1.85
N SER A 6 28.47 9.69 2.44
CA SER A 6 27.89 8.41 2.03
C SER A 6 26.72 8.04 2.92
N GLY A 7 25.54 7.91 2.32
CA GLY A 7 24.35 7.55 3.08
C GLY A 7 23.27 6.96 2.21
N PRO A 8 23.37 5.65 1.95
CA PRO A 8 22.39 4.94 1.12
C PRO A 8 21.04 4.80 1.81
N SER A 9 19.97 5.04 1.05
CA SER A 9 18.62 4.95 1.59
C SER A 9 18.28 3.50 1.96
N LYS A 10 17.60 3.33 3.09
CA LYS A 10 17.21 2.00 3.56
C LYS A 10 15.83 2.04 4.20
N PHE A 11 15.08 0.95 4.06
CA PHE A 11 13.75 0.85 4.62
C PHE A 11 13.80 0.60 6.13
N ILE A 12 13.22 1.50 6.90
CA ILE A 12 13.21 1.37 8.35
C ILE A 12 11.96 0.63 8.82
N GLU A 13 10.79 1.09 8.37
CA GLU A 13 9.53 0.48 8.74
C GLU A 13 8.95 -0.33 7.59
N GLY A 14 9.72 -1.30 7.10
CA GLY A 14 9.27 -2.13 6.00
C GLY A 14 7.78 -2.38 6.04
N LEU A 15 7.11 -2.17 4.90
CA LEU A 15 5.67 -2.38 4.81
C LEU A 15 5.23 -3.53 5.69
N ARG A 16 4.06 -3.39 6.32
CA ARG A 16 3.53 -4.43 7.19
C ARG A 16 2.20 -4.95 6.67
N ASN A 17 1.91 -6.22 6.94
CA ASN A 17 0.66 -6.84 6.50
C ASN A 17 -0.52 -5.90 6.74
N GLU A 18 -1.15 -5.45 5.66
CA GLU A 18 -2.30 -4.56 5.75
C GLU A 18 -3.59 -5.31 5.46
N GLU A 19 -4.44 -5.45 6.48
CA GLU A 19 -5.71 -6.14 6.33
C GLU A 19 -6.87 -5.16 6.32
N ALA A 20 -7.51 -5.00 5.18
CA ALA A 20 -8.64 -4.09 5.04
C ALA A 20 -9.88 -4.83 4.53
N THR A 21 -11.00 -4.11 4.44
CA THR A 21 -12.25 -4.69 3.98
C THR A 21 -12.60 -4.19 2.58
N GLU A 22 -12.97 -5.13 1.70
CA GLU A 22 -13.33 -4.77 0.33
C GLU A 22 -14.17 -3.49 0.30
N GLY A 23 -13.96 -2.70 -0.75
CA GLY A 23 -14.70 -1.45 -0.88
C GLY A 23 -14.05 -0.32 -0.11
N ASP A 24 -13.16 -0.65 0.81
CA ASP A 24 -12.48 0.35 1.62
C ASP A 24 -11.29 0.94 0.86
N THR A 25 -10.53 1.79 1.54
CA THR A 25 -9.36 2.43 0.93
C THR A 25 -8.10 2.15 1.73
N ALA A 26 -7.39 1.09 1.35
CA ALA A 26 -6.16 0.72 2.03
C ALA A 26 -5.13 1.84 1.97
N THR A 27 -4.26 1.90 2.98
CA THR A 27 -3.23 2.93 3.03
C THR A 27 -1.95 2.40 3.66
N LEU A 28 -0.95 2.15 2.82
CA LEU A 28 0.33 1.63 3.29
C LEU A 28 1.38 2.73 3.34
N TRP A 29 2.21 2.71 4.39
CA TRP A 29 3.25 3.70 4.54
C TRP A 29 4.53 3.08 5.10
N CYS A 30 5.68 3.66 4.77
CA CYS A 30 6.96 3.16 5.24
C CYS A 30 7.92 4.30 5.49
N GLU A 31 9.05 3.98 6.13
CA GLU A 31 10.06 4.98 6.44
C GLU A 31 11.34 4.74 5.64
N LEU A 32 12.10 5.81 5.39
CA LEU A 32 13.34 5.70 4.63
C LEU A 32 14.50 6.30 5.42
N SER A 33 15.67 5.68 5.29
CA SER A 33 16.86 6.15 5.99
C SER A 33 17.41 7.41 5.34
N LYS A 34 16.98 7.68 4.12
CA LYS A 34 17.43 8.85 3.38
C LYS A 34 16.34 9.36 2.45
N ALA A 35 16.10 10.67 2.48
CA ALA A 35 15.08 11.28 1.63
C ALA A 35 15.36 11.01 0.15
N ALA A 36 14.52 10.19 -0.47
CA ALA A 36 14.68 9.87 -1.87
C ALA A 36 13.36 9.40 -2.48
N PRO A 37 13.21 9.60 -3.80
CA PRO A 37 12.00 9.21 -4.52
C PRO A 37 11.84 7.71 -4.64
N VAL A 38 10.83 7.16 -3.96
CA VAL A 38 10.56 5.73 -3.98
C VAL A 38 9.54 5.38 -5.06
N GLU A 39 9.30 4.08 -5.22
CA GLU A 39 8.33 3.61 -6.21
C GLU A 39 7.57 2.39 -5.69
N TRP A 40 6.27 2.35 -5.98
CA TRP A 40 5.43 1.25 -5.53
C TRP A 40 5.10 0.32 -6.70
N ARG A 41 4.93 -0.96 -6.39
CA ARG A 41 4.62 -1.95 -7.40
C ARG A 41 3.56 -2.94 -6.90
N LYS A 42 2.57 -3.22 -7.74
CA LYS A 42 1.50 -4.15 -7.39
C LYS A 42 1.57 -5.42 -8.23
N GLY A 43 2.32 -6.40 -7.74
CA GLY A 43 2.45 -7.66 -8.46
C GLY A 43 3.36 -7.54 -9.67
N HIS A 44 2.84 -7.90 -10.83
CA HIS A 44 3.61 -7.84 -12.07
C HIS A 44 3.38 -6.51 -12.78
N GLU A 45 3.37 -5.42 -12.02
CA GLU A 45 3.17 -4.09 -12.56
C GLU A 45 3.56 -3.01 -11.56
N THR A 46 4.00 -1.87 -12.08
CA THR A 46 4.42 -0.76 -11.23
C THR A 46 3.32 0.28 -11.09
N LEU A 47 2.90 0.53 -9.87
CA LEU A 47 1.84 1.51 -9.60
C LEU A 47 2.25 2.90 -10.09
N ARG A 48 1.25 3.70 -10.47
CA ARG A 48 1.50 5.05 -10.97
C ARG A 48 0.36 5.98 -10.57
N ASP A 49 0.72 7.21 -10.20
CA ASP A 49 -0.27 8.20 -9.80
C ASP A 49 -1.42 8.26 -10.80
N GLY A 50 -2.63 7.98 -10.32
CA GLY A 50 -3.79 8.01 -11.19
C GLY A 50 -5.02 8.56 -10.49
N ASP A 51 -6.17 7.96 -10.77
CA ASP A 51 -7.43 8.40 -10.17
C ASP A 51 -7.69 7.64 -8.87
N ARG A 52 -7.67 6.32 -8.93
CA ARG A 52 -7.91 5.49 -7.76
C ARG A 52 -6.60 5.05 -7.12
N HIS A 53 -5.64 5.98 -7.06
CA HIS A 53 -4.34 5.69 -6.48
C HIS A 53 -3.59 6.98 -6.13
N SER A 54 -2.78 6.93 -5.08
CA SER A 54 -2.03 8.10 -4.65
C SER A 54 -0.63 7.69 -4.20
N LEU A 55 0.37 8.05 -5.02
CA LEU A 55 1.75 7.73 -4.71
C LEU A 55 2.56 8.99 -4.41
N ARG A 56 2.91 9.17 -3.14
CA ARG A 56 3.67 10.33 -2.71
C ARG A 56 4.48 10.03 -1.46
N GLN A 57 5.43 10.90 -1.14
CA GLN A 57 6.27 10.72 0.04
C GLN A 57 6.74 12.06 0.58
N ASP A 58 6.78 12.18 1.90
CA ASP A 58 7.22 13.42 2.54
C ASP A 58 8.63 13.27 3.11
N GLY A 59 9.60 13.86 2.44
CA GLY A 59 10.98 13.78 2.89
C GLY A 59 11.53 12.36 2.81
N SER A 60 11.37 11.61 3.89
CA SER A 60 11.87 10.23 3.95
C SER A 60 10.75 9.27 4.35
N ARG A 61 9.51 9.67 4.09
CA ARG A 61 8.36 8.85 4.43
C ARG A 61 7.46 8.64 3.22
N CYS A 62 7.30 7.38 2.82
CA CYS A 62 6.47 7.03 1.67
C CYS A 62 5.05 6.66 2.11
N GLU A 63 4.08 7.00 1.27
CA GLU A 63 2.68 6.69 1.57
C GLU A 63 1.89 6.42 0.29
N LEU A 64 1.26 5.25 0.24
CA LEU A 64 0.48 4.87 -0.93
C LEU A 64 -0.99 4.66 -0.56
N GLN A 65 -1.88 5.00 -1.48
CA GLN A 65 -3.32 4.87 -1.26
C GLN A 65 -3.98 4.13 -2.42
N ILE A 66 -4.84 3.17 -2.07
CA ILE A 66 -5.55 2.40 -3.08
C ILE A 66 -7.06 2.51 -2.91
N ARG A 67 -7.68 3.38 -3.70
CA ARG A 67 -9.12 3.58 -3.62
C ARG A 67 -9.87 2.43 -4.29
N GLY A 68 -10.86 1.88 -3.60
CA GLY A 68 -11.63 0.78 -4.14
C GLY A 68 -10.90 -0.55 -4.02
N LEU A 69 -10.73 -1.02 -2.79
CA LEU A 69 -10.04 -2.29 -2.55
C LEU A 69 -10.76 -3.44 -3.24
N ALA A 70 -10.04 -4.53 -3.47
CA ALA A 70 -10.63 -5.71 -4.12
C ALA A 70 -9.85 -6.97 -3.76
N VAL A 71 -10.52 -8.11 -3.85
CA VAL A 71 -9.89 -9.39 -3.52
C VAL A 71 -8.61 -9.58 -4.31
N VAL A 72 -8.57 -9.03 -5.51
CA VAL A 72 -7.39 -9.13 -6.36
C VAL A 72 -6.25 -8.25 -5.85
N ASP A 73 -6.61 -7.16 -5.19
CA ASP A 73 -5.62 -6.24 -4.64
C ASP A 73 -4.83 -6.90 -3.52
N ALA A 74 -5.50 -7.72 -2.73
CA ALA A 74 -4.85 -8.41 -1.62
C ALA A 74 -3.84 -9.43 -2.12
N GLY A 75 -2.57 -9.05 -2.13
CA GLY A 75 -1.52 -9.93 -2.60
C GLY A 75 -0.18 -9.63 -1.97
N GLU A 76 0.64 -8.87 -2.69
CA GLU A 76 1.97 -8.51 -2.20
C GLU A 76 2.42 -7.18 -2.79
N TYR A 77 2.44 -6.14 -1.96
CA TYR A 77 2.84 -4.82 -2.40
C TYR A 77 4.29 -4.53 -2.00
N SER A 78 5.12 -4.22 -2.99
CA SER A 78 6.53 -3.93 -2.75
C SER A 78 6.84 -2.47 -3.05
N CYS A 79 7.92 -1.97 -2.47
CA CYS A 79 8.33 -0.58 -2.67
C CYS A 79 9.82 -0.49 -2.98
N VAL A 80 10.15 -0.02 -4.17
CA VAL A 80 11.54 0.11 -4.59
C VAL A 80 12.00 1.57 -4.54
N CYS A 81 13.15 1.81 -3.93
CA CYS A 81 13.69 3.15 -3.81
C CYS A 81 14.99 3.29 -4.60
N GLY A 82 15.81 2.23 -4.56
CA GLY A 82 17.07 2.25 -5.27
C GLY A 82 17.79 0.92 -5.23
N GLN A 83 18.51 0.67 -4.14
CA GLN A 83 19.24 -0.58 -3.98
C GLN A 83 18.44 -1.57 -3.13
N GLU A 84 17.64 -1.05 -2.21
CA GLU A 84 16.82 -1.89 -1.33
C GLU A 84 15.41 -2.01 -1.87
N ARG A 85 14.61 -2.87 -1.24
CA ARG A 85 13.23 -3.07 -1.65
C ARG A 85 12.47 -3.88 -0.59
N THR A 86 11.37 -3.30 -0.10
CA THR A 86 10.55 -3.97 0.90
C THR A 86 9.30 -4.58 0.28
N SER A 87 8.57 -5.37 1.07
CA SER A 87 7.36 -6.02 0.60
C SER A 87 6.44 -6.36 1.77
N ALA A 88 5.19 -6.71 1.45
CA ALA A 88 4.21 -7.06 2.47
C ALA A 88 2.93 -7.61 1.84
N THR A 89 2.24 -8.46 2.58
CA THR A 89 1.00 -9.06 2.09
C THR A 89 -0.21 -8.23 2.50
N LEU A 90 -1.13 -8.01 1.56
CA LEU A 90 -2.34 -7.24 1.83
C LEU A 90 -3.57 -8.14 1.81
N THR A 91 -4.41 -7.99 2.84
CA THR A 91 -5.62 -8.79 2.94
C THR A 91 -6.86 -7.94 2.70
N VAL A 92 -7.83 -8.51 1.99
CA VAL A 92 -9.07 -7.80 1.69
C VAL A 92 -10.29 -8.70 1.86
N ARG A 93 -11.05 -8.44 2.91
CA ARG A 93 -12.25 -9.24 3.21
C ARG A 93 -13.36 -8.91 2.22
N ALA A 94 -13.64 -9.85 1.31
CA ALA A 94 -14.69 -9.67 0.31
C ALA A 94 -16.02 -9.36 0.97
N LEU A 95 -16.54 -8.16 0.73
CA LEU A 95 -17.82 -7.73 1.30
C LEU A 95 -18.90 -8.77 1.04
N PRO A 96 -19.81 -8.94 2.01
CA PRO A 96 -20.91 -9.90 1.90
C PRO A 96 -21.95 -9.48 0.86
N ALA A 97 -22.33 -10.41 0.00
CA ALA A 97 -23.33 -10.14 -1.04
C ALA A 97 -24.50 -9.33 -0.47
N ARG A 98 -25.03 -8.43 -1.30
CA ARG A 98 -26.15 -7.60 -0.88
C ARG A 98 -27.31 -7.72 -1.86
N PHE A 99 -28.36 -8.43 -1.44
CA PHE A 99 -29.54 -8.63 -2.29
C PHE A 99 -30.70 -7.77 -1.80
N ILE A 100 -31.43 -7.18 -2.75
CA ILE A 100 -32.57 -6.34 -2.42
C ILE A 100 -33.76 -6.66 -3.32
N GLU A 101 -34.96 -6.41 -2.81
CA GLU A 101 -36.18 -6.66 -3.56
C GLU A 101 -37.27 -5.67 -3.19
N SER A 102 -38.00 -5.20 -4.18
CA SER A 102 -39.08 -4.24 -3.96
C SER A 102 -39.94 -4.65 -2.76
N GLY A 103 -40.30 -5.93 -2.72
CA GLY A 103 -41.12 -6.43 -1.63
C GLY A 103 -41.35 -7.92 -1.73
N PRO A 104 -40.48 -8.71 -1.07
CA PRO A 104 -40.58 -10.17 -1.08
C PRO A 104 -41.78 -10.67 -0.28
N SER A 105 -42.45 -9.75 0.42
CA SER A 105 -43.61 -10.11 1.22
C SER A 105 -44.88 -10.12 0.37
N SER A 106 -45.80 -11.02 0.72
CA SER A 106 -47.06 -11.15 -0.01
C SER A 106 -48.13 -10.24 0.57
N GLY A 107 -48.90 -9.61 -0.31
CA GLY A 107 -49.95 -8.72 0.14
C GLY A 107 -51.20 -9.46 0.58
N GLY A 1 37.63 20.35 2.24
CA GLY A 1 36.39 19.98 2.90
C GLY A 1 35.89 18.61 2.47
N SER A 2 35.48 17.80 3.43
CA SER A 2 34.98 16.45 3.15
C SER A 2 33.46 16.45 3.07
N SER A 3 32.93 15.88 1.99
CA SER A 3 31.49 15.82 1.79
C SER A 3 30.82 15.14 2.98
N GLY A 4 29.54 15.45 3.19
CA GLY A 4 28.80 14.86 4.28
C GLY A 4 28.52 13.39 4.08
N SER A 5 27.60 12.85 4.87
CA SER A 5 27.23 11.43 4.77
C SER A 5 26.36 11.19 3.55
N SER A 6 26.94 10.63 2.51
CA SER A 6 26.22 10.34 1.27
C SER A 6 25.65 8.92 1.30
N GLY A 7 25.07 8.54 2.43
CA GLY A 7 24.49 7.21 2.58
C GLY A 7 23.28 7.03 1.69
N PRO A 8 23.10 5.79 1.19
CA PRO A 8 21.96 5.45 0.33
C PRO A 8 20.64 5.45 1.08
N SER A 9 19.55 5.20 0.35
CA SER A 9 18.22 5.17 0.95
C SER A 9 17.80 3.74 1.27
N LYS A 10 17.43 3.51 2.52
CA LYS A 10 17.00 2.19 2.96
C LYS A 10 15.83 2.29 3.93
N PHE A 11 14.76 1.57 3.63
CA PHE A 11 13.56 1.57 4.47
C PHE A 11 13.93 1.24 5.92
N ILE A 12 13.39 2.02 6.85
CA ILE A 12 13.66 1.81 8.27
C ILE A 12 12.57 0.95 8.91
N GLU A 13 11.33 1.42 8.82
CA GLU A 13 10.20 0.70 9.40
C GLU A 13 9.79 -0.47 8.50
N GLY A 14 9.75 -0.22 7.20
CA GLY A 14 9.37 -1.25 6.25
C GLY A 14 7.87 -1.48 6.21
N LEU A 15 7.42 -2.22 5.20
CA LEU A 15 6.00 -2.51 5.05
C LEU A 15 5.60 -3.73 5.89
N ARG A 16 4.33 -3.78 6.27
CA ARG A 16 3.82 -4.89 7.07
C ARG A 16 2.50 -5.41 6.50
N ASN A 17 2.12 -6.62 6.91
CA ASN A 17 0.88 -7.22 6.44
C ASN A 17 -0.32 -6.35 6.77
N GLU A 18 -0.80 -5.62 5.77
CA GLU A 18 -1.95 -4.73 5.95
C GLU A 18 -3.26 -5.47 5.65
N GLU A 19 -4.20 -5.38 6.57
CA GLU A 19 -5.49 -6.04 6.41
C GLU A 19 -6.62 -5.00 6.32
N ALA A 20 -7.32 -5.01 5.19
CA ALA A 20 -8.42 -4.08 4.98
C ALA A 20 -9.65 -4.79 4.41
N THR A 21 -10.76 -4.08 4.33
CA THR A 21 -11.99 -4.65 3.80
C THR A 21 -12.25 -4.19 2.37
N GLU A 22 -12.86 -5.05 1.58
CA GLU A 22 -13.16 -4.74 0.18
C GLU A 22 -13.94 -3.43 0.08
N GLY A 23 -13.60 -2.63 -0.93
CA GLY A 23 -14.28 -1.37 -1.12
C GLY A 23 -13.56 -0.21 -0.44
N ASP A 24 -13.13 -0.43 0.79
CA ASP A 24 -12.41 0.60 1.54
C ASP A 24 -11.19 1.07 0.79
N THR A 25 -10.43 1.98 1.40
CA THR A 25 -9.22 2.52 0.80
C THR A 25 -8.00 2.23 1.66
N ALA A 26 -7.20 1.26 1.23
CA ALA A 26 -5.99 0.89 1.96
C ALA A 26 -4.98 2.02 1.94
N THR A 27 -4.15 2.08 2.99
CA THR A 27 -3.13 3.12 3.10
C THR A 27 -1.88 2.59 3.79
N LEU A 28 -0.84 2.37 2.99
CA LEU A 28 0.42 1.86 3.52
C LEU A 28 1.45 2.99 3.66
N TRP A 29 2.43 2.78 4.54
CA TRP A 29 3.47 3.77 4.78
C TRP A 29 4.74 3.12 5.29
N CYS A 30 5.89 3.65 4.89
CA CYS A 30 7.18 3.12 5.31
C CYS A 30 8.19 4.24 5.48
N GLU A 31 9.03 4.11 6.51
CA GLU A 31 10.06 5.12 6.79
C GLU A 31 11.31 4.87 5.95
N LEU A 32 12.02 5.94 5.65
CA LEU A 32 13.25 5.84 4.85
C LEU A 32 14.42 6.49 5.57
N SER A 33 15.63 6.06 5.22
CA SER A 33 16.85 6.60 5.83
C SER A 33 17.20 7.96 5.22
N LYS A 34 16.87 8.14 3.95
CA LYS A 34 17.15 9.39 3.26
C LYS A 34 16.00 9.75 2.32
N ALA A 35 15.35 10.88 2.60
CA ALA A 35 14.24 11.34 1.77
C ALA A 35 14.55 11.18 0.28
N ALA A 36 13.97 10.15 -0.33
CA ALA A 36 14.19 9.90 -1.74
C ALA A 36 12.92 9.39 -2.42
N PRO A 37 12.82 9.59 -3.74
CA PRO A 37 11.66 9.15 -4.52
C PRO A 37 11.58 7.65 -4.65
N VAL A 38 10.75 7.03 -3.80
CA VAL A 38 10.57 5.59 -3.81
C VAL A 38 9.68 5.14 -4.96
N GLU A 39 9.55 3.84 -5.15
CA GLU A 39 8.72 3.29 -6.22
C GLU A 39 7.90 2.11 -5.71
N TRP A 40 6.58 2.21 -5.87
CA TRP A 40 5.69 1.15 -5.43
C TRP A 40 5.41 0.16 -6.57
N ARG A 41 5.27 -1.11 -6.22
CA ARG A 41 5.01 -2.15 -7.21
C ARG A 41 3.92 -3.11 -6.72
N LYS A 42 2.94 -3.36 -7.58
CA LYS A 42 1.84 -4.26 -7.23
C LYS A 42 2.00 -5.59 -7.94
N GLY A 43 2.67 -6.53 -7.28
CA GLY A 43 2.87 -7.86 -7.85
C GLY A 43 3.80 -7.82 -9.05
N HIS A 44 3.23 -7.83 -10.25
CA HIS A 44 4.02 -7.80 -11.47
C HIS A 44 3.77 -6.51 -12.25
N GLU A 45 3.68 -5.40 -11.52
CA GLU A 45 3.44 -4.10 -12.14
C GLU A 45 3.92 -2.97 -11.23
N THR A 46 4.17 -1.80 -11.83
CA THR A 46 4.63 -0.65 -11.07
C THR A 46 3.50 0.37 -10.87
N LEU A 47 3.08 0.53 -9.63
CA LEU A 47 2.01 1.47 -9.30
C LEU A 47 2.32 2.86 -9.87
N ARG A 48 1.28 3.59 -10.22
CA ARG A 48 1.44 4.93 -10.76
C ARG A 48 0.30 5.85 -10.29
N ASP A 49 0.60 7.14 -10.18
CA ASP A 49 -0.38 8.12 -9.74
C ASP A 49 -1.49 8.29 -10.78
N GLY A 50 -2.71 7.91 -10.41
CA GLY A 50 -3.82 8.03 -11.33
C GLY A 50 -5.08 8.55 -10.65
N ASP A 51 -6.17 7.81 -10.78
CA ASP A 51 -7.44 8.21 -10.17
C ASP A 51 -7.73 7.37 -8.93
N ARG A 52 -7.46 6.07 -9.02
CA ARG A 52 -7.71 5.16 -7.91
C ARG A 52 -6.40 4.78 -7.23
N HIS A 53 -5.46 5.72 -7.18
CA HIS A 53 -4.17 5.50 -6.55
C HIS A 53 -3.50 6.82 -6.19
N SER A 54 -2.83 6.85 -5.04
CA SER A 54 -2.15 8.05 -4.58
C SER A 54 -0.75 7.72 -4.07
N LEU A 55 0.25 7.96 -4.92
CA LEU A 55 1.64 7.68 -4.57
C LEU A 55 2.38 8.98 -4.24
N ARG A 56 2.65 9.19 -2.96
CA ARG A 56 3.36 10.39 -2.52
C ARG A 56 4.28 10.08 -1.35
N GLN A 57 5.04 11.08 -0.91
CA GLN A 57 5.97 10.90 0.19
C GLN A 57 6.37 12.26 0.79
N ASP A 58 7.11 12.22 1.88
CA ASP A 58 7.55 13.44 2.56
C ASP A 58 8.51 13.12 3.70
N GLY A 59 9.53 13.94 3.87
CA GLY A 59 10.49 13.73 4.93
C GLY A 59 10.73 12.26 5.21
N SER A 60 11.35 11.57 4.25
CA SER A 60 11.63 10.15 4.40
C SER A 60 10.39 9.39 4.85
N ARG A 61 9.23 9.83 4.39
CA ARG A 61 7.96 9.20 4.75
C ARG A 61 7.08 9.03 3.52
N CYS A 62 6.98 7.79 3.04
CA CYS A 62 6.16 7.50 1.87
C CYS A 62 4.83 6.89 2.28
N GLU A 63 3.76 7.29 1.60
CA GLU A 63 2.42 6.79 1.91
C GLU A 63 1.67 6.47 0.62
N LEU A 64 1.25 5.23 0.47
CA LEU A 64 0.51 4.79 -0.70
C LEU A 64 -0.97 4.61 -0.39
N GLN A 65 -1.82 4.97 -1.34
CA GLN A 65 -3.26 4.85 -1.16
C GLN A 65 -3.91 4.14 -2.35
N ILE A 66 -4.84 3.24 -2.06
CA ILE A 66 -5.52 2.49 -3.12
C ILE A 66 -7.03 2.61 -2.97
N ARG A 67 -7.64 3.43 -3.82
CA ARG A 67 -9.08 3.63 -3.79
C ARG A 67 -9.81 2.52 -4.55
N GLY A 68 -10.84 1.97 -3.93
CA GLY A 68 -11.61 0.90 -4.56
C GLY A 68 -10.97 -0.46 -4.35
N LEU A 69 -10.81 -0.85 -3.10
CA LEU A 69 -10.20 -2.14 -2.77
C LEU A 69 -10.97 -3.27 -3.42
N ALA A 70 -10.24 -4.28 -3.89
CA ALA A 70 -10.86 -5.43 -4.54
C ALA A 70 -10.07 -6.71 -4.25
N VAL A 71 -10.78 -7.83 -4.14
CA VAL A 71 -10.15 -9.11 -3.86
C VAL A 71 -8.87 -9.28 -4.68
N VAL A 72 -8.93 -8.88 -5.95
CA VAL A 72 -7.77 -8.99 -6.83
C VAL A 72 -6.59 -8.18 -6.30
N ASP A 73 -6.88 -6.98 -5.84
CA ASP A 73 -5.84 -6.09 -5.30
C ASP A 73 -5.05 -6.81 -4.20
N ALA A 74 -5.72 -7.68 -3.46
CA ALA A 74 -5.09 -8.42 -2.38
C ALA A 74 -4.03 -9.38 -2.92
N GLY A 75 -2.81 -9.26 -2.43
CA GLY A 75 -1.74 -10.13 -2.88
C GLY A 75 -0.43 -9.87 -2.14
N GLU A 76 0.35 -8.92 -2.65
CA GLU A 76 1.63 -8.59 -2.03
C GLU A 76 2.27 -7.40 -2.74
N TYR A 77 2.32 -6.27 -2.05
CA TYR A 77 2.90 -5.05 -2.61
C TYR A 77 4.40 -4.98 -2.33
N SER A 78 5.14 -4.28 -3.17
CA SER A 78 6.57 -4.13 -3.00
C SER A 78 7.00 -2.67 -3.18
N CYS A 79 7.90 -2.22 -2.31
CA CYS A 79 8.38 -0.85 -2.36
C CYS A 79 9.91 -0.81 -2.28
N VAL A 80 10.54 -0.41 -3.37
CA VAL A 80 12.00 -0.33 -3.42
C VAL A 80 12.46 1.04 -3.94
N CYS A 81 13.46 1.60 -3.28
CA CYS A 81 13.99 2.91 -3.66
C CYS A 81 15.47 2.81 -4.03
N GLY A 82 15.80 1.82 -4.85
CA GLY A 82 17.17 1.63 -5.26
C GLY A 82 17.60 0.17 -5.21
N GLN A 83 18.17 -0.23 -4.09
CA GLN A 83 18.63 -1.61 -3.91
C GLN A 83 17.68 -2.39 -2.99
N GLU A 84 17.44 -1.84 -1.81
CA GLU A 84 16.57 -2.48 -0.84
C GLU A 84 15.14 -2.54 -1.36
N ARG A 85 14.58 -3.76 -1.37
CA ARG A 85 13.22 -3.95 -1.85
C ARG A 85 12.42 -4.81 -0.87
N THR A 86 11.48 -4.19 -0.18
CA THR A 86 10.65 -4.89 0.80
C THR A 86 9.33 -5.32 0.17
N SER A 87 8.59 -6.18 0.89
CA SER A 87 7.32 -6.68 0.40
C SER A 87 6.34 -6.88 1.55
N ALA A 88 5.05 -6.74 1.25
CA ALA A 88 4.01 -6.91 2.26
C ALA A 88 2.73 -7.48 1.66
N THR A 89 2.17 -8.49 2.32
CA THR A 89 0.96 -9.13 1.84
C THR A 89 -0.28 -8.31 2.22
N LEU A 90 -1.23 -8.23 1.29
CA LEU A 90 -2.45 -7.47 1.53
C LEU A 90 -3.64 -8.41 1.72
N THR A 91 -4.50 -8.09 2.68
CA THR A 91 -5.67 -8.90 2.96
C THR A 91 -6.96 -8.13 2.70
N VAL A 92 -7.64 -8.46 1.61
CA VAL A 92 -8.89 -7.80 1.26
C VAL A 92 -10.09 -8.67 1.60
N ARG A 93 -10.74 -8.36 2.72
CA ARG A 93 -11.90 -9.12 3.15
C ARG A 93 -13.13 -8.75 2.33
N ALA A 94 -13.53 -9.65 1.45
CA ALA A 94 -14.69 -9.43 0.60
C ALA A 94 -15.92 -9.02 1.42
N LEU A 95 -16.51 -7.89 1.08
CA LEU A 95 -17.68 -7.39 1.79
C LEU A 95 -18.76 -8.46 1.89
N PRO A 96 -19.60 -8.38 2.93
CA PRO A 96 -20.68 -9.33 3.15
C PRO A 96 -21.80 -9.19 2.12
N ALA A 97 -22.62 -10.23 2.01
CA ALA A 97 -23.73 -10.23 1.07
C ALA A 97 -25.07 -10.16 1.79
N ARG A 98 -26.12 -9.80 1.07
CA ARG A 98 -27.46 -9.69 1.64
C ARG A 98 -27.91 -11.04 2.20
N PHE A 99 -27.75 -11.21 3.50
CA PHE A 99 -28.14 -12.45 4.17
C PHE A 99 -28.40 -12.21 5.65
N ILE A 100 -29.45 -12.85 6.16
CA ILE A 100 -29.82 -12.71 7.56
C ILE A 100 -29.33 -13.90 8.38
N GLU A 101 -28.30 -13.67 9.19
CA GLU A 101 -27.75 -14.73 10.03
C GLU A 101 -28.69 -15.07 11.18
N SER A 102 -29.54 -14.11 11.54
CA SER A 102 -30.49 -14.31 12.64
C SER A 102 -31.78 -13.55 12.37
N GLY A 103 -32.88 -14.29 12.22
CA GLY A 103 -34.16 -13.67 11.96
C GLY A 103 -34.45 -12.51 12.90
N PRO A 104 -35.39 -11.64 12.50
CA PRO A 104 -35.77 -10.47 13.30
C PRO A 104 -36.51 -10.85 14.58
N SER A 105 -37.13 -12.03 14.57
CA SER A 105 -37.87 -12.51 15.72
C SER A 105 -37.05 -12.37 17.00
N SER A 106 -35.81 -12.85 16.95
CA SER A 106 -34.92 -12.79 18.10
C SER A 106 -34.25 -11.42 18.19
N GLY A 107 -34.51 -10.71 19.29
CA GLY A 107 -33.92 -9.39 19.47
C GLY A 107 -34.76 -8.51 20.39
N GLY A 1 38.55 17.40 1.55
CA GLY A 1 38.23 16.43 2.58
C GLY A 1 36.84 15.85 2.41
N SER A 2 36.63 14.66 2.95
CA SER A 2 35.32 14.00 2.86
C SER A 2 34.31 14.67 3.79
N SER A 3 33.22 15.17 3.20
CA SER A 3 32.18 15.83 3.98
C SER A 3 31.19 14.81 4.53
N GLY A 4 31.71 13.82 5.25
CA GLY A 4 30.84 12.80 5.83
C GLY A 4 30.68 11.61 4.91
N SER A 5 29.69 10.77 5.22
CA SER A 5 29.43 9.58 4.42
C SER A 5 27.93 9.43 4.14
N SER A 6 27.60 9.05 2.91
CA SER A 6 26.22 8.88 2.50
C SER A 6 26.06 7.69 1.57
N GLY A 7 24.81 7.35 1.25
CA GLY A 7 24.55 6.22 0.36
C GLY A 7 23.10 6.12 -0.02
N PRO A 8 22.67 4.92 -0.45
CA PRO A 8 21.29 4.66 -0.84
C PRO A 8 20.33 4.69 0.33
N SER A 9 19.06 4.98 0.05
CA SER A 9 18.04 5.04 1.09
C SER A 9 17.56 3.65 1.45
N LYS A 10 17.80 3.26 2.71
CA LYS A 10 17.38 1.95 3.19
C LYS A 10 16.17 2.07 4.11
N PHE A 11 15.06 1.47 3.69
CA PHE A 11 13.83 1.49 4.48
C PHE A 11 14.13 1.30 5.96
N ILE A 12 13.32 1.92 6.82
CA ILE A 12 13.49 1.80 8.26
C ILE A 12 12.45 0.87 8.86
N GLU A 13 11.19 1.29 8.84
CA GLU A 13 10.11 0.50 9.38
C GLU A 13 9.72 -0.63 8.42
N GLY A 14 9.72 -0.32 7.13
CA GLY A 14 9.37 -1.32 6.14
C GLY A 14 7.87 -1.56 6.07
N LEU A 15 7.45 -2.39 5.11
CA LEU A 15 6.05 -2.71 4.93
C LEU A 15 5.64 -3.89 5.81
N ARG A 16 4.43 -3.82 6.37
CA ARG A 16 3.92 -4.88 7.22
C ARG A 16 2.57 -5.39 6.72
N ASN A 17 2.28 -6.65 7.01
CA ASN A 17 1.02 -7.26 6.59
C ASN A 17 -0.16 -6.35 6.94
N GLU A 18 -0.68 -5.64 5.94
CA GLU A 18 -1.81 -4.74 6.15
C GLU A 18 -3.13 -5.45 5.86
N GLU A 19 -4.07 -5.32 6.78
CA GLU A 19 -5.39 -5.95 6.62
C GLU A 19 -6.48 -4.89 6.48
N ALA A 20 -7.33 -5.05 5.47
CA ALA A 20 -8.42 -4.12 5.22
C ALA A 20 -9.64 -4.85 4.66
N THR A 21 -10.76 -4.14 4.62
CA THR A 21 -12.00 -4.72 4.11
C THR A 21 -12.30 -4.22 2.70
N GLU A 22 -12.64 -5.16 1.81
CA GLU A 22 -12.94 -4.81 0.42
C GLU A 22 -13.74 -3.53 0.34
N GLY A 23 -13.57 -2.79 -0.76
CA GLY A 23 -14.27 -1.54 -0.93
C GLY A 23 -13.57 -0.37 -0.27
N ASP A 24 -12.98 -0.63 0.89
CA ASP A 24 -12.27 0.42 1.63
C ASP A 24 -11.05 0.90 0.86
N THR A 25 -10.40 1.93 1.37
CA THR A 25 -9.22 2.50 0.72
C THR A 25 -7.95 2.13 1.48
N ALA A 26 -7.18 1.20 0.93
CA ALA A 26 -5.94 0.76 1.55
C ALA A 26 -4.89 1.87 1.51
N THR A 27 -4.25 2.12 2.65
CA THR A 27 -3.23 3.15 2.75
C THR A 27 -2.02 2.64 3.50
N LEU A 28 -0.98 2.24 2.76
CA LEU A 28 0.24 1.74 3.36
C LEU A 28 1.29 2.84 3.47
N TRP A 29 2.22 2.66 4.39
CA TRP A 29 3.28 3.64 4.60
C TRP A 29 4.58 2.96 5.05
N CYS A 30 5.71 3.56 4.70
CA CYS A 30 7.01 3.02 5.06
C CYS A 30 8.01 4.14 5.35
N GLU A 31 8.71 4.03 6.47
CA GLU A 31 9.69 5.03 6.85
C GLU A 31 11.00 4.85 6.06
N LEU A 32 11.63 5.97 5.72
CA LEU A 32 12.89 5.93 4.97
C LEU A 32 13.98 6.67 5.70
N SER A 33 15.22 6.25 5.49
CA SER A 33 16.37 6.87 6.14
C SER A 33 16.67 8.24 5.52
N LYS A 34 16.40 8.36 4.23
CA LYS A 34 16.63 9.62 3.52
C LYS A 34 15.47 9.94 2.58
N ALA A 35 15.01 11.17 2.62
CA ALA A 35 13.90 11.60 1.76
C ALA A 35 14.24 11.40 0.29
N ALA A 36 13.81 10.26 -0.26
CA ALA A 36 14.06 9.95 -1.66
C ALA A 36 12.81 9.40 -2.34
N PRO A 37 12.77 9.48 -3.68
CA PRO A 37 11.64 8.99 -4.47
C PRO A 37 11.53 7.47 -4.45
N VAL A 38 10.57 6.95 -3.70
CA VAL A 38 10.36 5.51 -3.61
C VAL A 38 9.42 5.02 -4.70
N GLU A 39 9.53 3.73 -5.02
CA GLU A 39 8.68 3.14 -6.06
C GLU A 39 7.77 2.07 -5.47
N TRP A 40 6.50 2.09 -5.87
CA TRP A 40 5.52 1.13 -5.37
C TRP A 40 5.19 0.10 -6.44
N ARG A 41 5.04 -1.16 -6.03
CA ARG A 41 4.72 -2.23 -6.95
C ARG A 41 3.67 -3.17 -6.35
N LYS A 42 2.79 -3.69 -7.20
CA LYS A 42 1.74 -4.60 -6.75
C LYS A 42 2.13 -6.05 -7.02
N GLY A 43 3.11 -6.24 -7.89
CA GLY A 43 3.57 -7.59 -8.22
C GLY A 43 4.40 -7.62 -9.49
N HIS A 44 3.74 -7.54 -10.63
CA HIS A 44 4.43 -7.57 -11.91
C HIS A 44 4.25 -6.25 -12.66
N GLU A 45 4.33 -5.15 -11.93
CA GLU A 45 4.18 -3.82 -12.51
C GLU A 45 4.48 -2.73 -11.49
N THR A 46 4.55 -1.49 -11.96
CA THR A 46 4.83 -0.36 -11.09
C THR A 46 3.68 0.64 -11.09
N LEU A 47 3.10 0.89 -9.91
CA LEU A 47 1.99 1.82 -9.78
C LEU A 47 2.43 3.23 -10.13
N ARG A 48 1.46 4.06 -10.53
CA ARG A 48 1.75 5.44 -10.90
C ARG A 48 0.64 6.37 -10.40
N ASP A 49 1.03 7.57 -9.97
CA ASP A 49 0.07 8.55 -9.47
C ASP A 49 -0.92 8.94 -10.55
N GLY A 50 -2.09 8.28 -10.54
CA GLY A 50 -3.11 8.57 -11.52
C GLY A 50 -4.35 9.20 -10.91
N ASP A 51 -5.45 8.46 -10.93
CA ASP A 51 -6.71 8.95 -10.37
C ASP A 51 -7.08 8.18 -9.10
N ARG A 52 -7.20 6.87 -9.22
CA ARG A 52 -7.55 6.02 -8.09
C ARG A 52 -6.36 5.85 -7.15
N HIS A 53 -5.20 5.52 -7.73
CA HIS A 53 -3.99 5.33 -6.95
C HIS A 53 -3.34 6.66 -6.60
N SER A 54 -2.68 6.72 -5.45
CA SER A 54 -2.02 7.94 -4.99
C SER A 54 -0.65 7.63 -4.41
N LEU A 55 0.40 7.96 -5.17
CA LEU A 55 1.77 7.72 -4.73
C LEU A 55 2.44 9.03 -4.33
N ARG A 56 2.61 9.23 -3.02
CA ARG A 56 3.25 10.44 -2.52
C ARG A 56 4.18 10.10 -1.35
N GLN A 57 4.90 11.12 -0.87
CA GLN A 57 5.84 10.94 0.23
C GLN A 57 6.30 12.28 0.78
N ASP A 58 6.61 12.30 2.08
CA ASP A 58 7.05 13.52 2.73
C ASP A 58 8.10 13.22 3.81
N GLY A 59 9.08 14.10 3.94
CA GLY A 59 10.13 13.91 4.93
C GLY A 59 10.46 12.44 5.13
N SER A 60 11.02 11.81 4.10
CA SER A 60 11.38 10.40 4.17
C SER A 60 10.21 9.56 4.64
N ARG A 61 9.01 9.96 4.26
CA ARG A 61 7.80 9.25 4.66
C ARG A 61 6.95 8.90 3.44
N CYS A 62 7.04 7.63 3.01
CA CYS A 62 6.29 7.17 1.85
C CYS A 62 4.94 6.62 2.27
N GLU A 63 3.90 6.92 1.49
CA GLU A 63 2.55 6.46 1.78
C GLU A 63 1.77 6.21 0.49
N LEU A 64 1.38 4.96 0.28
CA LEU A 64 0.63 4.58 -0.91
C LEU A 64 -0.86 4.47 -0.60
N GLN A 65 -1.69 4.62 -1.63
CA GLN A 65 -3.14 4.53 -1.47
C GLN A 65 -3.78 3.85 -2.67
N ILE A 66 -4.77 3.01 -2.40
CA ILE A 66 -5.48 2.30 -3.46
C ILE A 66 -6.99 2.44 -3.32
N ARG A 67 -7.52 3.55 -3.80
CA ARG A 67 -8.95 3.81 -3.73
C ARG A 67 -9.75 2.59 -4.16
N GLY A 68 -10.95 2.44 -3.62
CA GLY A 68 -11.80 1.31 -3.97
C GLY A 68 -11.03 0.00 -3.99
N LEU A 69 -10.74 -0.53 -2.79
CA LEU A 69 -10.01 -1.78 -2.68
C LEU A 69 -10.73 -2.91 -3.42
N ALA A 70 -10.17 -4.11 -3.34
CA ALA A 70 -10.76 -5.27 -3.99
C ALA A 70 -10.03 -6.55 -3.61
N VAL A 71 -10.69 -7.69 -3.80
CA VAL A 71 -10.11 -8.98 -3.47
C VAL A 71 -8.84 -9.23 -4.28
N VAL A 72 -8.84 -8.75 -5.52
CA VAL A 72 -7.68 -8.91 -6.40
C VAL A 72 -6.51 -8.07 -5.92
N ASP A 73 -6.80 -7.06 -5.12
CA ASP A 73 -5.75 -6.18 -4.59
C ASP A 73 -5.04 -6.83 -3.41
N ALA A 74 -5.67 -7.85 -2.82
CA ALA A 74 -5.09 -8.56 -1.69
C ALA A 74 -4.13 -9.64 -2.15
N GLY A 75 -2.84 -9.33 -2.12
CA GLY A 75 -1.84 -10.29 -2.54
C GLY A 75 -0.49 -10.02 -1.92
N GLU A 76 0.32 -9.18 -2.57
CA GLU A 76 1.64 -8.85 -2.07
C GLU A 76 2.20 -7.63 -2.79
N TYR A 77 2.43 -6.55 -2.05
CA TYR A 77 2.97 -5.32 -2.62
C TYR A 77 4.43 -5.14 -2.25
N SER A 78 5.21 -4.61 -3.18
CA SER A 78 6.64 -4.38 -2.95
C SER A 78 7.00 -2.93 -3.21
N CYS A 79 7.84 -2.37 -2.35
CA CYS A 79 8.27 -0.99 -2.48
C CYS A 79 9.79 -0.88 -2.41
N VAL A 80 10.39 -0.45 -3.51
CA VAL A 80 11.85 -0.31 -3.58
C VAL A 80 12.23 1.10 -3.99
N CYS A 81 13.20 1.67 -3.26
CA CYS A 81 13.66 3.02 -3.54
C CYS A 81 15.11 3.01 -3.99
N GLY A 82 15.44 2.13 -4.94
CA GLY A 82 16.79 2.04 -5.44
C GLY A 82 17.27 0.60 -5.53
N GLN A 83 17.90 0.11 -4.47
CA GLN A 83 18.41 -1.26 -4.44
C GLN A 83 17.58 -2.13 -3.52
N GLU A 84 17.32 -1.63 -2.31
CA GLU A 84 16.54 -2.36 -1.32
C GLU A 84 15.07 -2.42 -1.73
N ARG A 85 14.50 -3.62 -1.72
CA ARG A 85 13.10 -3.81 -2.09
C ARG A 85 12.36 -4.60 -1.02
N THR A 86 11.40 -3.95 -0.36
CA THR A 86 10.62 -4.59 0.69
C THR A 86 9.30 -5.12 0.14
N SER A 87 8.75 -6.13 0.81
CA SER A 87 7.48 -6.73 0.38
C SER A 87 6.54 -6.90 1.57
N ALA A 88 5.26 -7.11 1.28
CA ALA A 88 4.26 -7.29 2.32
C ALA A 88 2.95 -7.82 1.73
N THR A 89 2.29 -8.69 2.49
CA THR A 89 1.03 -9.28 2.04
C THR A 89 -0.15 -8.39 2.41
N LEU A 90 -1.14 -8.32 1.51
CA LEU A 90 -2.32 -7.50 1.74
C LEU A 90 -3.57 -8.38 1.87
N THR A 91 -4.43 -8.03 2.82
CA THR A 91 -5.65 -8.78 3.05
C THR A 91 -6.89 -7.92 2.76
N VAL A 92 -7.81 -8.46 1.97
CA VAL A 92 -9.03 -7.75 1.62
C VAL A 92 -10.26 -8.62 1.85
N ARG A 93 -10.91 -8.42 2.98
CA ARG A 93 -12.11 -9.18 3.32
C ARG A 93 -13.26 -8.84 2.39
N ALA A 94 -13.55 -9.74 1.45
CA ALA A 94 -14.63 -9.53 0.49
C ALA A 94 -15.93 -9.17 1.21
N LEU A 95 -16.47 -7.99 0.90
CA LEU A 95 -17.71 -7.53 1.51
C LEU A 95 -18.84 -8.52 1.24
N PRO A 96 -19.77 -8.63 2.21
CA PRO A 96 -20.93 -9.53 2.10
C PRO A 96 -21.92 -9.06 1.05
N ALA A 97 -22.65 -10.01 0.48
CA ALA A 97 -23.65 -9.71 -0.54
C ALA A 97 -24.49 -8.50 -0.14
N ARG A 98 -24.93 -7.73 -1.12
CA ARG A 98 -25.74 -6.55 -0.87
C ARG A 98 -27.05 -6.60 -1.64
N PHE A 99 -27.06 -7.39 -2.73
CA PHE A 99 -28.25 -7.52 -3.55
C PHE A 99 -28.60 -9.00 -3.75
N ILE A 100 -29.62 -9.46 -3.04
CA ILE A 100 -30.06 -10.85 -3.13
C ILE A 100 -31.52 -10.99 -2.73
N GLU A 101 -32.16 -12.04 -3.23
CA GLU A 101 -33.57 -12.29 -2.93
C GLU A 101 -33.70 -13.26 -1.75
N SER A 102 -33.98 -12.73 -0.57
CA SER A 102 -34.13 -13.55 0.62
C SER A 102 -35.56 -13.48 1.15
N GLY A 103 -35.96 -14.52 1.88
CA GLY A 103 -37.31 -14.57 2.43
C GLY A 103 -37.66 -15.93 2.99
N PRO A 104 -36.95 -16.35 4.03
CA PRO A 104 -37.17 -17.65 4.68
C PRO A 104 -38.50 -17.70 5.44
N SER A 105 -38.79 -18.86 6.03
CA SER A 105 -40.02 -19.03 6.77
C SER A 105 -39.84 -20.04 7.90
N SER A 106 -39.79 -19.54 9.14
CA SER A 106 -39.61 -20.39 10.30
C SER A 106 -40.87 -21.19 10.59
N GLY A 107 -40.70 -22.45 10.98
CA GLY A 107 -41.84 -23.30 11.28
C GLY A 107 -42.74 -22.71 12.34
N GLY A 1 38.91 4.15 1.25
CA GLY A 1 38.67 3.36 0.06
C GLY A 1 37.66 4.00 -0.87
N SER A 2 37.73 3.65 -2.15
CA SER A 2 36.82 4.20 -3.14
C SER A 2 35.41 3.64 -2.97
N SER A 3 34.42 4.46 -3.25
CA SER A 3 33.02 4.05 -3.12
C SER A 3 32.10 5.00 -3.88
N GLY A 4 30.91 4.52 -4.21
CA GLY A 4 29.95 5.32 -4.93
C GLY A 4 29.14 6.23 -4.03
N SER A 5 27.86 5.93 -3.88
CA SER A 5 26.97 6.72 -3.03
C SER A 5 27.44 6.69 -1.57
N SER A 6 26.98 7.66 -0.80
CA SER A 6 27.35 7.75 0.61
C SER A 6 26.11 7.69 1.50
N GLY A 7 25.94 6.58 2.19
CA GLY A 7 24.79 6.42 3.07
C GLY A 7 23.47 6.42 2.32
N PRO A 8 23.16 5.29 1.66
CA PRO A 8 21.92 5.16 0.89
C PRO A 8 20.69 5.10 1.77
N SER A 9 19.56 4.72 1.18
CA SER A 9 18.30 4.62 1.93
C SER A 9 17.87 3.17 2.07
N LYS A 10 17.34 2.83 3.24
CA LYS A 10 16.89 1.48 3.52
C LYS A 10 15.65 1.49 4.41
N PHE A 11 14.55 0.92 3.91
CA PHE A 11 13.31 0.88 4.66
C PHE A 11 13.57 0.51 6.12
N ILE A 12 13.19 1.41 7.03
CA ILE A 12 13.38 1.18 8.46
C ILE A 12 12.30 0.28 9.03
N GLU A 13 11.05 0.74 8.95
CA GLU A 13 9.92 -0.03 9.45
C GLU A 13 9.55 -1.15 8.49
N GLY A 14 9.64 -0.86 7.19
CA GLY A 14 9.31 -1.85 6.19
C GLY A 14 7.81 -2.11 6.09
N LEU A 15 7.32 -2.27 4.87
CA LEU A 15 5.89 -2.53 4.65
C LEU A 15 5.44 -3.78 5.41
N ARG A 16 4.34 -3.64 6.14
CA ARG A 16 3.81 -4.76 6.92
C ARG A 16 2.48 -5.23 6.33
N ASN A 17 2.02 -6.39 6.78
CA ASN A 17 0.76 -6.95 6.31
C ASN A 17 -0.41 -6.00 6.58
N GLU A 18 -0.90 -5.37 5.53
CA GLU A 18 -2.01 -4.43 5.65
C GLU A 18 -3.34 -5.14 5.39
N GLU A 19 -4.15 -5.29 6.43
CA GLU A 19 -5.44 -5.94 6.31
C GLU A 19 -6.58 -4.92 6.35
N ALA A 20 -7.33 -4.85 5.26
CA ALA A 20 -8.45 -3.90 5.16
C ALA A 20 -9.70 -4.60 4.65
N THR A 21 -10.80 -3.85 4.55
CA THR A 21 -12.07 -4.38 4.09
C THR A 21 -12.29 -4.04 2.61
N GLU A 22 -12.91 -4.96 1.88
CA GLU A 22 -13.20 -4.75 0.47
C GLU A 22 -14.01 -3.48 0.27
N GLY A 23 -13.75 -2.78 -0.83
CA GLY A 23 -14.46 -1.56 -1.13
C GLY A 23 -13.83 -0.34 -0.48
N ASP A 24 -13.20 -0.54 0.67
CA ASP A 24 -12.54 0.55 1.39
C ASP A 24 -11.29 1.01 0.65
N THR A 25 -10.65 2.05 1.18
CA THR A 25 -9.45 2.59 0.57
C THR A 25 -8.22 2.32 1.44
N ALA A 26 -7.51 1.23 1.13
CA ALA A 26 -6.32 0.86 1.88
C ALA A 26 -5.27 1.96 1.82
N THR A 27 -4.39 2.00 2.82
CA THR A 27 -3.33 3.00 2.88
C THR A 27 -2.11 2.46 3.61
N LEU A 28 -1.03 2.23 2.86
CA LEU A 28 0.21 1.71 3.43
C LEU A 28 1.20 2.85 3.67
N TRP A 29 2.36 2.50 4.22
CA TRP A 29 3.41 3.48 4.49
C TRP A 29 4.68 2.81 4.99
N CYS A 30 5.81 3.47 4.80
CA CYS A 30 7.09 2.92 5.23
C CYS A 30 8.06 4.04 5.59
N GLU A 31 8.89 3.81 6.59
CA GLU A 31 9.87 4.80 7.03
C GLU A 31 11.17 4.67 6.26
N LEU A 32 11.81 5.80 5.99
CA LEU A 32 13.06 5.82 5.24
C LEU A 32 14.17 6.44 6.07
N SER A 33 15.40 5.99 5.84
CA SER A 33 16.56 6.50 6.56
C SER A 33 17.16 7.70 5.84
N LYS A 34 16.61 8.03 4.68
CA LYS A 34 17.10 9.16 3.89
C LYS A 34 16.05 9.61 2.89
N ALA A 35 15.51 10.81 3.09
CA ALA A 35 14.51 11.36 2.20
C ALA A 35 14.88 11.14 0.74
N ALA A 36 14.16 10.26 0.08
CA ALA A 36 14.41 9.95 -1.34
C ALA A 36 13.15 9.46 -2.03
N PRO A 37 13.08 9.67 -3.35
CA PRO A 37 11.93 9.25 -4.15
C PRO A 37 11.86 7.74 -4.30
N VAL A 38 10.77 7.14 -3.79
CA VAL A 38 10.58 5.70 -3.87
C VAL A 38 9.57 5.34 -4.95
N GLU A 39 9.33 4.05 -5.13
CA GLU A 39 8.38 3.57 -6.13
C GLU A 39 7.52 2.45 -5.57
N TRP A 40 6.24 2.46 -5.93
CA TRP A 40 5.30 1.45 -5.45
C TRP A 40 4.88 0.54 -6.60
N ARG A 41 4.97 -0.77 -6.38
CA ARG A 41 4.60 -1.75 -7.39
C ARG A 41 3.49 -2.66 -6.87
N LYS A 42 2.64 -3.11 -7.78
CA LYS A 42 1.53 -4.00 -7.42
C LYS A 42 1.56 -5.27 -8.26
N GLY A 43 2.36 -6.24 -7.81
CA GLY A 43 2.46 -7.50 -8.53
C GLY A 43 3.59 -7.51 -9.54
N HIS A 44 3.26 -7.18 -10.78
CA HIS A 44 4.25 -7.15 -11.85
C HIS A 44 4.12 -5.87 -12.68
N GLU A 45 3.82 -4.77 -12.01
CA GLU A 45 3.66 -3.48 -12.68
C GLU A 45 3.92 -2.33 -11.72
N THR A 46 4.42 -1.21 -12.25
CA THR A 46 4.71 -0.04 -11.44
C THR A 46 3.47 0.84 -11.28
N LEU A 47 2.89 0.83 -10.09
CA LEU A 47 1.70 1.63 -9.81
C LEU A 47 1.84 3.02 -10.40
N ARG A 48 0.72 3.73 -10.50
CA ARG A 48 0.71 5.08 -11.05
C ARG A 48 -0.38 5.93 -10.38
N ASP A 49 -0.10 7.22 -10.25
CA ASP A 49 -1.05 8.14 -9.62
C ASP A 49 -2.09 8.61 -10.63
N GLY A 50 -3.36 8.51 -10.25
CA GLY A 50 -4.43 8.92 -11.14
C GLY A 50 -5.47 7.84 -11.34
N ASP A 51 -5.02 6.60 -11.47
CA ASP A 51 -5.92 5.47 -11.67
C ASP A 51 -6.27 4.82 -10.34
N ARG A 52 -7.21 5.43 -9.61
CA ARG A 52 -7.64 4.91 -8.32
C ARG A 52 -6.44 4.56 -7.45
N HIS A 53 -5.39 5.37 -7.53
CA HIS A 53 -4.19 5.15 -6.74
C HIS A 53 -3.44 6.46 -6.51
N SER A 54 -2.66 6.51 -5.43
CA SER A 54 -1.91 7.70 -5.09
C SER A 54 -0.52 7.33 -4.55
N LEU A 55 0.51 7.92 -5.13
CA LEU A 55 1.88 7.65 -4.72
C LEU A 55 2.57 8.93 -4.25
N ARG A 56 2.69 9.11 -2.94
CA ARG A 56 3.33 10.29 -2.38
C ARG A 56 4.18 9.91 -1.17
N GLN A 57 5.17 10.75 -0.86
CA GLN A 57 6.05 10.52 0.27
C GLN A 57 6.59 11.83 0.83
N ASP A 58 6.61 11.93 2.16
CA ASP A 58 7.11 13.14 2.82
C ASP A 58 8.46 12.88 3.48
N GLY A 59 8.95 13.89 4.20
CA GLY A 59 10.23 13.75 4.87
C GLY A 59 10.49 12.34 5.36
N SER A 60 11.38 11.64 4.67
CA SER A 60 11.70 10.26 5.04
C SER A 60 10.45 9.49 5.45
N ARG A 61 9.41 9.59 4.63
CA ARG A 61 8.16 8.90 4.89
C ARG A 61 7.36 8.68 3.61
N CYS A 62 6.90 7.45 3.41
CA CYS A 62 6.14 7.10 2.22
C CYS A 62 4.73 6.65 2.59
N GLU A 63 3.78 6.84 1.67
CA GLU A 63 2.40 6.45 1.90
C GLU A 63 1.66 6.26 0.58
N LEU A 64 1.28 5.02 0.30
CA LEU A 64 0.56 4.69 -0.93
C LEU A 64 -0.92 4.47 -0.65
N GLN A 65 -1.75 4.70 -1.67
CA GLN A 65 -3.19 4.52 -1.53
C GLN A 65 -3.75 3.71 -2.70
N ILE A 66 -4.73 2.88 -2.42
CA ILE A 66 -5.36 2.04 -3.45
C ILE A 66 -6.88 2.22 -3.44
N ARG A 67 -7.34 3.36 -3.92
CA ARG A 67 -8.77 3.65 -3.98
C ARG A 67 -9.53 2.47 -4.58
N GLY A 68 -10.71 2.18 -4.01
CA GLY A 68 -11.52 1.08 -4.51
C GLY A 68 -10.84 -0.27 -4.33
N LEU A 69 -10.70 -0.68 -3.07
CA LEU A 69 -10.07 -1.96 -2.75
C LEU A 69 -10.80 -3.11 -3.44
N ALA A 70 -10.16 -4.28 -3.47
CA ALA A 70 -10.75 -5.45 -4.09
C ALA A 70 -9.96 -6.71 -3.75
N VAL A 71 -10.64 -7.84 -3.66
CA VAL A 71 -10.00 -9.11 -3.34
C VAL A 71 -8.73 -9.29 -4.15
N VAL A 72 -8.73 -8.79 -5.38
CA VAL A 72 -7.58 -8.89 -6.27
C VAL A 72 -6.39 -8.11 -5.71
N ASP A 73 -6.67 -6.94 -5.15
CA ASP A 73 -5.63 -6.09 -4.59
C ASP A 73 -4.83 -6.85 -3.53
N ALA A 74 -5.53 -7.59 -2.69
CA ALA A 74 -4.89 -8.38 -1.63
C ALA A 74 -3.90 -9.38 -2.22
N GLY A 75 -2.64 -8.99 -2.31
CA GLY A 75 -1.62 -9.87 -2.85
C GLY A 75 -0.24 -9.59 -2.28
N GLU A 76 0.57 -8.86 -3.04
CA GLU A 76 1.92 -8.54 -2.59
C GLU A 76 2.39 -7.21 -3.20
N TYR A 77 2.58 -6.22 -2.35
CA TYR A 77 3.02 -4.90 -2.80
C TYR A 77 4.49 -4.67 -2.44
N SER A 78 5.29 -4.31 -3.45
CA SER A 78 6.70 -4.05 -3.26
C SER A 78 7.03 -2.58 -3.47
N CYS A 79 7.94 -2.07 -2.65
CA CYS A 79 8.34 -0.66 -2.74
C CYS A 79 9.83 -0.55 -3.06
N VAL A 80 10.13 -0.03 -4.25
CA VAL A 80 11.52 0.14 -4.68
C VAL A 80 11.99 1.57 -4.45
N CYS A 81 12.95 1.73 -3.55
CA CYS A 81 13.50 3.06 -3.24
C CYS A 81 14.73 3.35 -4.09
N GLY A 82 15.41 2.29 -4.51
CA GLY A 82 16.61 2.46 -5.32
C GLY A 82 17.43 1.18 -5.42
N GLN A 83 18.29 0.95 -4.44
CA GLN A 83 19.14 -0.24 -4.42
C GLN A 83 18.44 -1.38 -3.70
N GLU A 84 17.59 -1.04 -2.73
CA GLU A 84 16.86 -2.04 -1.97
C GLU A 84 15.38 -2.02 -2.32
N ARG A 85 14.66 -3.05 -1.87
CA ARG A 85 13.23 -3.15 -2.13
C ARG A 85 12.54 -4.02 -1.09
N THR A 86 11.41 -3.54 -0.58
CA THR A 86 10.66 -4.27 0.44
C THR A 86 9.39 -4.88 -0.16
N SER A 87 8.74 -5.76 0.60
CA SER A 87 7.53 -6.41 0.15
C SER A 87 6.60 -6.69 1.33
N ALA A 88 5.29 -6.74 1.05
CA ALA A 88 4.31 -7.01 2.08
C ALA A 88 3.01 -7.55 1.48
N THR A 89 2.31 -8.38 2.24
CA THR A 89 1.06 -8.96 1.78
C THR A 89 -0.14 -8.17 2.28
N LEU A 90 -1.08 -7.90 1.38
CA LEU A 90 -2.28 -7.14 1.72
C LEU A 90 -3.52 -8.04 1.73
N THR A 91 -4.34 -7.90 2.76
CA THR A 91 -5.55 -8.70 2.88
C THR A 91 -6.79 -7.84 2.72
N VAL A 92 -7.77 -8.34 1.98
CA VAL A 92 -9.02 -7.63 1.76
C VAL A 92 -10.23 -8.50 2.07
N ARG A 93 -10.84 -8.28 3.24
CA ARG A 93 -12.00 -9.04 3.65
C ARG A 93 -13.23 -8.64 2.85
N ALA A 94 -13.61 -9.49 1.89
CA ALA A 94 -14.77 -9.22 1.05
C ALA A 94 -15.97 -8.80 1.90
N LEU A 95 -16.64 -7.73 1.48
CA LEU A 95 -17.80 -7.22 2.19
C LEU A 95 -18.89 -8.29 2.30
N PRO A 96 -19.63 -8.27 3.41
CA PRO A 96 -20.71 -9.23 3.66
C PRO A 96 -21.91 -9.01 2.74
N ALA A 97 -22.47 -10.11 2.24
CA ALA A 97 -23.62 -10.04 1.35
C ALA A 97 -24.82 -10.78 1.94
N ARG A 98 -25.57 -10.10 2.79
CA ARG A 98 -26.74 -10.70 3.43
C ARG A 98 -28.00 -9.91 3.08
N PHE A 99 -29.16 -10.54 3.28
CA PHE A 99 -30.43 -9.90 2.99
C PHE A 99 -31.53 -10.43 3.91
N ILE A 100 -32.64 -9.71 3.98
CA ILE A 100 -33.76 -10.11 4.82
C ILE A 100 -35.01 -10.38 3.99
N GLU A 101 -35.49 -11.61 4.04
CA GLU A 101 -36.69 -12.00 3.28
C GLU A 101 -37.95 -11.71 4.08
N SER A 102 -38.05 -10.50 4.61
CA SER A 102 -39.21 -10.09 5.40
C SER A 102 -40.48 -10.14 4.56
N GLY A 103 -41.30 -11.16 4.79
CA GLY A 103 -42.54 -11.30 4.05
C GLY A 103 -42.82 -12.73 3.66
N PRO A 104 -43.15 -13.57 4.66
CA PRO A 104 -43.45 -14.99 4.44
C PRO A 104 -44.78 -15.19 3.71
N SER A 105 -45.50 -14.10 3.49
CA SER A 105 -46.78 -14.17 2.79
C SER A 105 -47.84 -14.83 3.67
N SER A 106 -48.01 -14.31 4.88
CA SER A 106 -48.99 -14.86 5.82
C SER A 106 -50.20 -13.94 5.93
N GLY A 107 -51.28 -14.48 6.50
CA GLY A 107 -52.50 -13.69 6.66
C GLY A 107 -52.81 -12.84 5.44
N GLY A 1 21.01 22.86 6.46
CA GLY A 1 20.45 22.46 7.74
C GLY A 1 20.90 21.08 8.16
N SER A 2 20.59 20.09 7.34
CA SER A 2 20.96 18.70 7.63
C SER A 2 21.72 18.08 6.47
N SER A 3 22.59 17.12 6.78
CA SER A 3 23.38 16.45 5.76
C SER A 3 23.84 15.08 6.25
N GLY A 4 24.18 14.21 5.30
CA GLY A 4 24.62 12.86 5.65
C GLY A 4 24.94 12.03 4.42
N SER A 5 25.86 12.52 3.60
CA SER A 5 26.25 11.80 2.38
C SER A 5 26.28 10.29 2.63
N SER A 6 27.18 9.86 3.51
CA SER A 6 27.31 8.44 3.82
C SER A 6 26.01 7.89 4.39
N GLY A 7 25.38 6.99 3.65
CA GLY A 7 24.12 6.41 4.09
C GLY A 7 23.03 6.49 3.04
N PRO A 8 22.95 5.49 2.17
CA PRO A 8 21.95 5.43 1.11
C PRO A 8 20.54 5.20 1.64
N SER A 9 19.54 5.42 0.80
CA SER A 9 18.16 5.24 1.19
C SER A 9 17.86 3.78 1.52
N LYS A 10 17.48 3.53 2.77
CA LYS A 10 17.18 2.18 3.22
C LYS A 10 15.93 2.17 4.09
N PHE A 11 14.95 1.36 3.71
CA PHE A 11 13.70 1.26 4.46
C PHE A 11 13.98 0.95 5.93
N ILE A 12 13.46 1.80 6.81
CA ILE A 12 13.64 1.62 8.24
C ILE A 12 12.62 0.66 8.82
N GLU A 13 11.35 1.06 8.78
CA GLU A 13 10.27 0.22 9.30
C GLU A 13 9.83 -0.80 8.26
N GLY A 14 9.83 -0.39 6.99
CA GLY A 14 9.42 -1.28 5.92
C GLY A 14 7.93 -1.52 5.90
N LEU A 15 7.41 -1.95 4.75
CA LEU A 15 5.99 -2.23 4.61
C LEU A 15 5.56 -3.38 5.51
N ARG A 16 4.33 -3.31 6.01
CA ARG A 16 3.80 -4.33 6.89
C ARG A 16 2.43 -4.82 6.40
N ASN A 17 2.14 -6.09 6.63
CA ASN A 17 0.87 -6.67 6.22
C ASN A 17 -0.28 -5.69 6.45
N GLU A 18 -1.04 -5.42 5.38
CA GLU A 18 -2.17 -4.50 5.48
C GLU A 18 -3.49 -5.23 5.27
N GLU A 19 -4.26 -5.35 6.33
CA GLU A 19 -5.55 -6.04 6.26
C GLU A 19 -6.70 -5.03 6.25
N ALA A 20 -7.43 -5.00 5.14
CA ALA A 20 -8.56 -4.08 5.00
C ALA A 20 -9.80 -4.81 4.52
N THR A 21 -10.91 -4.09 4.39
CA THR A 21 -12.17 -4.67 3.95
C THR A 21 -12.46 -4.29 2.50
N GLU A 22 -12.87 -5.27 1.70
CA GLU A 22 -13.19 -5.04 0.29
C GLU A 22 -14.04 -3.79 0.13
N GLY A 23 -13.61 -2.88 -0.75
CA GLY A 23 -14.35 -1.66 -0.98
C GLY A 23 -13.70 -0.46 -0.32
N ASP A 24 -13.10 -0.68 0.85
CA ASP A 24 -12.45 0.39 1.58
C ASP A 24 -11.23 0.91 0.82
N THR A 25 -10.53 1.87 1.41
CA THR A 25 -9.36 2.45 0.79
C THR A 25 -8.11 2.20 1.62
N ALA A 26 -7.33 1.20 1.23
CA ALA A 26 -6.10 0.87 1.95
C ALA A 26 -5.04 1.95 1.77
N THR A 27 -4.12 2.03 2.73
CA THR A 27 -3.06 3.03 2.68
C THR A 27 -1.80 2.52 3.39
N LEU A 28 -0.77 2.21 2.61
CA LEU A 28 0.48 1.72 3.17
C LEU A 28 1.48 2.86 3.34
N TRP A 29 2.63 2.55 3.93
CA TRP A 29 3.67 3.55 4.16
C TRP A 29 4.97 2.90 4.62
N CYS A 30 6.10 3.51 4.27
CA CYS A 30 7.40 2.99 4.66
C CYS A 30 8.36 4.12 4.96
N GLU A 31 9.03 4.03 6.12
CA GLU A 31 9.99 5.04 6.54
C GLU A 31 11.30 4.90 5.78
N LEU A 32 12.02 6.00 5.61
CA LEU A 32 13.29 6.00 4.92
C LEU A 32 14.36 6.76 5.71
N SER A 33 15.61 6.33 5.57
CA SER A 33 16.70 6.98 6.28
C SER A 33 17.24 8.16 5.48
N LYS A 34 17.02 8.14 4.17
CA LYS A 34 17.48 9.21 3.29
C LYS A 34 16.38 9.63 2.32
N ALA A 35 15.76 10.77 2.58
CA ALA A 35 14.69 11.29 1.73
C ALA A 35 14.98 11.00 0.27
N ALA A 36 14.13 10.17 -0.34
CA ALA A 36 14.28 9.81 -1.75
C ALA A 36 12.96 9.32 -2.33
N PRO A 37 12.80 9.49 -3.66
CA PRO A 37 11.59 9.07 -4.36
C PRO A 37 11.48 7.55 -4.46
N VAL A 38 10.64 6.97 -3.59
CA VAL A 38 10.44 5.53 -3.57
C VAL A 38 9.47 5.09 -4.67
N GLU A 39 9.42 3.79 -4.93
CA GLU A 39 8.54 3.25 -5.96
C GLU A 39 7.82 2.01 -5.44
N TRP A 40 6.57 1.84 -5.87
CA TRP A 40 5.77 0.69 -5.47
C TRP A 40 5.52 -0.25 -6.64
N ARG A 41 5.35 -1.53 -6.34
CA ARG A 41 5.11 -2.53 -7.37
C ARG A 41 4.04 -3.54 -6.92
N LYS A 42 3.09 -3.81 -7.80
CA LYS A 42 2.02 -4.76 -7.49
C LYS A 42 1.89 -5.81 -8.58
N GLY A 43 2.73 -6.84 -8.50
CA GLY A 43 2.69 -7.90 -9.49
C GLY A 43 3.26 -7.47 -10.82
N HIS A 44 4.56 -7.70 -11.02
CA HIS A 44 5.22 -7.33 -12.25
C HIS A 44 4.63 -6.06 -12.83
N GLU A 45 4.36 -5.08 -11.95
CA GLU A 45 3.80 -3.81 -12.38
C GLU A 45 4.12 -2.71 -11.37
N THR A 46 4.36 -1.51 -11.88
CA THR A 46 4.69 -0.37 -11.02
C THR A 46 3.48 0.53 -10.82
N LEU A 47 3.17 0.84 -9.57
CA LEU A 47 2.04 1.69 -9.24
C LEU A 47 2.35 3.16 -9.55
N ARG A 48 1.30 3.92 -9.86
CA ARG A 48 1.46 5.33 -10.17
C ARG A 48 0.25 6.14 -9.71
N ASP A 49 0.37 7.46 -9.73
CA ASP A 49 -0.71 8.33 -9.31
C ASP A 49 -1.77 8.45 -10.41
N GLY A 50 -2.86 7.72 -10.25
CA GLY A 50 -3.93 7.76 -11.23
C GLY A 50 -5.25 8.24 -10.65
N ASP A 51 -6.35 7.81 -11.24
CA ASP A 51 -7.67 8.19 -10.77
C ASP A 51 -7.97 7.57 -9.41
N ARG A 52 -7.66 6.29 -9.27
CA ARG A 52 -7.89 5.58 -8.02
C ARG A 52 -6.57 5.16 -7.37
N HIS A 53 -5.64 6.10 -7.28
CA HIS A 53 -4.34 5.82 -6.69
C HIS A 53 -3.62 7.12 -6.31
N SER A 54 -2.76 7.04 -5.30
CA SER A 54 -2.03 8.21 -4.84
C SER A 54 -0.66 7.81 -4.29
N LEU A 55 0.40 8.22 -4.98
CA LEU A 55 1.75 7.90 -4.56
C LEU A 55 2.53 9.17 -4.21
N ARG A 56 2.76 9.38 -2.92
CA ARG A 56 3.48 10.55 -2.45
C ARG A 56 4.24 10.25 -1.16
N GLN A 57 5.30 11.01 -0.91
CA GLN A 57 6.11 10.82 0.29
C GLN A 57 6.63 12.15 0.81
N ASP A 58 6.60 12.31 2.13
CA ASP A 58 7.08 13.54 2.75
C ASP A 58 8.60 13.57 2.82
N GLY A 59 9.24 13.26 1.71
CA GLY A 59 10.70 13.26 1.65
C GLY A 59 11.28 11.88 1.92
N SER A 60 11.11 11.41 3.15
CA SER A 60 11.64 10.09 3.54
C SER A 60 10.50 9.13 3.83
N ARG A 61 9.35 9.67 4.21
CA ARG A 61 8.18 8.86 4.52
C ARG A 61 7.21 8.83 3.35
N CYS A 62 6.92 7.63 2.86
CA CYS A 62 6.00 7.46 1.72
C CYS A 62 4.65 6.93 2.20
N GLU A 63 3.61 7.19 1.42
CA GLU A 63 2.27 6.73 1.76
C GLU A 63 1.44 6.51 0.50
N LEU A 64 1.25 5.23 0.15
CA LEU A 64 0.47 4.88 -1.03
C LEU A 64 -1.01 4.70 -0.69
N GLN A 65 -1.87 4.98 -1.65
CA GLN A 65 -3.31 4.85 -1.45
C GLN A 65 -3.96 4.11 -2.62
N ILE A 66 -4.80 3.13 -2.30
CA ILE A 66 -5.49 2.36 -3.32
C ILE A 66 -7.01 2.42 -3.14
N ARG A 67 -7.62 3.46 -3.69
CA ARG A 67 -9.06 3.64 -3.58
C ARG A 67 -9.80 2.43 -4.13
N GLY A 68 -11.01 2.19 -3.62
CA GLY A 68 -11.80 1.06 -4.07
C GLY A 68 -11.03 -0.25 -4.00
N LEU A 69 -10.91 -0.79 -2.78
CA LEU A 69 -10.21 -2.04 -2.58
C LEU A 69 -10.96 -3.21 -3.20
N ALA A 70 -10.29 -4.35 -3.31
CA ALA A 70 -10.90 -5.54 -3.89
C ALA A 70 -10.18 -6.80 -3.43
N VAL A 71 -10.72 -7.96 -3.82
CA VAL A 71 -10.12 -9.24 -3.45
C VAL A 71 -8.88 -9.53 -4.28
N VAL A 72 -8.83 -8.95 -5.48
CA VAL A 72 -7.69 -9.15 -6.37
C VAL A 72 -6.50 -8.30 -5.95
N ASP A 73 -6.78 -7.19 -5.28
CA ASP A 73 -5.74 -6.29 -4.81
C ASP A 73 -4.94 -6.92 -3.68
N ALA A 74 -5.62 -7.70 -2.84
CA ALA A 74 -4.97 -8.38 -1.72
C ALA A 74 -4.02 -9.47 -2.21
N GLY A 75 -2.73 -9.18 -2.20
CA GLY A 75 -1.74 -10.14 -2.64
C GLY A 75 -0.38 -9.91 -2.02
N GLU A 76 0.39 -9.02 -2.62
CA GLU A 76 1.73 -8.70 -2.12
C GLU A 76 2.29 -7.47 -2.82
N TYR A 77 2.49 -6.40 -2.06
CA TYR A 77 3.02 -5.15 -2.61
C TYR A 77 4.48 -4.97 -2.21
N SER A 78 5.29 -4.50 -3.17
CA SER A 78 6.70 -4.28 -2.92
C SER A 78 7.06 -2.80 -3.07
N CYS A 79 8.04 -2.35 -2.31
CA CYS A 79 8.48 -0.96 -2.36
C CYS A 79 10.00 -0.87 -2.35
N VAL A 80 10.57 -0.46 -3.48
CA VAL A 80 12.02 -0.33 -3.60
C VAL A 80 12.40 1.06 -4.09
N CYS A 81 13.33 1.69 -3.37
CA CYS A 81 13.79 3.03 -3.73
C CYS A 81 15.29 3.03 -4.02
N GLY A 82 15.71 2.15 -4.92
CA GLY A 82 17.11 2.07 -5.27
C GLY A 82 17.60 0.63 -5.40
N GLN A 83 18.17 0.11 -4.32
CA GLN A 83 18.68 -1.27 -4.32
C GLN A 83 17.85 -2.15 -3.39
N GLU A 84 17.46 -1.60 -2.24
CA GLU A 84 16.68 -2.34 -1.26
C GLU A 84 15.22 -2.44 -1.72
N ARG A 85 14.67 -3.65 -1.65
CA ARG A 85 13.29 -3.88 -2.05
C ARG A 85 12.55 -4.71 -1.01
N THR A 86 11.53 -4.11 -0.39
CA THR A 86 10.75 -4.79 0.63
C THR A 86 9.48 -5.39 0.04
N SER A 87 8.71 -6.09 0.87
CA SER A 87 7.46 -6.71 0.42
C SER A 87 6.50 -6.88 1.59
N ALA A 88 5.21 -6.95 1.28
CA ALA A 88 4.19 -7.12 2.30
C ALA A 88 2.89 -7.64 1.69
N THR A 89 2.20 -8.50 2.44
CA THR A 89 0.95 -9.09 1.97
C THR A 89 -0.24 -8.22 2.37
N LEU A 90 -1.18 -8.05 1.45
CA LEU A 90 -2.37 -7.24 1.71
C LEU A 90 -3.62 -8.12 1.73
N THR A 91 -4.39 -8.00 2.80
CA THR A 91 -5.62 -8.79 2.94
C THR A 91 -6.85 -7.93 2.67
N VAL A 92 -7.84 -8.51 1.99
CA VAL A 92 -9.06 -7.79 1.67
C VAL A 92 -10.29 -8.69 1.89
N ARG A 93 -11.02 -8.42 2.97
CA ARG A 93 -12.21 -9.19 3.29
C ARG A 93 -13.37 -8.82 2.37
N ALA A 94 -13.77 -9.76 1.52
CA ALA A 94 -14.87 -9.53 0.59
C ALA A 94 -16.15 -9.16 1.33
N LEU A 95 -16.75 -8.05 0.93
CA LEU A 95 -17.99 -7.59 1.56
C LEU A 95 -19.10 -8.62 1.41
N PRO A 96 -20.03 -8.65 2.38
CA PRO A 96 -21.15 -9.59 2.38
C PRO A 96 -22.16 -9.28 1.29
N ALA A 97 -23.04 -10.23 1.00
CA ALA A 97 -24.06 -10.05 -0.02
C ALA A 97 -25.46 -10.19 0.57
N ARG A 98 -26.17 -9.07 0.70
CA ARG A 98 -27.52 -9.07 1.26
C ARG A 98 -28.32 -10.23 0.71
N PHE A 99 -29.09 -10.88 1.59
CA PHE A 99 -29.91 -12.02 1.20
C PHE A 99 -31.36 -11.81 1.62
N ILE A 100 -32.28 -12.39 0.86
CA ILE A 100 -33.71 -12.26 1.16
C ILE A 100 -34.18 -13.41 2.04
N GLU A 101 -35.20 -13.14 2.86
CA GLU A 101 -35.73 -14.15 3.76
C GLU A 101 -37.22 -14.39 3.48
N SER A 102 -37.52 -15.55 2.89
CA SER A 102 -38.89 -15.89 2.56
C SER A 102 -39.11 -17.40 2.66
N GLY A 103 -40.37 -17.82 2.60
CA GLY A 103 -40.69 -19.22 2.68
C GLY A 103 -41.15 -19.64 4.07
N PRO A 104 -42.38 -19.27 4.43
CA PRO A 104 -42.96 -19.60 5.74
C PRO A 104 -43.24 -21.08 5.90
N SER A 105 -43.48 -21.51 7.13
CA SER A 105 -43.77 -22.91 7.41
C SER A 105 -44.91 -23.04 8.42
N SER A 106 -45.58 -24.18 8.40
CA SER A 106 -46.70 -24.43 9.30
C SER A 106 -46.37 -25.56 10.28
N GLY A 107 -46.99 -25.52 11.45
CA GLY A 107 -46.75 -26.54 12.45
C GLY A 107 -46.09 -25.99 13.70
N GLY A 1 31.03 10.82 12.02
CA GLY A 1 30.37 11.53 13.10
C GLY A 1 28.97 11.95 12.72
N SER A 2 27.98 11.14 13.10
CA SER A 2 26.59 11.44 12.80
C SER A 2 25.65 10.64 13.71
N SER A 3 24.52 11.25 14.06
CA SER A 3 23.54 10.61 14.92
C SER A 3 22.44 9.97 14.10
N GLY A 4 22.68 8.75 13.63
CA GLY A 4 21.68 8.04 12.84
C GLY A 4 22.27 6.84 12.13
N SER A 5 21.66 6.48 10.99
CA SER A 5 22.13 5.33 10.22
C SER A 5 23.28 5.73 9.31
N SER A 6 23.79 4.76 8.54
CA SER A 6 24.90 5.01 7.63
C SER A 6 24.74 4.18 6.36
N GLY A 7 24.70 4.87 5.22
CA GLY A 7 24.56 4.19 3.94
C GLY A 7 23.48 4.80 3.08
N PRO A 8 23.02 4.05 2.07
CA PRO A 8 21.98 4.52 1.14
C PRO A 8 20.61 4.61 1.81
N SER A 9 19.60 4.96 1.02
CA SER A 9 18.24 5.10 1.54
C SER A 9 17.56 3.74 1.64
N LYS A 10 17.60 3.16 2.84
CA LYS A 10 16.98 1.86 3.08
C LYS A 10 15.64 2.01 3.78
N PHE A 11 15.00 0.89 4.08
CA PHE A 11 13.70 0.90 4.75
C PHE A 11 13.87 0.63 6.24
N ILE A 12 13.51 1.61 7.06
CA ILE A 12 13.61 1.48 8.51
C ILE A 12 12.43 0.70 9.08
N GLU A 13 11.24 1.25 8.90
CA GLU A 13 10.02 0.60 9.41
C GLU A 13 9.60 -0.54 8.48
N GLY A 14 9.81 -0.35 7.19
CA GLY A 14 9.44 -1.38 6.23
C GLY A 14 7.94 -1.59 6.14
N LEU A 15 7.49 -2.20 5.05
CA LEU A 15 6.07 -2.46 4.84
C LEU A 15 5.62 -3.68 5.63
N ARG A 16 4.55 -3.53 6.42
CA ARG A 16 4.02 -4.62 7.22
C ARG A 16 2.72 -5.14 6.63
N ASN A 17 2.33 -6.35 7.04
CA ASN A 17 1.11 -6.96 6.54
C ASN A 17 -0.10 -6.07 6.84
N GLU A 18 -0.65 -5.46 5.78
CA GLU A 18 -1.80 -4.59 5.92
C GLU A 18 -3.10 -5.33 5.59
N GLU A 19 -4.13 -5.12 6.41
CA GLU A 19 -5.41 -5.77 6.19
C GLU A 19 -6.55 -4.74 6.20
N ALA A 20 -7.30 -4.71 5.10
CA ALA A 20 -8.41 -3.77 4.98
C ALA A 20 -9.68 -4.48 4.51
N THR A 21 -10.79 -3.76 4.49
CA THR A 21 -12.07 -4.32 4.06
C THR A 21 -12.38 -3.93 2.62
N GLU A 22 -12.95 -4.86 1.87
CA GLU A 22 -13.30 -4.61 0.48
C GLU A 22 -14.04 -3.29 0.33
N GLY A 23 -13.78 -2.59 -0.77
CA GLY A 23 -14.42 -1.31 -1.01
C GLY A 23 -13.64 -0.14 -0.43
N ASP A 24 -13.26 -0.26 0.84
CA ASP A 24 -12.49 0.78 1.51
C ASP A 24 -11.27 1.18 0.69
N THR A 25 -10.45 2.05 1.25
CA THR A 25 -9.25 2.51 0.57
C THR A 25 -8.00 2.27 1.42
N ALA A 26 -7.30 1.17 1.13
CA ALA A 26 -6.09 0.81 1.86
C ALA A 26 -5.12 1.98 1.91
N THR A 27 -4.10 1.87 2.75
CA THR A 27 -3.10 2.92 2.90
C THR A 27 -1.82 2.37 3.53
N LEU A 28 -0.79 2.20 2.72
CA LEU A 28 0.49 1.70 3.19
C LEU A 28 1.50 2.83 3.35
N TRP A 29 2.53 2.58 4.15
CA TRP A 29 3.58 3.58 4.38
C TRP A 29 4.85 2.93 4.90
N CYS A 30 5.98 3.57 4.64
CA CYS A 30 7.27 3.05 5.09
C CYS A 30 8.24 4.19 5.38
N GLU A 31 9.10 3.98 6.38
CA GLU A 31 10.08 5.00 6.76
C GLU A 31 11.34 4.88 5.91
N LEU A 32 12.09 5.97 5.84
CA LEU A 32 13.32 6.00 5.06
C LEU A 32 14.46 6.66 5.84
N SER A 33 15.68 6.19 5.62
CA SER A 33 16.85 6.74 6.30
C SER A 33 17.32 8.03 5.63
N LYS A 34 17.02 8.16 4.34
CA LYS A 34 17.41 9.34 3.59
C LYS A 34 16.32 9.73 2.59
N ALA A 35 15.63 10.83 2.88
CA ALA A 35 14.56 11.30 2.00
C ALA A 35 14.90 11.04 0.53
N ALA A 36 14.13 10.16 -0.09
CA ALA A 36 14.35 9.82 -1.49
C ALA A 36 13.06 9.32 -2.14
N PRO A 37 12.94 9.52 -3.46
CA PRO A 37 11.77 9.09 -4.23
C PRO A 37 11.68 7.57 -4.35
N VAL A 38 10.64 7.00 -3.76
CA VAL A 38 10.43 5.55 -3.80
C VAL A 38 9.49 5.17 -4.93
N GLU A 39 9.34 3.87 -5.16
CA GLU A 39 8.47 3.37 -6.22
C GLU A 39 7.67 2.16 -5.74
N TRP A 40 6.35 2.25 -5.83
CA TRP A 40 5.48 1.16 -5.41
C TRP A 40 5.17 0.23 -6.57
N ARG A 41 5.01 -1.06 -6.27
CA ARG A 41 4.71 -2.06 -7.29
C ARG A 41 3.60 -2.99 -6.83
N LYS A 42 2.69 -3.32 -7.74
CA LYS A 42 1.58 -4.21 -7.42
C LYS A 42 1.48 -5.34 -8.45
N GLY A 43 2.19 -6.44 -8.19
CA GLY A 43 2.17 -7.57 -9.09
C GLY A 43 2.87 -7.27 -10.41
N HIS A 44 4.19 -7.45 -10.42
CA HIS A 44 4.99 -7.20 -11.62
C HIS A 44 4.46 -5.98 -12.38
N GLU A 45 4.09 -4.95 -11.64
CA GLU A 45 3.56 -3.73 -12.24
C GLU A 45 3.84 -2.52 -11.35
N THR A 46 4.12 -1.38 -11.99
CA THR A 46 4.40 -0.16 -11.25
C THR A 46 3.14 0.67 -11.06
N LEU A 47 2.88 1.06 -9.81
CA LEU A 47 1.69 1.85 -9.49
C LEU A 47 1.89 3.30 -9.92
N ARG A 48 0.80 3.95 -10.34
CA ARG A 48 0.86 5.34 -10.76
C ARG A 48 -0.31 6.13 -10.18
N ASP A 49 -0.09 7.43 -9.99
CA ASP A 49 -1.13 8.30 -9.45
C ASP A 49 -2.04 8.83 -10.55
N GLY A 50 -3.28 8.37 -10.57
CA GLY A 50 -4.23 8.81 -11.58
C GLY A 50 -5.43 7.88 -11.68
N ASP A 51 -5.20 6.58 -11.53
CA ASP A 51 -6.27 5.59 -11.61
C ASP A 51 -6.46 4.91 -10.27
N ARG A 52 -7.51 5.30 -9.55
CA ARG A 52 -7.82 4.70 -8.26
C ARG A 52 -6.54 4.39 -7.49
N HIS A 53 -5.66 5.38 -7.39
CA HIS A 53 -4.39 5.21 -6.69
C HIS A 53 -3.73 6.56 -6.41
N SER A 54 -2.93 6.62 -5.35
CA SER A 54 -2.26 7.84 -4.96
C SER A 54 -0.88 7.55 -4.37
N LEU A 55 0.17 8.06 -5.01
CA LEU A 55 1.53 7.84 -4.53
C LEU A 55 2.16 9.17 -4.11
N ARG A 56 2.28 9.36 -2.80
CA ARG A 56 2.87 10.58 -2.26
C ARG A 56 3.96 10.25 -1.24
N GLN A 57 4.67 11.27 -0.78
CA GLN A 57 5.73 11.10 0.20
C GLN A 57 6.17 12.43 0.78
N ASP A 58 6.61 12.41 2.04
CA ASP A 58 7.05 13.63 2.72
C ASP A 58 8.38 13.39 3.43
N GLY A 59 9.39 14.18 3.08
CA GLY A 59 10.69 14.04 3.70
C GLY A 59 11.21 12.62 3.65
N SER A 60 11.09 11.90 4.76
CA SER A 60 11.55 10.52 4.84
C SER A 60 10.41 9.59 5.23
N ARG A 61 9.21 9.88 4.72
CA ARG A 61 8.04 9.07 5.02
C ARG A 61 7.10 9.02 3.81
N CYS A 62 7.02 7.87 3.17
CA CYS A 62 6.16 7.69 2.00
C CYS A 62 4.84 7.04 2.41
N GLU A 63 3.79 7.32 1.63
CA GLU A 63 2.47 6.76 1.90
C GLU A 63 1.70 6.53 0.61
N LEU A 64 1.31 5.28 0.37
CA LEU A 64 0.58 4.92 -0.83
C LEU A 64 -0.89 4.68 -0.51
N GLN A 65 -1.76 4.88 -1.49
CA GLN A 65 -3.19 4.69 -1.32
C GLN A 65 -3.78 3.91 -2.49
N ILE A 66 -4.71 3.00 -2.19
CA ILE A 66 -5.35 2.19 -3.22
C ILE A 66 -6.87 2.34 -3.16
N ARG A 67 -7.38 3.38 -3.80
CA ARG A 67 -8.82 3.63 -3.83
C ARG A 67 -9.56 2.48 -4.49
N GLY A 68 -10.72 2.13 -3.94
CA GLY A 68 -11.51 1.04 -4.50
C GLY A 68 -10.85 -0.31 -4.29
N LEU A 69 -10.82 -0.76 -3.05
CA LEU A 69 -10.22 -2.05 -2.72
C LEU A 69 -11.02 -3.20 -3.33
N ALA A 70 -10.40 -4.37 -3.43
CA ALA A 70 -11.06 -5.54 -3.99
C ALA A 70 -10.22 -6.80 -3.76
N VAL A 71 -10.86 -7.96 -3.87
CA VAL A 71 -10.18 -9.24 -3.67
C VAL A 71 -8.90 -9.30 -4.50
N VAL A 72 -9.00 -8.87 -5.76
CA VAL A 72 -7.84 -8.88 -6.65
C VAL A 72 -6.72 -8.00 -6.12
N ASP A 73 -7.10 -6.87 -5.52
CA ASP A 73 -6.12 -5.93 -4.98
C ASP A 73 -5.32 -6.58 -3.86
N ALA A 74 -5.96 -7.49 -3.12
CA ALA A 74 -5.30 -8.18 -2.02
C ALA A 74 -4.18 -9.07 -2.53
N GLY A 75 -2.94 -8.58 -2.44
CA GLY A 75 -1.80 -9.34 -2.90
C GLY A 75 -0.50 -8.86 -2.30
N GLU A 76 0.61 -9.11 -2.99
CA GLU A 76 1.92 -8.70 -2.51
C GLU A 76 2.33 -7.37 -3.12
N TYR A 77 2.74 -6.44 -2.28
CA TYR A 77 3.16 -5.11 -2.74
C TYR A 77 4.64 -4.88 -2.43
N SER A 78 5.40 -4.55 -3.47
CA SER A 78 6.83 -4.30 -3.32
C SER A 78 7.14 -2.82 -3.44
N CYS A 79 7.99 -2.32 -2.56
CA CYS A 79 8.37 -0.90 -2.58
C CYS A 79 9.87 -0.74 -2.79
N VAL A 80 10.25 -0.25 -3.97
CA VAL A 80 11.66 -0.05 -4.30
C VAL A 80 12.05 1.42 -4.17
N CYS A 81 13.12 1.67 -3.43
CA CYS A 81 13.60 3.04 -3.22
C CYS A 81 14.91 3.26 -3.95
N GLY A 82 15.88 2.38 -3.70
CA GLY A 82 17.18 2.50 -4.34
C GLY A 82 17.76 1.16 -4.73
N GLN A 83 18.41 0.51 -3.79
CA GLN A 83 19.02 -0.80 -4.04
C GLN A 83 18.24 -1.91 -3.36
N GLU A 84 17.64 -1.60 -2.21
CA GLU A 84 16.86 -2.57 -1.47
C GLU A 84 15.41 -2.61 -1.98
N ARG A 85 14.71 -3.69 -1.67
CA ARG A 85 13.33 -3.85 -2.08
C ARG A 85 12.53 -4.65 -1.05
N THR A 86 11.60 -3.97 -0.38
CA THR A 86 10.77 -4.62 0.63
C THR A 86 9.45 -5.10 0.04
N SER A 87 8.78 -5.99 0.75
CA SER A 87 7.50 -6.53 0.30
C SER A 87 6.53 -6.68 1.46
N ALA A 88 5.23 -6.62 1.16
CA ALA A 88 4.20 -6.76 2.17
C ALA A 88 2.90 -7.26 1.57
N THR A 89 2.32 -8.29 2.20
CA THR A 89 1.07 -8.88 1.73
C THR A 89 -0.12 -7.99 2.10
N LEU A 90 -1.20 -8.13 1.34
CA LEU A 90 -2.41 -7.35 1.57
C LEU A 90 -3.60 -8.27 1.82
N THR A 91 -4.43 -7.90 2.80
CA THR A 91 -5.61 -8.69 3.13
C THR A 91 -6.89 -7.91 2.85
N VAL A 92 -7.67 -8.37 1.88
CA VAL A 92 -8.91 -7.72 1.51
C VAL A 92 -10.12 -8.60 1.83
N ARG A 93 -10.78 -8.32 2.94
CA ARG A 93 -11.94 -9.09 3.36
C ARG A 93 -13.15 -8.76 2.49
N ALA A 94 -13.53 -9.70 1.63
CA ALA A 94 -14.67 -9.50 0.74
C ALA A 94 -15.94 -9.22 1.54
N LEU A 95 -16.56 -8.09 1.26
CA LEU A 95 -17.79 -7.70 1.96
C LEU A 95 -18.86 -8.78 1.83
N PRO A 96 -19.66 -8.95 2.88
CA PRO A 96 -20.73 -9.94 2.91
C PRO A 96 -21.87 -9.59 1.96
N ALA A 97 -22.68 -10.59 1.62
CA ALA A 97 -23.82 -10.38 0.73
C ALA A 97 -25.14 -10.39 1.49
N ARG A 98 -26.22 -10.08 0.81
CA ARG A 98 -27.55 -10.05 1.42
C ARG A 98 -28.57 -10.75 0.54
N PHE A 99 -28.74 -12.05 0.74
CA PHE A 99 -29.69 -12.84 -0.03
C PHE A 99 -31.10 -12.65 0.50
N ILE A 100 -31.80 -11.65 -0.02
CA ILE A 100 -33.16 -11.38 0.40
C ILE A 100 -34.18 -11.86 -0.63
N GLU A 101 -35.34 -12.31 -0.15
CA GLU A 101 -36.38 -12.80 -1.03
C GLU A 101 -37.73 -12.15 -0.71
N SER A 102 -38.22 -11.33 -1.63
CA SER A 102 -39.49 -10.64 -1.43
C SER A 102 -40.52 -11.11 -2.46
N GLY A 103 -41.76 -10.68 -2.27
CA GLY A 103 -42.83 -11.08 -3.18
C GLY A 103 -43.40 -9.89 -3.93
N PRO A 104 -42.58 -9.28 -4.81
CA PRO A 104 -43.00 -8.12 -5.60
C PRO A 104 -44.01 -8.50 -6.67
N SER A 105 -44.19 -9.80 -6.89
CA SER A 105 -45.14 -10.28 -7.89
C SER A 105 -46.56 -9.84 -7.55
N SER A 106 -47.44 -9.89 -8.54
CA SER A 106 -48.83 -9.50 -8.37
C SER A 106 -49.77 -10.64 -8.71
N GLY A 107 -50.49 -11.14 -7.71
CA GLY A 107 -51.42 -12.24 -7.93
C GLY A 107 -50.76 -13.59 -7.75
N GLY A 1 29.58 25.18 -2.48
CA GLY A 1 30.18 24.18 -3.34
C GLY A 1 29.16 23.43 -4.16
N SER A 2 29.61 22.40 -4.88
CA SER A 2 28.72 21.60 -5.72
C SER A 2 28.78 20.14 -5.32
N SER A 3 27.95 19.77 -4.33
CA SER A 3 27.91 18.39 -3.85
C SER A 3 26.48 17.99 -3.49
N GLY A 4 26.14 16.74 -3.77
CA GLY A 4 24.81 16.25 -3.47
C GLY A 4 24.80 15.24 -2.34
N SER A 5 23.63 14.65 -2.08
CA SER A 5 23.49 13.66 -1.02
C SER A 5 23.70 12.25 -1.56
N SER A 6 24.84 11.66 -1.24
CA SER A 6 25.17 10.31 -1.70
C SER A 6 24.93 9.30 -0.59
N GLY A 7 24.42 8.12 -0.96
CA GLY A 7 24.16 7.08 0.02
C GLY A 7 22.90 6.31 -0.28
N PRO A 8 22.90 5.01 0.03
CA PRO A 8 21.75 4.13 -0.20
C PRO A 8 20.59 4.45 0.73
N SER A 9 19.37 4.19 0.26
CA SER A 9 18.17 4.46 1.05
C SER A 9 17.58 3.15 1.59
N LYS A 10 17.86 2.87 2.85
CA LYS A 10 17.36 1.66 3.50
C LYS A 10 16.01 1.91 4.16
N PHE A 11 15.14 0.91 4.12
CA PHE A 11 13.82 1.02 4.72
C PHE A 11 13.87 0.77 6.22
N ILE A 12 13.42 1.74 7.00
CA ILE A 12 13.41 1.62 8.45
C ILE A 12 12.17 0.88 8.94
N GLU A 13 11.01 1.33 8.48
CA GLU A 13 9.75 0.71 8.87
C GLU A 13 9.16 -0.09 7.71
N GLY A 14 9.97 -0.96 7.13
CA GLY A 14 9.51 -1.77 6.02
C GLY A 14 8.04 -2.15 6.15
N LEU A 15 7.28 -1.96 5.07
CA LEU A 15 5.87 -2.30 5.08
C LEU A 15 5.60 -3.56 5.89
N ARG A 16 4.44 -3.59 6.54
CA ARG A 16 4.06 -4.75 7.36
C ARG A 16 2.69 -5.29 6.94
N ASN A 17 2.46 -6.56 7.23
CA ASN A 17 1.19 -7.20 6.88
C ASN A 17 0.02 -6.25 7.08
N GLU A 18 -0.76 -6.05 6.03
CA GLU A 18 -1.91 -5.15 6.09
C GLU A 18 -3.20 -5.91 5.79
N GLU A 19 -4.30 -5.43 6.36
CA GLU A 19 -5.60 -6.07 6.15
C GLU A 19 -6.73 -5.05 6.26
N ALA A 20 -7.44 -4.83 5.17
CA ALA A 20 -8.55 -3.89 5.14
C ALA A 20 -9.79 -4.50 4.51
N THR A 21 -10.96 -4.00 4.89
CA THR A 21 -12.22 -4.49 4.36
C THR A 21 -12.42 -4.08 2.90
N GLU A 22 -12.85 -5.02 2.08
CA GLU A 22 -13.08 -4.74 0.67
C GLU A 22 -13.82 -3.42 0.48
N GLY A 23 -13.71 -2.86 -0.72
CA GLY A 23 -14.37 -1.59 -1.01
C GLY A 23 -13.63 -0.41 -0.42
N ASP A 24 -13.26 -0.52 0.86
CA ASP A 24 -12.55 0.55 1.55
C ASP A 24 -11.32 0.98 0.74
N THR A 25 -10.52 1.87 1.33
CA THR A 25 -9.32 2.37 0.68
C THR A 25 -8.07 2.05 1.49
N ALA A 26 -7.39 0.97 1.13
CA ALA A 26 -6.17 0.57 1.83
C ALA A 26 -5.13 1.67 1.83
N THR A 27 -4.42 1.82 2.93
CA THR A 27 -3.40 2.85 3.06
C THR A 27 -2.16 2.31 3.75
N LEU A 28 -1.06 2.20 3.02
CA LEU A 28 0.20 1.70 3.56
C LEU A 28 1.26 2.79 3.58
N TRP A 29 2.23 2.65 4.48
CA TRP A 29 3.31 3.63 4.59
C TRP A 29 4.58 2.97 5.12
N CYS A 30 5.71 3.64 4.91
CA CYS A 30 7.00 3.11 5.36
C CYS A 30 8.02 4.24 5.53
N GLU A 31 9.02 3.99 6.35
CA GLU A 31 10.07 4.99 6.60
C GLU A 31 11.29 4.72 5.75
N LEU A 32 12.08 5.77 5.50
CA LEU A 32 13.28 5.65 4.69
C LEU A 32 14.47 6.30 5.38
N SER A 33 15.62 5.63 5.33
CA SER A 33 16.83 6.15 5.95
C SER A 33 17.25 7.48 5.30
N LYS A 34 16.76 7.72 4.10
CA LYS A 34 17.08 8.95 3.37
C LYS A 34 15.89 9.42 2.56
N ALA A 35 15.53 10.69 2.72
CA ALA A 35 14.41 11.27 1.99
C ALA A 35 14.67 11.25 0.48
N ALA A 36 14.28 10.16 -0.16
CA ALA A 36 14.46 10.01 -1.60
C ALA A 36 13.18 9.52 -2.27
N PRO A 37 13.06 9.78 -3.58
CA PRO A 37 11.89 9.37 -4.37
C PRO A 37 11.81 7.85 -4.55
N VAL A 38 10.90 7.22 -3.84
CA VAL A 38 10.73 5.77 -3.92
C VAL A 38 9.74 5.40 -5.03
N GLU A 39 9.45 4.12 -5.14
CA GLU A 39 8.53 3.63 -6.17
C GLU A 39 7.72 2.44 -5.66
N TRP A 40 6.42 2.48 -5.87
CA TRP A 40 5.53 1.41 -5.44
C TRP A 40 5.21 0.46 -6.58
N ARG A 41 5.17 -0.84 -6.28
CA ARG A 41 4.88 -1.85 -7.29
C ARG A 41 3.84 -2.84 -6.78
N LYS A 42 2.89 -3.20 -7.64
CA LYS A 42 1.84 -4.15 -7.28
C LYS A 42 1.93 -5.41 -8.14
N GLY A 43 2.58 -6.44 -7.61
CA GLY A 43 2.72 -7.68 -8.35
C GLY A 43 3.69 -7.57 -9.50
N HIS A 44 3.16 -7.48 -10.72
CA HIS A 44 4.00 -7.37 -11.91
C HIS A 44 3.71 -6.09 -12.66
N GLU A 45 3.68 -4.97 -11.94
CA GLU A 45 3.41 -3.67 -12.54
C GLU A 45 3.80 -2.54 -11.60
N THR A 46 4.14 -1.39 -12.17
CA THR A 46 4.53 -0.23 -11.37
C THR A 46 3.36 0.73 -11.18
N LEU A 47 2.97 0.92 -9.93
CA LEU A 47 1.86 1.81 -9.61
C LEU A 47 2.13 3.23 -10.12
N ARG A 48 1.06 3.96 -10.38
CA ARG A 48 1.18 5.34 -10.88
C ARG A 48 0.11 6.23 -10.27
N ASP A 49 0.48 7.48 -9.99
CA ASP A 49 -0.45 8.44 -9.39
C ASP A 49 -1.31 9.09 -10.47
N GLY A 50 -2.62 9.01 -10.31
CA GLY A 50 -3.52 9.60 -11.28
C GLY A 50 -4.73 8.73 -11.56
N ASP A 51 -4.57 7.42 -11.38
CA ASP A 51 -5.65 6.47 -11.62
C ASP A 51 -5.90 5.61 -10.38
N ARG A 52 -6.99 5.90 -9.67
CA ARG A 52 -7.35 5.17 -8.46
C ARG A 52 -6.10 4.81 -7.66
N HIS A 53 -5.19 5.76 -7.53
CA HIS A 53 -3.95 5.54 -6.78
C HIS A 53 -3.32 6.87 -6.38
N SER A 54 -2.71 6.90 -5.20
CA SER A 54 -2.07 8.10 -4.70
C SER A 54 -0.68 7.79 -4.14
N LEU A 55 0.35 8.15 -4.91
CA LEU A 55 1.73 7.91 -4.51
C LEU A 55 2.42 9.22 -4.14
N ARG A 56 2.68 9.41 -2.85
CA ARG A 56 3.34 10.61 -2.37
C ARG A 56 4.13 10.34 -1.10
N GLN A 57 5.34 10.88 -1.02
CA GLN A 57 6.18 10.68 0.15
C GLN A 57 6.72 12.02 0.65
N ASP A 58 7.04 12.07 1.94
CA ASP A 58 7.57 13.29 2.56
C ASP A 58 8.47 12.96 3.73
N GLY A 59 9.54 13.74 3.89
CA GLY A 59 10.47 13.51 4.97
C GLY A 59 10.72 12.04 5.22
N SER A 60 11.25 11.36 4.20
CA SER A 60 11.53 9.93 4.31
C SER A 60 10.32 9.16 4.81
N ARG A 61 9.16 9.46 4.21
CA ARG A 61 7.92 8.79 4.59
C ARG A 61 7.02 8.58 3.38
N CYS A 62 6.93 7.33 2.93
CA CYS A 62 6.12 6.99 1.77
C CYS A 62 4.69 6.65 2.20
N GLU A 63 3.71 7.12 1.44
CA GLU A 63 2.31 6.87 1.74
C GLU A 63 1.54 6.50 0.47
N LEU A 64 1.16 5.24 0.37
CA LEU A 64 0.42 4.75 -0.80
C LEU A 64 -1.07 4.60 -0.47
N GLN A 65 -1.92 4.98 -1.41
CA GLN A 65 -3.37 4.88 -1.22
C GLN A 65 -4.02 4.16 -2.39
N ILE A 66 -4.91 3.22 -2.08
CA ILE A 66 -5.61 2.46 -3.10
C ILE A 66 -7.11 2.56 -2.93
N ARG A 67 -7.77 3.26 -3.85
CA ARG A 67 -9.21 3.43 -3.81
C ARG A 67 -9.92 2.26 -4.49
N GLY A 68 -11.05 1.84 -3.91
CA GLY A 68 -11.80 0.73 -4.48
C GLY A 68 -11.11 -0.60 -4.27
N LEU A 69 -11.01 -1.03 -3.02
CA LEU A 69 -10.37 -2.29 -2.68
C LEU A 69 -11.11 -3.46 -3.33
N ALA A 70 -10.38 -4.54 -3.60
CA ALA A 70 -10.97 -5.72 -4.21
C ALA A 70 -10.18 -6.97 -3.84
N VAL A 71 -10.88 -8.10 -3.73
CA VAL A 71 -10.25 -9.36 -3.38
C VAL A 71 -8.97 -9.58 -4.17
N VAL A 72 -9.01 -9.25 -5.46
CA VAL A 72 -7.84 -9.39 -6.33
C VAL A 72 -6.70 -8.49 -5.88
N ASP A 73 -7.05 -7.29 -5.44
CA ASP A 73 -6.06 -6.32 -4.98
C ASP A 73 -5.19 -6.93 -3.88
N ALA A 74 -5.83 -7.66 -2.96
CA ALA A 74 -5.10 -8.29 -1.86
C ALA A 74 -4.10 -9.31 -2.37
N GLY A 75 -2.85 -8.89 -2.47
CA GLY A 75 -1.80 -9.79 -2.95
C GLY A 75 -0.46 -9.52 -2.29
N GLU A 76 0.28 -8.55 -2.83
CA GLU A 76 1.58 -8.20 -2.28
C GLU A 76 2.09 -6.90 -2.87
N TYR A 77 2.50 -5.98 -2.01
CA TYR A 77 3.01 -4.67 -2.44
C TYR A 77 4.48 -4.52 -2.09
N SER A 78 5.27 -4.08 -3.06
CA SER A 78 6.71 -3.89 -2.85
C SER A 78 7.09 -2.43 -3.06
N CYS A 79 8.03 -1.96 -2.26
CA CYS A 79 8.50 -0.58 -2.35
C CYS A 79 10.01 -0.51 -2.41
N VAL A 80 10.54 -0.09 -3.56
CA VAL A 80 11.98 0.02 -3.75
C VAL A 80 12.36 1.34 -4.41
N CYS A 81 13.37 2.00 -3.87
CA CYS A 81 13.83 3.28 -4.41
C CYS A 81 15.13 3.11 -5.18
N GLY A 82 16.03 2.28 -4.65
CA GLY A 82 17.30 2.04 -5.30
C GLY A 82 17.72 0.59 -5.24
N GLN A 83 18.47 0.24 -4.21
CA GLN A 83 18.95 -1.14 -4.05
C GLN A 83 18.03 -1.93 -3.11
N GLU A 84 17.59 -1.28 -2.04
CA GLU A 84 16.70 -1.92 -1.07
C GLU A 84 15.28 -2.03 -1.62
N ARG A 85 14.65 -3.17 -1.38
CA ARG A 85 13.29 -3.40 -1.86
C ARG A 85 12.47 -4.16 -0.81
N THR A 86 11.50 -3.48 -0.23
CA THR A 86 10.63 -4.08 0.79
C THR A 86 9.38 -4.67 0.16
N SER A 87 8.67 -5.49 0.94
CA SER A 87 7.46 -6.13 0.47
C SER A 87 6.51 -6.42 1.62
N ALA A 88 5.21 -6.51 1.31
CA ALA A 88 4.20 -6.79 2.33
C ALA A 88 2.91 -7.27 1.69
N THR A 89 2.36 -8.35 2.22
CA THR A 89 1.12 -8.91 1.71
C THR A 89 -0.10 -8.14 2.23
N LEU A 90 -1.12 -8.01 1.39
CA LEU A 90 -2.33 -7.29 1.76
C LEU A 90 -3.50 -8.26 1.90
N THR A 91 -4.47 -7.89 2.75
CA THR A 91 -5.64 -8.73 2.97
C THR A 91 -6.92 -7.93 2.76
N VAL A 92 -7.73 -8.36 1.80
CA VAL A 92 -8.99 -7.70 1.50
C VAL A 92 -10.18 -8.58 1.83
N ARG A 93 -10.92 -8.21 2.87
CA ARG A 93 -12.09 -8.97 3.30
C ARG A 93 -13.27 -8.69 2.39
N ALA A 94 -13.58 -9.65 1.50
CA ALA A 94 -14.69 -9.51 0.58
C ALA A 94 -15.99 -9.22 1.33
N LEU A 95 -16.53 -8.01 1.12
CA LEU A 95 -17.76 -7.61 1.77
C LEU A 95 -18.86 -8.65 1.55
N PRO A 96 -19.78 -8.74 2.52
CA PRO A 96 -20.90 -9.70 2.45
C PRO A 96 -21.91 -9.32 1.39
N ALA A 97 -22.91 -10.18 1.19
CA ALA A 97 -23.96 -9.93 0.20
C ALA A 97 -25.34 -10.08 0.81
N ARG A 98 -25.84 -9.00 1.40
CA ARG A 98 -27.15 -9.00 2.03
C ARG A 98 -27.95 -7.76 1.63
N PHE A 99 -28.97 -7.96 0.80
CA PHE A 99 -29.80 -6.86 0.33
C PHE A 99 -31.15 -7.38 -0.16
N ILE A 100 -32.23 -6.81 0.37
CA ILE A 100 -33.57 -7.22 -0.01
C ILE A 100 -33.77 -7.09 -1.52
N GLU A 101 -33.89 -8.23 -2.19
CA GLU A 101 -34.08 -8.25 -3.64
C GLU A 101 -35.36 -7.52 -4.03
N SER A 102 -36.46 -7.87 -3.37
CA SER A 102 -37.75 -7.25 -3.65
C SER A 102 -38.13 -7.40 -5.11
N GLY A 103 -38.07 -8.64 -5.61
CA GLY A 103 -38.40 -8.90 -6.99
C GLY A 103 -39.50 -9.94 -7.14
N PRO A 104 -39.11 -11.23 -7.05
CA PRO A 104 -40.06 -12.34 -7.18
C PRO A 104 -40.99 -12.44 -5.98
N SER A 105 -40.77 -11.59 -4.99
CA SER A 105 -41.60 -11.58 -3.79
C SER A 105 -42.97 -10.95 -4.07
N SER A 106 -43.74 -11.60 -4.94
CA SER A 106 -45.06 -11.12 -5.30
C SER A 106 -45.92 -12.24 -5.87
N GLY A 107 -47.15 -12.33 -5.40
CA GLY A 107 -48.06 -13.36 -5.88
C GLY A 107 -48.49 -14.31 -4.77
N GLY A 1 32.93 20.14 -6.83
CA GLY A 1 31.59 20.25 -7.36
C GLY A 1 30.52 19.96 -6.33
N SER A 2 29.64 19.03 -6.65
CA SER A 2 28.55 18.65 -5.74
C SER A 2 28.82 17.30 -5.09
N SER A 3 28.39 17.14 -3.84
CA SER A 3 28.58 15.90 -3.11
C SER A 3 27.55 15.76 -2.01
N GLY A 4 27.58 14.61 -1.32
CA GLY A 4 26.64 14.37 -0.24
C GLY A 4 27.29 13.66 0.94
N SER A 5 26.93 12.40 1.15
CA SER A 5 27.46 11.63 2.25
C SER A 5 27.03 10.17 2.15
N SER A 6 27.99 9.29 1.88
CA SER A 6 27.70 7.85 1.76
C SER A 6 26.59 7.44 2.72
N GLY A 7 25.55 6.83 2.18
CA GLY A 7 24.43 6.40 2.99
C GLY A 7 23.18 6.13 2.17
N PRO A 8 23.04 4.90 1.67
CA PRO A 8 21.89 4.49 0.86
C PRO A 8 20.60 4.41 1.68
N SER A 9 19.48 4.77 1.06
CA SER A 9 18.20 4.73 1.73
C SER A 9 17.87 3.33 2.24
N LYS A 10 17.24 3.25 3.41
CA LYS A 10 16.88 1.97 3.99
C LYS A 10 15.58 2.08 4.77
N PHE A 11 14.76 1.03 4.70
CA PHE A 11 13.47 1.01 5.40
C PHE A 11 13.68 0.82 6.90
N ILE A 12 13.26 1.82 7.68
CA ILE A 12 13.39 1.76 9.13
C ILE A 12 12.31 0.88 9.75
N GLU A 13 11.05 1.17 9.43
CA GLU A 13 9.94 0.39 9.95
C GLU A 13 9.58 -0.76 9.01
N GLY A 14 9.70 -0.50 7.71
CA GLY A 14 9.39 -1.52 6.72
C GLY A 14 7.90 -1.69 6.52
N LEU A 15 7.52 -2.29 5.39
CA LEU A 15 6.11 -2.50 5.07
C LEU A 15 5.55 -3.67 5.87
N ARG A 16 4.41 -3.45 6.52
CA ARG A 16 3.77 -4.49 7.31
C ARG A 16 2.49 -4.97 6.65
N ASN A 17 2.16 -6.24 6.87
CA ASN A 17 0.95 -6.82 6.29
C ASN A 17 -0.27 -5.94 6.56
N GLU A 18 -0.81 -5.36 5.49
CA GLU A 18 -1.97 -4.49 5.61
C GLU A 18 -3.25 -5.26 5.30
N GLU A 19 -4.11 -5.42 6.30
CA GLU A 19 -5.36 -6.13 6.13
C GLU A 19 -6.55 -5.18 6.26
N ALA A 20 -7.30 -5.01 5.18
CA ALA A 20 -8.46 -4.14 5.18
C ALA A 20 -9.69 -4.86 4.60
N THR A 21 -10.82 -4.15 4.59
CA THR A 21 -12.06 -4.72 4.08
C THR A 21 -12.34 -4.24 2.66
N GLU A 22 -12.72 -5.16 1.78
CA GLU A 22 -13.02 -4.82 0.40
C GLU A 22 -13.86 -3.56 0.31
N GLY A 23 -13.66 -2.78 -0.75
CA GLY A 23 -14.41 -1.56 -0.93
C GLY A 23 -13.76 -0.38 -0.25
N ASP A 24 -13.19 -0.62 0.94
CA ASP A 24 -12.53 0.44 1.69
C ASP A 24 -11.27 0.92 0.97
N THR A 25 -10.76 2.08 1.39
CA THR A 25 -9.56 2.64 0.78
C THR A 25 -8.33 2.36 1.62
N ALA A 26 -7.58 1.32 1.24
CA ALA A 26 -6.38 0.95 1.97
C ALA A 26 -5.32 2.04 1.89
N THR A 27 -4.42 2.06 2.86
CA THR A 27 -3.35 3.05 2.90
C THR A 27 -2.11 2.50 3.60
N LEU A 28 -1.04 2.33 2.83
CA LEU A 28 0.21 1.82 3.37
C LEU A 28 1.24 2.93 3.52
N TRP A 29 2.12 2.79 4.51
CA TRP A 29 3.15 3.79 4.76
C TRP A 29 4.40 3.15 5.36
N CYS A 30 5.56 3.46 4.79
CA CYS A 30 6.81 2.91 5.28
C CYS A 30 7.83 4.01 5.54
N GLU A 31 8.70 3.79 6.53
CA GLU A 31 9.72 4.78 6.88
C GLU A 31 10.98 4.57 6.06
N LEU A 32 11.73 5.65 5.85
CA LEU A 32 12.97 5.58 5.08
C LEU A 32 14.12 6.23 5.84
N SER A 33 15.34 5.81 5.53
CA SER A 33 16.52 6.36 6.19
C SER A 33 17.05 7.59 5.45
N LYS A 34 16.76 7.65 4.15
CA LYS A 34 17.20 8.77 3.32
C LYS A 34 16.13 9.14 2.31
N ALA A 35 15.50 10.30 2.51
CA ALA A 35 14.45 10.78 1.61
C ALA A 35 14.84 10.54 0.16
N ALA A 36 14.05 9.72 -0.53
CA ALA A 36 14.30 9.42 -1.93
C ALA A 36 13.01 9.05 -2.65
N PRO A 37 12.98 9.30 -3.97
CA PRO A 37 11.81 9.00 -4.81
C PRO A 37 11.59 7.50 -4.98
N VAL A 38 10.85 6.90 -4.06
CA VAL A 38 10.57 5.47 -4.12
C VAL A 38 9.57 5.15 -5.22
N GLU A 39 9.34 3.86 -5.46
CA GLU A 39 8.40 3.42 -6.48
C GLU A 39 7.62 2.20 -6.03
N TRP A 40 6.29 2.32 -6.03
CA TRP A 40 5.44 1.22 -5.61
C TRP A 40 5.08 0.32 -6.80
N ARG A 41 4.99 -0.98 -6.53
CA ARG A 41 4.67 -1.95 -7.57
C ARG A 41 3.61 -2.94 -7.08
N LYS A 42 2.61 -3.18 -7.92
CA LYS A 42 1.53 -4.09 -7.58
C LYS A 42 1.55 -5.32 -8.49
N GLY A 43 2.26 -6.35 -8.05
CA GLY A 43 2.34 -7.58 -8.84
C GLY A 43 2.88 -7.33 -10.24
N HIS A 44 4.15 -7.62 -10.45
CA HIS A 44 4.77 -7.42 -11.75
C HIS A 44 4.20 -6.20 -12.46
N GLU A 45 4.02 -5.12 -11.70
CA GLU A 45 3.48 -3.88 -12.25
C GLU A 45 3.93 -2.67 -11.43
N THR A 46 4.02 -1.53 -12.09
CA THR A 46 4.45 -0.30 -11.42
C THR A 46 3.26 0.63 -11.18
N LEU A 47 2.88 0.80 -9.92
CA LEU A 47 1.75 1.66 -9.57
C LEU A 47 2.07 3.12 -9.88
N ARG A 48 1.06 3.87 -10.30
CA ARG A 48 1.23 5.27 -10.64
C ARG A 48 -0.01 6.08 -10.23
N ASP A 49 0.21 7.33 -9.84
CA ASP A 49 -0.87 8.21 -9.43
C ASP A 49 -1.88 8.39 -10.57
N GLY A 50 -3.07 7.85 -10.39
CA GLY A 50 -4.11 7.97 -11.41
C GLY A 50 -5.44 8.40 -10.84
N ASP A 51 -6.40 7.50 -10.81
CA ASP A 51 -7.73 7.80 -10.29
C ASP A 51 -8.02 6.96 -9.05
N ARG A 52 -7.60 5.70 -9.08
CA ARG A 52 -7.83 4.79 -7.96
C ARG A 52 -6.52 4.45 -7.26
N HIS A 53 -5.61 5.43 -7.20
CA HIS A 53 -4.32 5.23 -6.56
C HIS A 53 -3.69 6.57 -6.19
N SER A 54 -2.96 6.59 -5.09
CA SER A 54 -2.30 7.81 -4.62
C SER A 54 -0.87 7.53 -4.19
N LEU A 55 0.08 7.80 -5.08
CA LEU A 55 1.49 7.57 -4.79
C LEU A 55 2.21 8.89 -4.53
N ARG A 56 2.58 9.12 -3.28
CA ARG A 56 3.28 10.35 -2.90
C ARG A 56 4.09 10.13 -1.63
N GLN A 57 5.35 10.56 -1.66
CA GLN A 57 6.23 10.42 -0.51
C GLN A 57 6.79 11.77 -0.07
N ASP A 58 6.84 12.00 1.23
CA ASP A 58 7.35 13.25 1.78
C ASP A 58 8.61 13.01 2.60
N GLY A 59 9.75 13.46 2.08
CA GLY A 59 11.01 13.29 2.79
C GLY A 59 11.35 11.83 3.00
N SER A 60 11.45 11.41 4.26
CA SER A 60 11.79 10.03 4.59
C SER A 60 10.55 9.26 5.00
N ARG A 61 9.46 9.47 4.25
CA ARG A 61 8.20 8.78 4.53
C ARG A 61 7.37 8.62 3.26
N CYS A 62 7.08 7.37 2.91
CA CYS A 62 6.29 7.09 1.72
C CYS A 62 4.88 6.65 2.08
N GLU A 63 3.91 7.05 1.27
CA GLU A 63 2.51 6.71 1.51
C GLU A 63 1.83 6.28 0.21
N LEU A 64 1.12 5.15 0.28
CA LEU A 64 0.41 4.63 -0.89
C LEU A 64 -1.05 4.38 -0.57
N GLN A 65 -1.93 4.70 -1.53
CA GLN A 65 -3.36 4.50 -1.35
C GLN A 65 -3.97 3.78 -2.54
N ILE A 66 -4.90 2.88 -2.27
CA ILE A 66 -5.57 2.12 -3.33
C ILE A 66 -7.08 2.30 -3.27
N ARG A 67 -7.55 3.44 -3.76
CA ARG A 67 -8.99 3.73 -3.77
C ARG A 67 -9.80 2.48 -4.10
N GLY A 68 -10.99 2.39 -3.53
CA GLY A 68 -11.85 1.25 -3.78
C GLY A 68 -11.07 -0.06 -3.83
N LEU A 69 -10.70 -0.56 -2.66
CA LEU A 69 -9.95 -1.80 -2.56
C LEU A 69 -10.60 -2.90 -3.40
N ALA A 70 -9.93 -4.04 -3.51
CA ALA A 70 -10.44 -5.16 -4.28
C ALA A 70 -9.74 -6.46 -3.89
N VAL A 71 -10.51 -7.54 -3.79
CA VAL A 71 -9.96 -8.84 -3.43
C VAL A 71 -8.67 -9.12 -4.18
N VAL A 72 -8.59 -8.64 -5.42
CA VAL A 72 -7.41 -8.83 -6.24
C VAL A 72 -6.21 -8.07 -5.68
N ASP A 73 -6.44 -6.85 -5.24
CA ASP A 73 -5.38 -6.02 -4.68
C ASP A 73 -4.62 -6.77 -3.60
N ALA A 74 -5.36 -7.54 -2.80
CA ALA A 74 -4.74 -8.32 -1.72
C ALA A 74 -3.80 -9.38 -2.27
N GLY A 75 -2.51 -9.09 -2.21
CA GLY A 75 -1.52 -10.02 -2.71
C GLY A 75 -0.13 -9.74 -2.17
N GLU A 76 0.65 -8.95 -2.92
CA GLU A 76 2.00 -8.61 -2.51
C GLU A 76 2.42 -7.25 -3.07
N TYR A 77 2.59 -6.27 -2.19
CA TYR A 77 2.97 -4.93 -2.60
C TYR A 77 4.42 -4.64 -2.20
N SER A 78 5.25 -4.35 -3.19
CA SER A 78 6.66 -4.05 -2.93
C SER A 78 6.97 -2.58 -3.22
N CYS A 79 8.01 -2.06 -2.58
CA CYS A 79 8.41 -0.67 -2.77
C CYS A 79 9.91 -0.55 -2.97
N VAL A 80 10.32 -0.19 -4.18
CA VAL A 80 11.73 -0.05 -4.50
C VAL A 80 12.19 1.39 -4.34
N CYS A 81 12.87 1.68 -3.22
CA CYS A 81 13.36 3.02 -2.95
C CYS A 81 14.55 3.36 -3.84
N GLY A 82 15.36 2.35 -4.14
CA GLY A 82 16.52 2.56 -4.98
C GLY A 82 17.56 1.48 -4.80
N GLN A 83 18.19 1.45 -3.63
CA GLN A 83 19.23 0.46 -3.34
C GLN A 83 18.65 -0.69 -2.52
N GLU A 84 17.63 -0.39 -1.71
CA GLU A 84 16.99 -1.40 -0.88
C GLU A 84 15.49 -1.43 -1.10
N ARG A 85 14.96 -2.60 -1.45
CA ARG A 85 13.54 -2.76 -1.70
C ARG A 85 12.94 -3.79 -0.75
N THR A 86 11.71 -3.52 -0.30
CA THR A 86 11.01 -4.42 0.61
C THR A 86 9.75 -4.97 -0.02
N SER A 87 9.05 -5.83 0.72
CA SER A 87 7.81 -6.44 0.23
C SER A 87 6.86 -6.74 1.38
N ALA A 88 5.58 -6.83 1.07
CA ALA A 88 4.56 -7.12 2.08
C ALA A 88 3.30 -7.70 1.44
N THR A 89 2.49 -8.37 2.26
CA THR A 89 1.26 -8.97 1.78
C THR A 89 0.04 -8.18 2.23
N LEU A 90 -0.90 -7.96 1.32
CA LEU A 90 -2.11 -7.21 1.63
C LEU A 90 -3.34 -8.12 1.60
N THR A 91 -4.21 -7.96 2.59
CA THR A 91 -5.42 -8.77 2.68
C THR A 91 -6.67 -7.91 2.53
N VAL A 92 -7.66 -8.43 1.81
CA VAL A 92 -8.91 -7.70 1.59
C VAL A 92 -10.12 -8.61 1.85
N ARG A 93 -10.85 -8.30 2.91
CA ARG A 93 -12.04 -9.08 3.26
C ARG A 93 -13.23 -8.69 2.39
N ALA A 94 -13.56 -9.55 1.44
CA ALA A 94 -14.68 -9.30 0.54
C ALA A 94 -15.92 -8.86 1.31
N LEU A 95 -16.55 -7.78 0.86
CA LEU A 95 -17.75 -7.27 1.51
C LEU A 95 -18.90 -8.26 1.41
N PRO A 96 -19.83 -8.20 2.37
CA PRO A 96 -20.99 -9.08 2.41
C PRO A 96 -21.99 -8.77 1.30
N ALA A 97 -23.01 -9.62 1.17
CA ALA A 97 -24.03 -9.44 0.15
C ALA A 97 -25.42 -9.30 0.77
N ARG A 98 -26.24 -8.43 0.20
CA ARG A 98 -27.59 -8.20 0.69
C ARG A 98 -28.62 -8.92 -0.18
N PHE A 99 -29.50 -9.68 0.46
CA PHE A 99 -30.54 -10.42 -0.25
C PHE A 99 -31.92 -9.85 0.06
N ILE A 100 -32.69 -9.60 -0.99
CA ILE A 100 -34.04 -9.05 -0.82
C ILE A 100 -35.05 -9.82 -1.66
N GLU A 101 -35.33 -11.06 -1.25
CA GLU A 101 -36.28 -11.90 -1.96
C GLU A 101 -37.54 -11.12 -2.33
N SER A 102 -38.10 -11.40 -3.50
CA SER A 102 -39.30 -10.73 -3.96
C SER A 102 -40.49 -11.68 -3.98
N GLY A 103 -41.67 -11.15 -3.70
CA GLY A 103 -42.88 -11.97 -3.69
C GLY A 103 -43.52 -12.03 -2.32
N PRO A 104 -44.76 -12.54 -2.27
CA PRO A 104 -45.51 -12.67 -1.02
C PRO A 104 -44.93 -13.73 -0.10
N SER A 105 -45.16 -13.58 1.20
CA SER A 105 -44.66 -14.53 2.19
C SER A 105 -45.81 -15.28 2.87
N SER A 106 -45.48 -16.38 3.53
CA SER A 106 -46.48 -17.19 4.21
C SER A 106 -46.13 -17.35 5.69
N GLY A 107 -44.86 -17.61 5.96
CA GLY A 107 -44.42 -17.79 7.34
C GLY A 107 -43.33 -18.82 7.46
N GLY A 1 32.53 18.54 -10.71
CA GLY A 1 32.52 17.61 -9.60
C GLY A 1 31.30 17.76 -8.72
N SER A 2 30.53 16.68 -8.59
CA SER A 2 29.33 16.70 -7.77
C SER A 2 29.43 15.70 -6.62
N SER A 3 28.52 15.82 -5.67
CA SER A 3 28.50 14.93 -4.51
C SER A 3 28.80 13.50 -4.93
N GLY A 4 30.03 13.05 -4.68
CA GLY A 4 30.41 11.70 -5.05
C GLY A 4 30.54 10.79 -3.83
N SER A 5 29.58 10.86 -2.93
CA SER A 5 29.60 10.05 -1.72
C SER A 5 28.53 8.95 -1.79
N SER A 6 28.91 7.76 -1.35
CA SER A 6 27.98 6.62 -1.36
C SER A 6 27.01 6.70 -0.19
N GLY A 7 25.73 6.46 -0.47
CA GLY A 7 24.72 6.51 0.57
C GLY A 7 23.35 6.10 0.08
N PRO A 8 23.08 4.79 0.10
CA PRO A 8 21.79 4.24 -0.35
C PRO A 8 20.65 4.60 0.60
N SER A 9 19.44 4.16 0.25
CA SER A 9 18.27 4.44 1.05
C SER A 9 17.68 3.16 1.64
N LYS A 10 18.12 2.81 2.84
CA LYS A 10 17.63 1.60 3.51
C LYS A 10 16.28 1.85 4.17
N PHE A 11 15.38 0.88 4.02
CA PHE A 11 14.05 0.99 4.61
C PHE A 11 14.10 0.80 6.12
N ILE A 12 13.40 1.68 6.85
CA ILE A 12 13.38 1.60 8.31
C ILE A 12 12.12 0.88 8.79
N GLU A 13 10.96 1.37 8.38
CA GLU A 13 9.69 0.77 8.77
C GLU A 13 9.08 -0.02 7.62
N GLY A 14 9.90 -0.87 7.01
CA GLY A 14 9.44 -1.68 5.90
C GLY A 14 7.98 -2.10 6.06
N LEU A 15 7.20 -1.89 5.00
CA LEU A 15 5.78 -2.24 5.02
C LEU A 15 5.55 -3.50 5.87
N ARG A 16 4.45 -3.50 6.61
CA ARG A 16 4.10 -4.62 7.48
C ARG A 16 2.73 -5.19 7.11
N ASN A 17 2.50 -6.45 7.43
CA ASN A 17 1.24 -7.10 7.14
C ASN A 17 0.07 -6.15 7.35
N GLU A 18 -0.61 -5.80 6.25
CA GLU A 18 -1.75 -4.89 6.31
C GLU A 18 -3.03 -5.60 5.88
N GLU A 19 -4.09 -5.38 6.64
CA GLU A 19 -5.39 -5.99 6.34
C GLU A 19 -6.49 -4.94 6.28
N ALA A 20 -7.29 -5.00 5.22
CA ALA A 20 -8.38 -4.05 5.05
C ALA A 20 -9.59 -4.72 4.41
N THR A 21 -10.77 -4.17 4.65
CA THR A 21 -12.01 -4.72 4.10
C THR A 21 -12.27 -4.18 2.69
N GLU A 22 -12.55 -5.09 1.77
CA GLU A 22 -12.82 -4.70 0.38
C GLU A 22 -13.73 -3.48 0.33
N GLY A 23 -13.55 -2.65 -0.69
CA GLY A 23 -14.35 -1.45 -0.84
C GLY A 23 -13.73 -0.24 -0.18
N ASP A 24 -13.07 -0.45 0.95
CA ASP A 24 -12.42 0.64 1.68
C ASP A 24 -11.21 1.16 0.90
N THR A 25 -10.48 2.09 1.51
CA THR A 25 -9.31 2.67 0.88
C THR A 25 -8.04 2.34 1.66
N ALA A 26 -7.27 1.39 1.14
CA ALA A 26 -6.03 0.98 1.79
C ALA A 26 -4.97 2.08 1.70
N THR A 27 -4.37 2.41 2.83
CA THR A 27 -3.33 3.45 2.88
C THR A 27 -2.06 2.92 3.52
N LEU A 28 -1.11 2.52 2.69
CA LEU A 28 0.17 1.99 3.17
C LEU A 28 1.17 3.12 3.39
N TRP A 29 2.31 2.79 3.98
CA TRP A 29 3.35 3.78 4.23
C TRP A 29 4.62 3.11 4.77
N CYS A 30 5.75 3.76 4.58
CA CYS A 30 7.03 3.23 5.04
C CYS A 30 8.06 4.34 5.21
N GLU A 31 8.92 4.21 6.20
CA GLU A 31 9.95 5.20 6.47
C GLU A 31 11.22 4.89 5.68
N LEU A 32 11.99 5.94 5.37
CA LEU A 32 13.23 5.78 4.63
C LEU A 32 14.40 6.40 5.37
N SER A 33 15.58 5.81 5.20
CA SER A 33 16.79 6.31 5.87
C SER A 33 17.20 7.66 5.30
N LYS A 34 16.93 7.86 4.01
CA LYS A 34 17.27 9.12 3.34
C LYS A 34 16.18 9.52 2.36
N ALA A 35 15.60 10.69 2.59
CA ALA A 35 14.54 11.20 1.72
C ALA A 35 14.85 10.92 0.25
N ALA A 36 14.04 10.06 -0.37
CA ALA A 36 14.22 9.71 -1.77
C ALA A 36 12.94 9.16 -2.37
N PRO A 37 12.78 9.34 -3.70
CA PRO A 37 11.60 8.87 -4.42
C PRO A 37 11.55 7.35 -4.52
N VAL A 38 10.62 6.74 -3.79
CA VAL A 38 10.48 5.28 -3.80
C VAL A 38 9.55 4.83 -4.92
N GLU A 39 9.55 3.53 -5.19
CA GLU A 39 8.70 2.97 -6.24
C GLU A 39 7.86 1.81 -5.72
N TRP A 40 6.57 1.85 -5.98
CA TRP A 40 5.65 0.81 -5.53
C TRP A 40 5.38 -0.19 -6.65
N ARG A 41 5.37 -1.47 -6.29
CA ARG A 41 5.12 -2.52 -7.27
C ARG A 41 4.03 -3.48 -6.78
N LYS A 42 3.05 -3.74 -7.65
CA LYS A 42 1.96 -4.63 -7.30
C LYS A 42 1.88 -5.81 -8.27
N GLY A 43 2.69 -6.83 -8.01
CA GLY A 43 2.70 -8.00 -8.87
C GLY A 43 3.33 -7.73 -10.22
N HIS A 44 4.62 -8.00 -10.34
CA HIS A 44 5.34 -7.78 -11.59
C HIS A 44 4.82 -6.54 -12.31
N GLU A 45 4.67 -5.45 -11.55
CA GLU A 45 4.17 -4.20 -12.12
C GLU A 45 4.55 -3.02 -11.23
N THR A 46 4.23 -1.82 -11.68
CA THR A 46 4.53 -0.60 -10.93
C THR A 46 3.31 0.30 -10.82
N LEU A 47 3.08 0.83 -9.63
CA LEU A 47 1.94 1.71 -9.39
C LEU A 47 2.28 3.16 -9.76
N ARG A 48 1.25 3.97 -9.92
CA ARG A 48 1.45 5.38 -10.27
C ARG A 48 0.29 6.23 -9.75
N ASP A 49 0.57 7.51 -9.50
CA ASP A 49 -0.44 8.44 -9.00
C ASP A 49 -1.43 8.80 -10.10
N GLY A 50 -2.72 8.57 -9.82
CA GLY A 50 -3.74 8.87 -10.79
C GLY A 50 -5.08 9.21 -10.15
N ASP A 51 -6.16 8.72 -10.73
CA ASP A 51 -7.49 8.96 -10.20
C ASP A 51 -7.76 8.10 -8.98
N ARG A 52 -7.68 6.78 -9.15
CA ARG A 52 -7.92 5.84 -8.06
C ARG A 52 -6.73 5.79 -7.12
N HIS A 53 -5.54 5.54 -7.68
CA HIS A 53 -4.32 5.46 -6.88
C HIS A 53 -3.80 6.86 -6.56
N SER A 54 -3.25 7.02 -5.35
CA SER A 54 -2.72 8.30 -4.93
C SER A 54 -1.35 8.12 -4.27
N LEU A 55 -0.30 8.18 -5.08
CA LEU A 55 1.07 8.03 -4.58
C LEU A 55 1.65 9.37 -4.17
N ARG A 56 1.83 9.57 -2.88
CA ARG A 56 2.40 10.81 -2.36
C ARG A 56 3.34 10.55 -1.20
N GLN A 57 4.53 11.14 -1.27
CA GLN A 57 5.53 10.98 -0.21
C GLN A 57 6.04 12.33 0.29
N ASP A 58 6.51 12.35 1.52
CA ASP A 58 7.02 13.58 2.11
C ASP A 58 8.35 13.32 2.84
N GLY A 59 9.39 14.02 2.40
CA GLY A 59 10.69 13.85 3.02
C GLY A 59 11.15 12.40 3.04
N SER A 60 11.04 11.76 4.19
CA SER A 60 11.44 10.37 4.34
C SER A 60 10.27 9.51 4.80
N ARG A 61 9.09 9.79 4.27
CA ARG A 61 7.89 9.05 4.62
C ARG A 61 6.93 8.97 3.44
N CYS A 62 6.80 7.78 2.86
CA CYS A 62 5.92 7.58 1.72
C CYS A 62 4.56 7.05 2.18
N GLU A 63 3.56 7.17 1.31
CA GLU A 63 2.22 6.70 1.63
C GLU A 63 1.44 6.39 0.35
N LEU A 64 1.15 5.11 0.14
CA LEU A 64 0.40 4.67 -1.04
C LEU A 64 -1.08 4.50 -0.72
N GLN A 65 -1.93 4.88 -1.67
CA GLN A 65 -3.37 4.76 -1.49
C GLN A 65 -4.01 4.05 -2.68
N ILE A 66 -4.90 3.12 -2.38
CA ILE A 66 -5.59 2.36 -3.42
C ILE A 66 -7.11 2.48 -3.29
N ARG A 67 -7.64 3.63 -3.70
CA ARG A 67 -9.07 3.86 -3.63
C ARG A 67 -9.86 2.63 -4.05
N GLY A 68 -11.06 2.47 -3.50
CA GLY A 68 -11.89 1.33 -3.83
C GLY A 68 -11.09 0.04 -3.92
N LEU A 69 -10.76 -0.52 -2.76
CA LEU A 69 -9.99 -1.76 -2.72
C LEU A 69 -10.68 -2.86 -3.52
N ALA A 70 -10.04 -4.02 -3.60
CA ALA A 70 -10.60 -5.15 -4.33
C ALA A 70 -9.98 -6.47 -3.85
N VAL A 71 -10.73 -7.56 -4.03
CA VAL A 71 -10.26 -8.88 -3.62
C VAL A 71 -8.98 -9.27 -4.36
N VAL A 72 -8.82 -8.72 -5.56
CA VAL A 72 -7.65 -9.01 -6.37
C VAL A 72 -6.42 -8.26 -5.86
N ASP A 73 -6.63 -7.01 -5.44
CA ASP A 73 -5.54 -6.19 -4.92
C ASP A 73 -4.81 -6.90 -3.78
N ALA A 74 -5.52 -7.80 -3.10
CA ALA A 74 -4.94 -8.54 -2.00
C ALA A 74 -3.94 -9.58 -2.50
N GLY A 75 -2.71 -9.48 -2.02
CA GLY A 75 -1.68 -10.42 -2.43
C GLY A 75 -0.33 -10.10 -1.81
N GLU A 76 0.35 -9.10 -2.36
CA GLU A 76 1.66 -8.70 -1.86
C GLU A 76 2.17 -7.45 -2.59
N TYR A 77 2.58 -6.46 -1.81
CA TYR A 77 3.08 -5.21 -2.38
C TYR A 77 4.56 -5.03 -2.06
N SER A 78 5.29 -4.41 -2.99
CA SER A 78 6.72 -4.17 -2.82
C SER A 78 7.05 -2.70 -3.00
N CYS A 79 8.03 -2.22 -2.24
CA CYS A 79 8.45 -0.83 -2.32
C CYS A 79 9.97 -0.72 -2.36
N VAL A 80 10.51 -0.50 -3.56
CA VAL A 80 11.95 -0.37 -3.73
C VAL A 80 12.31 0.92 -4.47
N CYS A 81 13.33 1.61 -3.98
CA CYS A 81 13.77 2.85 -4.60
C CYS A 81 15.02 2.64 -5.43
N GLY A 82 16.00 1.96 -4.86
CA GLY A 82 17.25 1.69 -5.58
C GLY A 82 17.66 0.23 -5.50
N GLN A 83 18.24 -0.16 -4.38
CA GLN A 83 18.68 -1.54 -4.19
C GLN A 83 17.80 -2.26 -3.18
N GLU A 84 17.55 -1.62 -2.04
CA GLU A 84 16.71 -2.20 -1.00
C GLU A 84 15.25 -2.28 -1.45
N ARG A 85 14.71 -3.49 -1.43
CA ARG A 85 13.32 -3.71 -1.83
C ARG A 85 12.54 -4.43 -0.73
N THR A 86 11.51 -3.76 -0.22
CA THR A 86 10.68 -4.34 0.84
C THR A 86 9.46 -5.02 0.26
N SER A 87 8.69 -5.70 1.12
CA SER A 87 7.49 -6.40 0.70
C SER A 87 6.54 -6.62 1.87
N ALA A 88 5.25 -6.72 1.58
CA ALA A 88 4.24 -6.93 2.60
C ALA A 88 2.96 -7.50 2.00
N THR A 89 2.44 -8.55 2.63
CA THR A 89 1.21 -9.18 2.17
C THR A 89 -0.01 -8.32 2.44
N LEU A 90 -1.00 -8.40 1.58
CA LEU A 90 -2.23 -7.62 1.73
C LEU A 90 -3.45 -8.54 1.85
N THR A 91 -4.34 -8.21 2.77
CA THR A 91 -5.55 -8.99 2.97
C THR A 91 -6.81 -8.17 2.70
N VAL A 92 -7.55 -8.55 1.67
CA VAL A 92 -8.77 -7.84 1.31
C VAL A 92 -9.99 -8.72 1.48
N ARG A 93 -10.69 -8.55 2.59
CA ARG A 93 -11.89 -9.34 2.88
C ARG A 93 -13.04 -8.94 1.95
N ALA A 94 -13.37 -9.82 1.03
CA ALA A 94 -14.45 -9.56 0.08
C ALA A 94 -15.76 -9.28 0.82
N LEU A 95 -16.37 -8.14 0.49
CA LEU A 95 -17.63 -7.75 1.12
C LEU A 95 -18.73 -8.77 0.83
N PRO A 96 -19.68 -8.90 1.77
CA PRO A 96 -20.79 -9.83 1.63
C PRO A 96 -21.79 -9.40 0.56
N ALA A 97 -22.68 -10.31 0.19
CA ALA A 97 -23.69 -10.02 -0.83
C ALA A 97 -25.10 -10.00 -0.23
N ARG A 98 -25.48 -8.86 0.32
CA ARG A 98 -26.80 -8.72 0.93
C ARG A 98 -27.59 -7.60 0.25
N PHE A 99 -28.25 -7.94 -0.85
CA PHE A 99 -29.04 -6.97 -1.60
C PHE A 99 -30.29 -6.58 -0.82
N ILE A 100 -30.28 -5.37 -0.27
CA ILE A 100 -31.42 -4.87 0.51
C ILE A 100 -31.96 -3.57 -0.09
N GLU A 101 -33.26 -3.37 0.05
CA GLU A 101 -33.90 -2.16 -0.47
C GLU A 101 -33.86 -1.04 0.56
N SER A 102 -33.35 0.12 0.15
CA SER A 102 -33.24 1.28 1.05
C SER A 102 -33.03 2.55 0.25
N GLY A 103 -33.05 3.68 0.94
CA GLY A 103 -32.85 4.97 0.29
C GLY A 103 -33.46 6.11 1.06
N PRO A 104 -32.76 6.55 2.13
CA PRO A 104 -33.23 7.65 2.98
C PRO A 104 -33.16 9.00 2.26
N SER A 105 -34.28 9.41 1.69
CA SER A 105 -34.34 10.68 0.98
C SER A 105 -35.31 11.64 1.67
N SER A 106 -35.33 12.89 1.21
CA SER A 106 -36.20 13.90 1.78
C SER A 106 -37.24 14.36 0.77
N GLY A 107 -38.32 14.97 1.26
CA GLY A 107 -39.37 15.44 0.38
C GLY A 107 -39.80 16.86 0.70
N GLY A 1 37.32 20.82 -6.02
CA GLY A 1 35.88 20.63 -5.89
C GLY A 1 35.54 19.58 -4.84
N SER A 2 34.68 19.96 -3.89
CA SER A 2 34.28 19.05 -2.83
C SER A 2 32.96 18.37 -3.16
N SER A 3 32.88 17.07 -2.89
CA SER A 3 31.68 16.30 -3.17
C SER A 3 30.72 16.35 -1.99
N GLY A 4 31.21 15.96 -0.82
CA GLY A 4 30.38 15.95 0.37
C GLY A 4 30.25 14.58 1.00
N SER A 5 29.05 14.25 1.46
CA SER A 5 28.80 12.96 2.08
C SER A 5 27.35 12.54 1.91
N SER A 6 27.14 11.38 1.28
CA SER A 6 25.79 10.87 1.05
C SER A 6 25.74 9.37 1.30
N GLY A 7 24.52 8.83 1.35
CA GLY A 7 24.35 7.41 1.58
C GLY A 7 23.06 6.87 0.98
N PRO A 8 22.98 5.54 0.82
CA PRO A 8 21.80 4.89 0.26
C PRO A 8 20.60 4.95 1.19
N SER A 9 19.44 4.51 0.69
CA SER A 9 18.22 4.51 1.48
C SER A 9 17.83 3.10 1.90
N LYS A 10 17.71 2.89 3.21
CA LYS A 10 17.34 1.59 3.75
C LYS A 10 16.06 1.68 4.56
N PHE A 11 15.04 0.92 4.12
CA PHE A 11 13.75 0.93 4.81
C PHE A 11 13.94 0.73 6.31
N ILE A 12 13.27 1.58 7.10
CA ILE A 12 13.36 1.50 8.55
C ILE A 12 12.25 0.64 9.13
N GLU A 13 11.01 1.09 8.97
CA GLU A 13 9.85 0.36 9.48
C GLU A 13 9.50 -0.80 8.56
N GLY A 14 9.55 -0.56 7.25
CA GLY A 14 9.23 -1.59 6.28
C GLY A 14 7.74 -1.84 6.17
N LEU A 15 7.28 -2.15 4.96
CA LEU A 15 5.87 -2.42 4.72
C LEU A 15 5.40 -3.64 5.51
N ARG A 16 4.41 -3.43 6.38
CA ARG A 16 3.88 -4.51 7.19
C ARG A 16 2.54 -5.00 6.63
N ASN A 17 2.14 -6.21 7.03
CA ASN A 17 0.89 -6.79 6.57
C ASN A 17 -0.30 -5.91 6.97
N GLU A 18 -0.92 -5.30 5.96
CA GLU A 18 -2.07 -4.42 6.20
C GLU A 18 -3.36 -5.07 5.72
N GLU A 19 -4.33 -5.18 6.61
CA GLU A 19 -5.61 -5.79 6.28
C GLU A 19 -6.72 -4.74 6.26
N ALA A 20 -7.39 -4.62 5.12
CA ALA A 20 -8.48 -3.65 4.97
C ALA A 20 -9.72 -4.32 4.39
N THR A 21 -10.89 -3.84 4.81
CA THR A 21 -12.16 -4.39 4.34
C THR A 21 -12.42 -3.97 2.89
N GLU A 22 -12.77 -4.95 2.06
CA GLU A 22 -13.05 -4.69 0.65
C GLU A 22 -13.85 -3.39 0.49
N GLY A 23 -13.66 -2.73 -0.65
CA GLY A 23 -14.36 -1.50 -0.91
C GLY A 23 -13.66 -0.29 -0.31
N ASP A 24 -13.13 -0.46 0.91
CA ASP A 24 -12.43 0.62 1.59
C ASP A 24 -11.20 1.06 0.79
N THR A 25 -10.42 1.97 1.38
CA THR A 25 -9.21 2.47 0.73
C THR A 25 -7.97 2.14 1.54
N ALA A 26 -7.22 1.15 1.07
CA ALA A 26 -5.99 0.74 1.76
C ALA A 26 -4.93 1.82 1.67
N THR A 27 -4.36 2.19 2.82
CA THR A 27 -3.33 3.21 2.88
C THR A 27 -2.09 2.70 3.57
N LEU A 28 -1.14 2.18 2.80
CA LEU A 28 0.10 1.65 3.35
C LEU A 28 1.16 2.75 3.48
N TRP A 29 2.24 2.46 4.18
CA TRP A 29 3.31 3.41 4.38
C TRP A 29 4.59 2.72 4.84
N CYS A 30 5.70 3.44 4.78
CA CYS A 30 6.99 2.89 5.20
C CYS A 30 8.02 4.00 5.40
N GLU A 31 8.67 3.99 6.55
CA GLU A 31 9.67 5.00 6.87
C GLU A 31 10.95 4.78 6.07
N LEU A 32 11.70 5.84 5.84
CA LEU A 32 12.94 5.76 5.09
C LEU A 32 14.10 6.38 5.86
N SER A 33 15.31 5.92 5.57
CA SER A 33 16.51 6.42 6.25
C SER A 33 17.11 7.59 5.48
N LYS A 34 16.47 7.96 4.37
CA LYS A 34 16.95 9.07 3.55
C LYS A 34 15.85 9.55 2.60
N ALA A 35 15.40 10.79 2.81
CA ALA A 35 14.36 11.36 1.97
C ALA A 35 14.67 11.19 0.50
N ALA A 36 14.28 10.05 -0.07
CA ALA A 36 14.52 9.76 -1.48
C ALA A 36 13.25 9.25 -2.15
N PRO A 37 13.14 9.47 -3.46
CA PRO A 37 11.99 9.05 -4.26
C PRO A 37 11.93 7.52 -4.42
N VAL A 38 10.86 6.92 -3.92
CA VAL A 38 10.69 5.48 -4.00
C VAL A 38 9.71 5.11 -5.11
N GLU A 39 9.42 3.82 -5.23
CA GLU A 39 8.49 3.33 -6.25
C GLU A 39 7.67 2.15 -5.72
N TRP A 40 6.37 2.20 -5.96
CA TRP A 40 5.48 1.13 -5.51
C TRP A 40 5.12 0.20 -6.67
N ARG A 41 5.03 -1.09 -6.38
CA ARG A 41 4.69 -2.08 -7.40
C ARG A 41 3.61 -3.02 -6.89
N LYS A 42 2.65 -3.33 -7.76
CA LYS A 42 1.56 -4.23 -7.42
C LYS A 42 1.62 -5.52 -8.22
N GLY A 43 2.33 -6.51 -7.70
CA GLY A 43 2.46 -7.78 -8.39
C GLY A 43 3.54 -7.75 -9.45
N HIS A 44 3.14 -7.49 -10.70
CA HIS A 44 4.09 -7.44 -11.81
C HIS A 44 3.93 -6.14 -12.59
N GLU A 45 3.79 -5.03 -11.88
CA GLU A 45 3.64 -3.73 -12.51
C GLU A 45 3.92 -2.61 -11.52
N THR A 46 4.16 -1.41 -12.03
CA THR A 46 4.44 -0.25 -11.20
C THR A 46 3.22 0.66 -11.08
N LEU A 47 2.78 0.87 -9.85
CA LEU A 47 1.62 1.73 -9.59
C LEU A 47 1.89 3.16 -10.03
N ARG A 48 0.82 3.95 -10.18
CA ARG A 48 0.94 5.34 -10.58
C ARG A 48 -0.15 6.19 -9.94
N ASP A 49 0.18 7.44 -9.67
CA ASP A 49 -0.78 8.36 -9.05
C ASP A 49 -1.77 8.87 -10.09
N GLY A 50 -3.04 8.51 -9.91
CA GLY A 50 -4.07 8.94 -10.84
C GLY A 50 -5.23 7.95 -10.91
N ASP A 51 -4.94 6.75 -11.40
CA ASP A 51 -5.96 5.72 -11.52
C ASP A 51 -6.21 5.04 -10.19
N ARG A 52 -7.20 5.52 -9.44
CA ARG A 52 -7.53 4.96 -8.15
C ARG A 52 -6.26 4.62 -7.35
N HIS A 53 -5.29 5.52 -7.39
CA HIS A 53 -4.03 5.32 -6.68
C HIS A 53 -3.37 6.65 -6.36
N SER A 54 -2.67 6.70 -5.23
CA SER A 54 -1.99 7.91 -4.80
C SER A 54 -0.60 7.60 -4.25
N LEU A 55 0.43 7.96 -5.02
CA LEU A 55 1.81 7.72 -4.61
C LEU A 55 2.49 9.02 -4.21
N ARG A 56 2.67 9.21 -2.90
CA ARG A 56 3.32 10.41 -2.39
C ARG A 56 4.21 10.08 -1.19
N GLN A 57 5.29 10.84 -1.04
CA GLN A 57 6.22 10.62 0.06
C GLN A 57 6.89 11.93 0.48
N ASP A 58 7.05 12.12 1.78
CA ASP A 58 7.66 13.33 2.31
C ASP A 58 8.54 13.01 3.51
N GLY A 59 9.54 13.86 3.75
CA GLY A 59 10.44 13.64 4.87
C GLY A 59 10.68 12.17 5.16
N SER A 60 11.43 11.52 4.28
CA SER A 60 11.73 10.10 4.44
C SER A 60 10.49 9.32 4.85
N ARG A 61 9.33 9.74 4.34
CA ARG A 61 8.07 9.10 4.65
C ARG A 61 7.29 8.79 3.38
N CYS A 62 6.88 7.53 3.23
CA CYS A 62 6.12 7.11 2.06
C CYS A 62 4.71 6.66 2.45
N GLU A 63 3.73 7.01 1.63
CA GLU A 63 2.34 6.64 1.90
C GLU A 63 1.60 6.36 0.59
N LEU A 64 1.21 5.11 0.41
CA LEU A 64 0.48 4.70 -0.80
C LEU A 64 -1.02 4.60 -0.52
N GLN A 65 -1.81 4.73 -1.57
CA GLN A 65 -3.26 4.65 -1.45
C GLN A 65 -3.87 3.85 -2.60
N ILE A 66 -4.87 3.03 -2.28
CA ILE A 66 -5.53 2.21 -3.30
C ILE A 66 -7.05 2.36 -3.21
N ARG A 67 -7.55 3.51 -3.65
CA ARG A 67 -8.98 3.77 -3.62
C ARG A 67 -9.76 2.58 -4.18
N GLY A 68 -10.95 2.34 -3.64
CA GLY A 68 -11.78 1.24 -4.09
C GLY A 68 -11.05 -0.09 -4.04
N LEU A 69 -10.87 -0.61 -2.83
CA LEU A 69 -10.19 -1.88 -2.64
C LEU A 69 -10.92 -3.01 -3.36
N ALA A 70 -10.34 -4.21 -3.31
CA ALA A 70 -10.94 -5.36 -3.96
C ALA A 70 -10.17 -6.64 -3.64
N VAL A 71 -10.80 -7.78 -3.85
CA VAL A 71 -10.17 -9.07 -3.58
C VAL A 71 -8.97 -9.30 -4.51
N VAL A 72 -8.99 -8.64 -5.66
CA VAL A 72 -7.91 -8.76 -6.63
C VAL A 72 -6.71 -7.90 -6.23
N ASP A 73 -6.95 -6.92 -5.37
CA ASP A 73 -5.89 -6.04 -4.90
C ASP A 73 -5.05 -6.71 -3.83
N ALA A 74 -5.69 -7.56 -3.03
CA ALA A 74 -5.00 -8.28 -1.96
C ALA A 74 -4.04 -9.32 -2.53
N GLY A 75 -2.78 -9.24 -2.12
CA GLY A 75 -1.79 -10.17 -2.61
C GLY A 75 -0.41 -9.90 -2.06
N GLU A 76 0.30 -8.94 -2.66
CA GLU A 76 1.64 -8.57 -2.22
C GLU A 76 2.10 -7.29 -2.90
N TYR A 77 2.54 -6.33 -2.10
CA TYR A 77 3.01 -5.05 -2.63
C TYR A 77 4.50 -4.87 -2.35
N SER A 78 5.20 -4.28 -3.32
CA SER A 78 6.64 -4.05 -3.19
C SER A 78 6.97 -2.57 -3.36
N CYS A 79 7.90 -2.08 -2.56
CA CYS A 79 8.30 -0.68 -2.62
C CYS A 79 9.81 -0.56 -2.85
N VAL A 80 10.19 -0.16 -4.05
CA VAL A 80 11.59 -0.01 -4.41
C VAL A 80 12.11 1.36 -4.01
N CYS A 81 13.06 1.39 -3.08
CA CYS A 81 13.63 2.65 -2.60
C CYS A 81 14.99 2.89 -3.25
N GLY A 82 15.05 2.73 -4.57
CA GLY A 82 16.30 2.94 -5.28
C GLY A 82 17.09 1.66 -5.44
N GLN A 83 17.98 1.38 -4.49
CA GLN A 83 18.80 0.18 -4.54
C GLN A 83 18.10 -0.98 -3.84
N GLU A 84 17.62 -0.74 -2.63
CA GLU A 84 16.93 -1.77 -1.86
C GLU A 84 15.45 -1.78 -2.17
N ARG A 85 14.78 -2.87 -1.80
CA ARG A 85 13.34 -3.02 -2.05
C ARG A 85 12.70 -3.94 -1.02
N THR A 86 11.52 -3.56 -0.56
CA THR A 86 10.80 -4.36 0.43
C THR A 86 9.55 -5.00 -0.17
N SER A 87 8.86 -5.81 0.63
CA SER A 87 7.65 -6.48 0.17
C SER A 87 6.75 -6.84 1.34
N ALA A 88 5.44 -6.74 1.13
CA ALA A 88 4.48 -7.06 2.17
C ALA A 88 3.24 -7.73 1.58
N THR A 89 2.35 -8.21 2.46
CA THR A 89 1.14 -8.88 2.03
C THR A 89 -0.10 -8.11 2.47
N LEU A 90 -1.07 -8.00 1.56
CA LEU A 90 -2.31 -7.27 1.85
C LEU A 90 -3.48 -8.24 1.97
N THR A 91 -4.39 -7.94 2.89
CA THR A 91 -5.56 -8.77 3.11
C THR A 91 -6.85 -7.99 2.90
N VAL A 92 -7.64 -8.40 1.91
CA VAL A 92 -8.90 -7.73 1.61
C VAL A 92 -10.08 -8.64 1.87
N ARG A 93 -10.79 -8.39 2.99
CA ARG A 93 -11.94 -9.20 3.35
C ARG A 93 -13.12 -8.92 2.42
N ALA A 94 -13.38 -9.85 1.51
CA ALA A 94 -14.47 -9.70 0.56
C ALA A 94 -15.78 -9.34 1.27
N LEU A 95 -16.27 -8.13 1.01
CA LEU A 95 -17.50 -7.66 1.63
C LEU A 95 -18.64 -8.64 1.38
N PRO A 96 -19.58 -8.72 2.34
CA PRO A 96 -20.74 -9.60 2.24
C PRO A 96 -21.73 -9.16 1.17
N ALA A 97 -22.66 -10.05 0.82
CA ALA A 97 -23.66 -9.74 -0.20
C ALA A 97 -24.99 -10.42 0.12
N ARG A 98 -26.08 -9.78 -0.27
CA ARG A 98 -27.41 -10.33 -0.02
C ARG A 98 -27.90 -11.14 -1.21
N PHE A 99 -27.68 -12.45 -1.14
CA PHE A 99 -28.10 -13.35 -2.22
C PHE A 99 -28.81 -14.58 -1.67
N ILE A 100 -29.65 -15.19 -2.49
CA ILE A 100 -30.40 -16.38 -2.07
C ILE A 100 -30.05 -17.57 -2.96
N GLU A 101 -30.06 -18.77 -2.37
CA GLU A 101 -29.75 -19.98 -3.10
C GLU A 101 -31.02 -20.72 -3.50
N SER A 102 -32.05 -19.97 -3.89
CA SER A 102 -33.32 -20.55 -4.29
C SER A 102 -34.20 -19.51 -4.98
N GLY A 103 -34.86 -19.94 -6.05
CA GLY A 103 -35.73 -19.03 -6.79
C GLY A 103 -36.75 -18.35 -5.89
N PRO A 104 -37.08 -17.09 -6.22
CA PRO A 104 -38.05 -16.31 -5.45
C PRO A 104 -39.48 -16.84 -5.61
N SER A 105 -39.87 -17.75 -4.73
CA SER A 105 -41.21 -18.33 -4.78
C SER A 105 -42.03 -17.91 -3.56
N SER A 106 -43.27 -17.51 -3.80
CA SER A 106 -44.16 -17.08 -2.72
C SER A 106 -45.61 -17.13 -3.18
N GLY A 107 -46.49 -17.52 -2.26
CA GLY A 107 -47.91 -17.59 -2.57
C GLY A 107 -48.51 -18.95 -2.25
N GLY A 1 24.03 3.49 19.59
CA GLY A 1 25.46 3.43 19.30
C GLY A 1 25.99 4.71 18.70
N SER A 2 25.99 4.78 17.37
CA SER A 2 26.48 5.96 16.67
C SER A 2 25.38 6.59 15.83
N SER A 3 25.22 7.90 15.95
CA SER A 3 24.19 8.63 15.21
C SER A 3 24.80 9.32 13.99
N GLY A 4 23.97 9.53 12.97
CA GLY A 4 24.43 10.18 11.75
C GLY A 4 24.86 9.18 10.70
N SER A 5 23.91 8.77 9.85
CA SER A 5 24.18 7.82 8.80
C SER A 5 24.92 8.49 7.64
N SER A 6 24.28 9.48 7.02
CA SER A 6 24.87 10.20 5.91
C SER A 6 25.20 9.25 4.76
N GLY A 7 24.34 8.25 4.57
CA GLY A 7 24.56 7.29 3.50
C GLY A 7 23.38 7.18 2.57
N PRO A 8 23.21 6.00 1.94
CA PRO A 8 22.11 5.75 1.00
C PRO A 8 20.77 5.67 1.70
N SER A 9 19.71 5.44 0.93
CA SER A 9 18.36 5.35 1.47
C SER A 9 18.01 3.90 1.80
N LYS A 10 17.54 3.68 3.02
CA LYS A 10 17.16 2.34 3.47
C LYS A 10 15.79 2.36 4.15
N PHE A 11 15.05 1.28 3.98
CA PHE A 11 13.71 1.17 4.57
C PHE A 11 13.81 0.86 6.06
N ILE A 12 13.22 1.72 6.88
CA ILE A 12 13.25 1.54 8.33
C ILE A 12 12.01 0.78 8.80
N GLU A 13 10.84 1.25 8.40
CA GLU A 13 9.58 0.61 8.78
C GLU A 13 9.01 -0.20 7.62
N GLY A 14 9.85 -1.07 7.06
CA GLY A 14 9.42 -1.90 5.94
C GLY A 14 7.96 -2.30 6.06
N LEU A 15 7.21 -2.14 4.97
CA LEU A 15 5.80 -2.48 4.96
C LEU A 15 5.52 -3.70 5.83
N ARG A 16 4.36 -3.71 6.48
CA ARG A 16 3.97 -4.81 7.34
C ARG A 16 2.59 -5.32 6.99
N ASN A 17 2.33 -6.58 7.31
CA ASN A 17 1.03 -7.20 7.03
C ASN A 17 -0.09 -6.18 7.18
N GLU A 18 -0.80 -5.92 6.08
CA GLU A 18 -1.90 -4.97 6.08
C GLU A 18 -3.24 -5.68 5.84
N GLU A 19 -4.15 -5.54 6.79
CA GLU A 19 -5.47 -6.16 6.69
C GLU A 19 -6.56 -5.11 6.57
N ALA A 20 -7.32 -5.16 5.48
CA ALA A 20 -8.40 -4.21 5.27
C ALA A 20 -9.65 -4.92 4.75
N THR A 21 -10.72 -4.15 4.55
CA THR A 21 -11.98 -4.70 4.07
C THR A 21 -12.23 -4.31 2.62
N GLU A 22 -12.94 -5.16 1.89
CA GLU A 22 -13.25 -4.91 0.49
C GLU A 22 -13.98 -3.58 0.33
N GLY A 23 -13.90 -3.01 -0.87
CA GLY A 23 -14.56 -1.73 -1.14
C GLY A 23 -13.79 -0.56 -0.55
N ASP A 24 -13.40 -0.69 0.72
CA ASP A 24 -12.66 0.37 1.39
C ASP A 24 -11.39 0.74 0.62
N THR A 25 -10.59 1.61 1.20
CA THR A 25 -9.36 2.06 0.56
C THR A 25 -8.15 1.82 1.47
N ALA A 26 -7.32 0.86 1.10
CA ALA A 26 -6.13 0.55 1.88
C ALA A 26 -5.06 1.63 1.72
N THR A 27 -4.28 1.84 2.77
CA THR A 27 -3.22 2.84 2.75
C THR A 27 -1.96 2.33 3.44
N LEU A 28 -0.93 2.05 2.66
CA LEU A 28 0.33 1.55 3.20
C LEU A 28 1.36 2.67 3.28
N TRP A 29 2.30 2.55 4.21
CA TRP A 29 3.35 3.53 4.39
C TRP A 29 4.64 2.89 4.90
N CYS A 30 5.76 3.56 4.66
CA CYS A 30 7.06 3.05 5.10
C CYS A 30 8.06 4.19 5.29
N GLU A 31 8.88 4.08 6.32
CA GLU A 31 9.88 5.10 6.62
C GLU A 31 11.15 4.88 5.80
N LEU A 32 11.93 5.93 5.63
CA LEU A 32 13.17 5.85 4.87
C LEU A 32 14.30 6.55 5.61
N SER A 33 15.49 5.95 5.57
CA SER A 33 16.65 6.52 6.24
C SER A 33 17.02 7.88 5.64
N LYS A 34 16.77 8.04 4.34
CA LYS A 34 17.06 9.28 3.65
C LYS A 34 15.88 9.70 2.78
N ALA A 35 15.77 11.01 2.54
CA ALA A 35 14.70 11.55 1.71
C ALA A 35 14.98 11.31 0.22
N ALA A 36 14.29 10.32 -0.35
CA ALA A 36 14.47 10.00 -1.77
C ALA A 36 13.16 9.49 -2.37
N PRO A 37 13.01 9.70 -3.69
CA PRO A 37 11.81 9.27 -4.42
C PRO A 37 11.72 7.75 -4.55
N VAL A 38 10.83 7.15 -3.75
CA VAL A 38 10.64 5.72 -3.77
C VAL A 38 9.67 5.30 -4.88
N GLU A 39 9.66 4.01 -5.20
CA GLU A 39 8.78 3.49 -6.24
C GLU A 39 7.93 2.34 -5.72
N TRP A 40 6.65 2.35 -6.07
CA TRP A 40 5.73 1.31 -5.63
C TRP A 40 5.45 0.33 -6.75
N ARG A 41 5.34 -0.96 -6.40
CA ARG A 41 5.05 -1.99 -7.40
C ARG A 41 3.99 -2.96 -6.88
N LYS A 42 2.98 -3.22 -7.71
CA LYS A 42 1.90 -4.13 -7.35
C LYS A 42 1.98 -5.42 -8.15
N GLY A 43 2.75 -6.38 -7.64
CA GLY A 43 2.90 -7.65 -8.32
C GLY A 43 3.85 -7.57 -9.50
N HIS A 44 3.30 -7.74 -10.70
CA HIS A 44 4.11 -7.69 -11.91
C HIS A 44 3.85 -6.40 -12.69
N GLU A 45 3.78 -5.28 -11.96
CA GLU A 45 3.53 -3.98 -12.57
C GLU A 45 3.88 -2.85 -11.60
N THR A 46 4.29 -1.72 -12.15
CA THR A 46 4.66 -0.56 -11.34
C THR A 46 3.53 0.46 -11.31
N LEU A 47 3.15 0.87 -10.10
CA LEU A 47 2.08 1.85 -9.93
C LEU A 47 2.54 3.25 -10.33
N ARG A 48 1.59 4.14 -10.55
CA ARG A 48 1.89 5.51 -10.94
C ARG A 48 0.77 6.46 -10.54
N ASP A 49 1.13 7.71 -10.27
CA ASP A 49 0.15 8.72 -9.87
C ASP A 49 -0.85 8.98 -10.99
N GLY A 50 -2.13 8.79 -10.69
CA GLY A 50 -3.16 9.00 -11.69
C GLY A 50 -4.44 9.57 -11.08
N ASP A 51 -5.41 8.70 -10.85
CA ASP A 51 -6.69 9.12 -10.27
C ASP A 51 -7.00 8.32 -9.02
N ARG A 52 -7.26 7.02 -9.20
CA ARG A 52 -7.58 6.15 -8.07
C ARG A 52 -6.35 5.91 -7.20
N HIS A 53 -5.19 5.77 -7.84
CA HIS A 53 -3.94 5.53 -7.13
C HIS A 53 -3.29 6.85 -6.72
N SER A 54 -2.74 6.89 -5.51
CA SER A 54 -2.10 8.09 -5.00
C SER A 54 -0.72 7.77 -4.44
N LEU A 55 0.32 8.14 -5.18
CA LEU A 55 1.69 7.90 -4.76
C LEU A 55 2.39 9.19 -4.36
N ARG A 56 2.57 9.38 -3.06
CA ARG A 56 3.22 10.58 -2.55
C ARG A 56 4.00 10.28 -1.27
N GLN A 57 5.15 10.94 -1.11
CA GLN A 57 5.99 10.74 0.07
C GLN A 57 6.51 12.07 0.59
N ASP A 58 6.36 12.27 1.90
CA ASP A 58 6.82 13.50 2.53
C ASP A 58 8.20 13.31 3.17
N GLY A 59 9.16 14.14 2.76
CA GLY A 59 10.50 14.05 3.29
C GLY A 59 11.05 12.63 3.21
N SER A 60 10.87 11.86 4.28
CA SER A 60 11.36 10.50 4.33
C SER A 60 10.25 9.54 4.75
N ARG A 61 9.04 9.77 4.25
CA ARG A 61 7.90 8.93 4.58
C ARG A 61 7.06 8.66 3.34
N CYS A 62 6.96 7.39 2.96
CA CYS A 62 6.18 7.00 1.80
C CYS A 62 4.77 6.57 2.19
N GLU A 63 3.80 6.89 1.36
CA GLU A 63 2.40 6.53 1.63
C GLU A 63 1.65 6.28 0.33
N LEU A 64 1.20 5.04 0.16
CA LEU A 64 0.45 4.66 -1.05
C LEU A 64 -1.03 4.48 -0.74
N GLN A 65 -1.88 4.90 -1.67
CA GLN A 65 -3.32 4.79 -1.49
C GLN A 65 -3.96 4.07 -2.68
N ILE A 66 -4.83 3.12 -2.38
CA ILE A 66 -5.51 2.36 -3.43
C ILE A 66 -7.03 2.39 -3.24
N ARG A 67 -7.69 3.25 -4.02
CA ARG A 67 -9.14 3.38 -3.93
C ARG A 67 -9.83 2.21 -4.64
N GLY A 68 -10.94 1.76 -4.06
CA GLY A 68 -11.68 0.65 -4.63
C GLY A 68 -11.02 -0.69 -4.36
N LEU A 69 -10.98 -1.09 -3.10
CA LEU A 69 -10.37 -2.35 -2.71
C LEU A 69 -11.15 -3.53 -3.28
N ALA A 70 -10.43 -4.54 -3.77
CA ALA A 70 -11.07 -5.73 -4.33
C ALA A 70 -10.28 -6.98 -3.99
N VAL A 71 -10.95 -8.13 -3.99
CA VAL A 71 -10.32 -9.39 -3.69
C VAL A 71 -9.09 -9.63 -4.57
N VAL A 72 -9.19 -9.20 -5.83
CA VAL A 72 -8.09 -9.36 -6.77
C VAL A 72 -6.92 -8.45 -6.41
N ASP A 73 -7.21 -7.40 -5.65
CA ASP A 73 -6.18 -6.45 -5.23
C ASP A 73 -5.30 -7.04 -4.13
N ALA A 74 -5.87 -7.99 -3.39
CA ALA A 74 -5.14 -8.64 -2.31
C ALA A 74 -3.97 -9.47 -2.84
N GLY A 75 -2.76 -8.96 -2.66
CA GLY A 75 -1.58 -9.66 -3.13
C GLY A 75 -0.35 -9.35 -2.31
N GLU A 76 0.78 -9.19 -2.99
CA GLU A 76 2.04 -8.88 -2.31
C GLU A 76 2.72 -7.66 -2.92
N TYR A 77 2.46 -6.49 -2.33
CA TYR A 77 3.03 -5.25 -2.81
C TYR A 77 4.53 -5.18 -2.53
N SER A 78 5.18 -4.12 -2.99
CA SER A 78 6.61 -3.94 -2.79
C SER A 78 7.00 -2.47 -2.97
N CYS A 79 7.94 -2.01 -2.15
CA CYS A 79 8.41 -0.63 -2.23
C CYS A 79 9.94 -0.58 -2.18
N VAL A 80 10.55 -0.21 -3.30
CA VAL A 80 11.99 -0.11 -3.38
C VAL A 80 12.43 1.28 -3.83
N CYS A 81 13.35 1.87 -3.09
CA CYS A 81 13.85 3.20 -3.41
C CYS A 81 15.00 3.12 -4.40
N GLY A 82 15.93 2.21 -4.15
CA GLY A 82 17.08 2.05 -5.03
C GLY A 82 17.55 0.61 -5.11
N GLN A 83 18.23 0.15 -4.06
CA GLN A 83 18.75 -1.21 -4.02
C GLN A 83 17.83 -2.11 -3.19
N GLU A 84 17.43 -1.60 -2.03
CA GLU A 84 16.55 -2.36 -1.13
C GLU A 84 15.14 -2.45 -1.70
N ARG A 85 14.47 -3.55 -1.40
CA ARG A 85 13.11 -3.77 -1.88
C ARG A 85 12.31 -4.62 -0.89
N THR A 86 11.35 -3.99 -0.22
CA THR A 86 10.53 -4.69 0.76
C THR A 86 9.27 -5.28 0.10
N SER A 87 8.50 -6.03 0.87
CA SER A 87 7.28 -6.65 0.36
C SER A 87 6.32 -6.98 1.50
N ALA A 88 5.04 -6.75 1.27
CA ALA A 88 4.03 -7.03 2.28
C ALA A 88 2.74 -7.52 1.63
N THR A 89 2.15 -8.57 2.22
CA THR A 89 0.91 -9.14 1.69
C THR A 89 -0.29 -8.27 2.04
N LEU A 90 -1.33 -8.35 1.23
CA LEU A 90 -2.54 -7.57 1.45
C LEU A 90 -3.75 -8.48 1.68
N THR A 91 -4.52 -8.18 2.72
CA THR A 91 -5.70 -8.97 3.04
C THR A 91 -6.98 -8.15 2.87
N VAL A 92 -7.81 -8.56 1.91
CA VAL A 92 -9.06 -7.86 1.66
C VAL A 92 -10.26 -8.72 2.03
N ARG A 93 -10.87 -8.41 3.18
CA ARG A 93 -12.03 -9.16 3.66
C ARG A 93 -13.28 -8.76 2.88
N ALA A 94 -13.75 -9.66 2.02
CA ALA A 94 -14.94 -9.41 1.21
C ALA A 94 -16.07 -8.83 2.08
N LEU A 95 -16.68 -7.76 1.59
CA LEU A 95 -17.77 -7.12 2.31
C LEU A 95 -18.90 -8.10 2.60
N PRO A 96 -19.54 -7.96 3.76
CA PRO A 96 -20.64 -8.82 4.17
C PRO A 96 -21.90 -8.59 3.35
N ALA A 97 -22.32 -9.61 2.61
CA ALA A 97 -23.51 -9.52 1.77
C ALA A 97 -24.69 -10.22 2.42
N ARG A 98 -25.34 -9.55 3.36
CA ARG A 98 -26.49 -10.12 4.06
C ARG A 98 -27.58 -9.07 4.26
N PHE A 99 -28.78 -9.39 3.79
CA PHE A 99 -29.91 -8.46 3.91
C PHE A 99 -30.46 -8.46 5.34
N ILE A 100 -30.30 -7.33 6.03
CA ILE A 100 -30.77 -7.20 7.39
C ILE A 100 -32.29 -7.00 7.43
N GLU A 101 -32.99 -7.90 8.12
CA GLU A 101 -34.44 -7.82 8.24
C GLU A 101 -34.94 -8.73 9.34
N SER A 102 -35.92 -8.24 10.10
CA SER A 102 -36.49 -9.01 11.20
C SER A 102 -37.92 -9.47 10.86
N GLY A 103 -38.44 -10.37 11.68
CA GLY A 103 -39.79 -10.87 11.45
C GLY A 103 -40.84 -10.13 12.25
N PRO A 104 -42.03 -9.96 11.67
CA PRO A 104 -43.14 -9.27 12.32
C PRO A 104 -43.71 -10.04 13.49
N SER A 105 -43.54 -9.49 14.70
CA SER A 105 -44.03 -10.14 15.91
C SER A 105 -45.56 -10.04 15.99
N SER A 106 -46.23 -11.18 15.85
CA SER A 106 -47.68 -11.23 15.90
C SER A 106 -48.18 -10.95 17.32
N GLY A 107 -49.35 -10.34 17.42
CA GLY A 107 -49.92 -10.02 18.72
C GLY A 107 -48.91 -9.41 19.66
N GLY A 1 41.63 4.66 -0.13
CA GLY A 1 41.46 5.85 0.67
C GLY A 1 40.21 5.80 1.53
N SER A 2 39.08 6.14 0.94
CA SER A 2 37.80 6.13 1.66
C SER A 2 36.89 5.02 1.15
N SER A 3 36.11 4.44 2.05
CA SER A 3 35.20 3.37 1.69
C SER A 3 33.93 3.93 1.04
N GLY A 4 33.24 4.80 1.77
CA GLY A 4 32.03 5.39 1.25
C GLY A 4 31.47 6.46 2.17
N SER A 5 31.48 7.70 1.70
CA SER A 5 30.98 8.83 2.48
C SER A 5 29.48 8.67 2.76
N SER A 6 28.72 8.40 1.71
CA SER A 6 27.27 8.23 1.84
C SER A 6 26.82 6.92 1.21
N GLY A 7 25.57 6.54 1.46
CA GLY A 7 25.04 5.31 0.91
C GLY A 7 23.60 5.46 0.45
N PRO A 8 23.02 4.35 -0.04
CA PRO A 8 21.64 4.34 -0.52
C PRO A 8 20.62 4.48 0.61
N SER A 9 19.34 4.41 0.26
CA SER A 9 18.28 4.55 1.25
C SER A 9 17.79 3.17 1.70
N LYS A 10 17.85 2.92 2.99
CA LYS A 10 17.41 1.65 3.55
C LYS A 10 16.12 1.81 4.34
N PHE A 11 15.20 0.86 4.17
CA PHE A 11 13.92 0.91 4.88
C PHE A 11 14.10 0.63 6.36
N ILE A 12 13.49 1.47 7.19
CA ILE A 12 13.58 1.32 8.64
C ILE A 12 12.51 0.37 9.17
N GLU A 13 11.25 0.75 8.95
CA GLU A 13 10.13 -0.07 9.41
C GLU A 13 9.75 -1.10 8.35
N GLY A 14 9.74 -0.67 7.10
CA GLY A 14 9.38 -1.56 6.00
C GLY A 14 7.89 -1.84 5.95
N LEU A 15 7.35 -1.92 4.74
CA LEU A 15 5.93 -2.18 4.55
C LEU A 15 5.47 -3.37 5.41
N ARG A 16 4.34 -3.21 6.08
CA ARG A 16 3.81 -4.26 6.93
C ARG A 16 2.48 -4.79 6.38
N ASN A 17 2.17 -6.04 6.68
CA ASN A 17 0.94 -6.67 6.22
C ASN A 17 -0.27 -5.81 6.58
N GLU A 18 -0.86 -5.18 5.57
CA GLU A 18 -2.03 -4.34 5.80
C GLU A 18 -3.33 -5.08 5.46
N GLU A 19 -4.19 -5.23 6.45
CA GLU A 19 -5.46 -5.93 6.26
C GLU A 19 -6.63 -4.95 6.28
N ALA A 20 -7.34 -4.88 5.17
CA ALA A 20 -8.49 -3.99 5.06
C ALA A 20 -9.72 -4.73 4.55
N THR A 21 -10.86 -4.02 4.50
CA THR A 21 -12.10 -4.62 4.03
C THR A 21 -12.39 -4.21 2.59
N GLU A 22 -12.77 -5.19 1.78
CA GLU A 22 -13.09 -4.94 0.38
C GLU A 22 -13.91 -3.66 0.23
N GLY A 23 -13.73 -2.98 -0.90
CA GLY A 23 -14.47 -1.75 -1.15
C GLY A 23 -13.78 -0.54 -0.54
N ASP A 24 -13.06 -0.76 0.55
CA ASP A 24 -12.35 0.31 1.24
C ASP A 24 -11.14 0.77 0.43
N THR A 25 -10.36 1.67 1.00
CA THR A 25 -9.17 2.19 0.33
C THR A 25 -7.91 1.89 1.13
N ALA A 26 -7.11 0.95 0.64
CA ALA A 26 -5.87 0.57 1.31
C ALA A 26 -4.87 1.72 1.31
N THR A 27 -4.18 1.89 2.43
CA THR A 27 -3.19 2.95 2.56
C THR A 27 -1.89 2.43 3.19
N LEU A 28 -0.94 2.09 2.33
CA LEU A 28 0.35 1.57 2.80
C LEU A 28 1.27 2.71 3.21
N TRP A 29 2.42 2.37 3.78
CA TRP A 29 3.39 3.36 4.22
C TRP A 29 4.66 2.69 4.71
N CYS A 30 5.79 3.36 4.50
CA CYS A 30 7.08 2.84 4.94
C CYS A 30 8.05 3.96 5.27
N GLU A 31 8.86 3.76 6.31
CA GLU A 31 9.83 4.77 6.73
C GLU A 31 11.10 4.68 5.89
N LEU A 32 11.89 5.75 5.92
CA LEU A 32 13.13 5.80 5.16
C LEU A 32 14.22 6.54 5.92
N SER A 33 15.45 6.06 5.84
CA SER A 33 16.57 6.68 6.53
C SER A 33 17.22 7.75 5.66
N LYS A 34 16.69 7.92 4.45
CA LYS A 34 17.22 8.91 3.52
C LYS A 34 16.13 9.37 2.55
N ALA A 35 15.69 10.62 2.70
CA ALA A 35 14.66 11.18 1.84
C ALA A 35 14.98 10.92 0.37
N ALA A 36 14.17 10.06 -0.26
CA ALA A 36 14.36 9.72 -1.66
C ALA A 36 13.06 9.22 -2.28
N PRO A 37 12.93 9.43 -3.61
CA PRO A 37 11.74 9.00 -4.34
C PRO A 37 11.63 7.49 -4.46
N VAL A 38 10.61 6.93 -3.83
CA VAL A 38 10.40 5.49 -3.86
C VAL A 38 9.41 5.10 -4.96
N GLU A 39 9.42 3.82 -5.33
CA GLU A 39 8.52 3.33 -6.38
C GLU A 39 7.70 2.15 -5.88
N TRP A 40 6.39 2.27 -5.96
CA TRP A 40 5.49 1.22 -5.52
C TRP A 40 5.18 0.24 -6.66
N ARG A 41 5.03 -1.03 -6.31
CA ARG A 41 4.73 -2.06 -7.30
C ARG A 41 3.67 -3.02 -6.79
N LYS A 42 2.84 -3.53 -7.70
CA LYS A 42 1.78 -4.45 -7.34
C LYS A 42 1.85 -5.72 -8.19
N GLY A 43 2.68 -6.66 -7.77
CA GLY A 43 2.83 -7.91 -8.50
C GLY A 43 3.80 -7.78 -9.67
N HIS A 44 3.25 -7.75 -10.87
CA HIS A 44 4.07 -7.63 -12.08
C HIS A 44 3.78 -6.33 -12.80
N GLU A 45 3.88 -5.22 -12.07
CA GLU A 45 3.63 -3.91 -12.65
C GLU A 45 4.03 -2.80 -11.68
N THR A 46 4.09 -1.58 -12.18
CA THR A 46 4.47 -0.43 -11.35
C THR A 46 3.29 0.53 -11.17
N LEU A 47 3.00 0.86 -9.92
CA LEU A 47 1.90 1.76 -9.59
C LEU A 47 2.21 3.18 -10.05
N ARG A 48 1.18 3.96 -10.29
CA ARG A 48 1.34 5.34 -10.73
C ARG A 48 0.30 6.25 -10.08
N ASP A 49 0.66 7.52 -9.90
CA ASP A 49 -0.25 8.49 -9.29
C ASP A 49 -1.42 8.81 -10.22
N GLY A 50 -2.62 8.56 -9.75
CA GLY A 50 -3.81 8.84 -10.55
C GLY A 50 -5.04 9.07 -9.70
N ASP A 51 -6.21 8.79 -10.28
CA ASP A 51 -7.47 8.97 -9.57
C ASP A 51 -7.61 7.95 -8.45
N ARG A 52 -7.53 6.68 -8.80
CA ARG A 52 -7.65 5.60 -7.82
C ARG A 52 -6.41 5.53 -6.93
N HIS A 53 -5.26 5.31 -7.55
CA HIS A 53 -4.00 5.22 -6.83
C HIS A 53 -3.49 6.61 -6.46
N SER A 54 -2.95 6.73 -5.25
CA SER A 54 -2.42 8.01 -4.77
C SER A 54 -1.04 7.83 -4.14
N LEU A 55 -0.01 7.95 -4.96
CA LEU A 55 1.37 7.79 -4.48
C LEU A 55 1.95 9.14 -4.06
N ARG A 56 2.16 9.32 -2.77
CA ARG A 56 2.71 10.56 -2.24
C ARG A 56 3.66 10.29 -1.08
N GLN A 57 4.74 11.06 -1.01
CA GLN A 57 5.72 10.89 0.05
C GLN A 57 6.19 12.24 0.58
N ASP A 58 6.60 12.27 1.84
CA ASP A 58 7.07 13.50 2.47
C ASP A 58 8.40 13.29 3.16
N GLY A 59 9.46 13.88 2.61
CA GLY A 59 10.78 13.75 3.19
C GLY A 59 11.27 12.31 3.18
N SER A 60 11.04 11.61 4.29
CA SER A 60 11.47 10.21 4.40
C SER A 60 10.30 9.32 4.80
N ARG A 61 9.08 9.77 4.50
CA ARG A 61 7.88 9.02 4.83
C ARG A 61 7.00 8.82 3.60
N CYS A 62 7.03 7.63 3.04
CA CYS A 62 6.24 7.32 1.85
C CYS A 62 4.88 6.73 2.23
N GLU A 63 3.89 6.92 1.38
CA GLU A 63 2.55 6.42 1.63
C GLU A 63 1.78 6.21 0.33
N LEU A 64 1.28 5.00 0.12
CA LEU A 64 0.53 4.69 -1.09
C LEU A 64 -0.95 4.49 -0.78
N GLN A 65 -1.79 4.65 -1.80
CA GLN A 65 -3.23 4.50 -1.62
C GLN A 65 -3.84 3.80 -2.84
N ILE A 66 -4.87 2.99 -2.59
CA ILE A 66 -5.54 2.26 -3.66
C ILE A 66 -7.05 2.35 -3.51
N ARG A 67 -7.64 3.40 -4.09
CA ARG A 67 -9.09 3.59 -4.03
C ARG A 67 -9.83 2.38 -4.56
N GLY A 68 -10.97 2.08 -3.96
CA GLY A 68 -11.76 0.94 -4.39
C GLY A 68 -10.97 -0.35 -4.36
N LEU A 69 -10.73 -0.87 -3.15
CA LEU A 69 -9.98 -2.11 -2.99
C LEU A 69 -10.71 -3.27 -3.64
N ALA A 70 -10.08 -4.44 -3.62
CA ALA A 70 -10.67 -5.64 -4.21
C ALA A 70 -9.93 -6.90 -3.76
N VAL A 71 -10.65 -8.00 -3.65
CA VAL A 71 -10.06 -9.26 -3.23
C VAL A 71 -8.76 -9.53 -3.96
N VAL A 72 -8.73 -9.19 -5.25
CA VAL A 72 -7.54 -9.38 -6.07
C VAL A 72 -6.42 -8.46 -5.65
N ASP A 73 -6.78 -7.28 -5.15
CA ASP A 73 -5.80 -6.30 -4.71
C ASP A 73 -4.96 -6.85 -3.55
N ALA A 74 -5.58 -7.70 -2.73
CA ALA A 74 -4.89 -8.31 -1.60
C ALA A 74 -3.82 -9.28 -2.07
N GLY A 75 -2.59 -8.80 -2.19
CA GLY A 75 -1.49 -9.64 -2.62
C GLY A 75 -0.18 -9.30 -1.94
N GLU A 76 0.83 -8.97 -2.73
CA GLU A 76 2.15 -8.62 -2.19
C GLU A 76 2.62 -7.29 -2.75
N TYR A 77 2.62 -6.26 -1.92
CA TYR A 77 3.05 -4.93 -2.33
C TYR A 77 4.49 -4.66 -1.88
N SER A 78 5.33 -4.28 -2.83
CA SER A 78 6.73 -3.99 -2.54
C SER A 78 7.08 -2.55 -2.89
N CYS A 79 7.99 -1.97 -2.12
CA CYS A 79 8.41 -0.59 -2.34
C CYS A 79 9.92 -0.50 -2.57
N VAL A 80 10.31 -0.25 -3.82
CA VAL A 80 11.72 -0.14 -4.17
C VAL A 80 12.23 1.28 -3.98
N CYS A 81 12.91 1.52 -2.86
CA CYS A 81 13.46 2.84 -2.56
C CYS A 81 14.66 3.14 -3.45
N GLY A 82 15.51 2.15 -3.64
CA GLY A 82 16.69 2.33 -4.46
C GLY A 82 17.57 1.08 -4.51
N GLN A 83 18.33 0.86 -3.44
CA GLN A 83 19.22 -0.29 -3.37
C GLN A 83 18.48 -1.50 -2.81
N GLU A 84 17.53 -1.26 -1.91
CA GLU A 84 16.76 -2.33 -1.30
C GLU A 84 15.32 -2.30 -1.79
N ARG A 85 14.51 -3.23 -1.30
CA ARG A 85 13.10 -3.32 -1.68
C ARG A 85 12.31 -4.13 -0.66
N THR A 86 11.43 -3.46 0.08
CA THR A 86 10.61 -4.12 1.07
C THR A 86 9.40 -4.78 0.44
N SER A 87 8.67 -5.55 1.24
CA SER A 87 7.48 -6.25 0.76
C SER A 87 6.53 -6.57 1.91
N ALA A 88 5.24 -6.64 1.60
CA ALA A 88 4.22 -6.94 2.60
C ALA A 88 2.96 -7.50 1.95
N THR A 89 2.25 -8.35 2.69
CA THR A 89 1.04 -8.96 2.19
C THR A 89 -0.19 -8.15 2.59
N LEU A 90 -1.05 -7.86 1.62
CA LEU A 90 -2.26 -7.09 1.88
C LEU A 90 -3.49 -7.99 1.83
N THR A 91 -4.32 -7.90 2.87
CA THR A 91 -5.53 -8.70 2.95
C THR A 91 -6.77 -7.85 2.66
N VAL A 92 -7.72 -8.43 1.93
CA VAL A 92 -8.95 -7.73 1.59
C VAL A 92 -10.16 -8.62 1.82
N ARG A 93 -10.78 -8.49 2.98
CA ARG A 93 -11.96 -9.27 3.32
C ARG A 93 -13.14 -8.89 2.46
N ALA A 94 -13.55 -9.79 1.56
CA ALA A 94 -14.67 -9.54 0.68
C ALA A 94 -15.89 -9.05 1.45
N LEU A 95 -16.51 -7.97 0.96
CA LEU A 95 -17.68 -7.41 1.61
C LEU A 95 -18.82 -8.42 1.66
N PRO A 96 -19.73 -8.25 2.63
CA PRO A 96 -20.88 -9.13 2.80
C PRO A 96 -21.91 -8.97 1.68
N ALA A 97 -22.84 -9.92 1.60
CA ALA A 97 -23.88 -9.89 0.58
C ALA A 97 -25.16 -9.26 1.12
N ARG A 98 -25.51 -8.09 0.58
CA ARG A 98 -26.71 -7.38 1.01
C ARG A 98 -27.83 -7.56 0.00
N PHE A 99 -27.93 -8.76 -0.57
CA PHE A 99 -28.97 -9.06 -1.55
C PHE A 99 -30.20 -9.67 -0.88
N ILE A 100 -31.36 -9.07 -1.15
CA ILE A 100 -32.61 -9.55 -0.58
C ILE A 100 -32.97 -10.93 -1.11
N GLU A 101 -33.35 -11.82 -0.21
CA GLU A 101 -33.73 -13.18 -0.59
C GLU A 101 -35.17 -13.48 -0.20
N SER A 102 -35.51 -13.20 1.06
CA SER A 102 -36.85 -13.44 1.57
C SER A 102 -37.90 -12.98 0.56
N GLY A 103 -38.81 -13.88 0.20
CA GLY A 103 -39.85 -13.54 -0.75
C GLY A 103 -41.09 -12.97 -0.08
N PRO A 104 -42.24 -13.08 -0.76
CA PRO A 104 -43.51 -12.58 -0.23
C PRO A 104 -44.02 -13.39 0.95
N SER A 105 -44.08 -12.75 2.11
CA SER A 105 -44.54 -13.42 3.32
C SER A 105 -45.91 -14.08 3.10
N SER A 106 -45.90 -15.39 2.92
CA SER A 106 -47.13 -16.14 2.68
C SER A 106 -48.21 -15.73 3.68
N GLY A 107 -47.82 -15.62 4.95
CA GLY A 107 -48.77 -15.24 5.98
C GLY A 107 -48.25 -14.10 6.85
N GLY A 1 32.66 16.22 12.05
CA GLY A 1 31.90 15.06 12.47
C GLY A 1 30.49 15.06 11.90
N SER A 2 29.75 13.98 12.16
CA SER A 2 28.38 13.86 11.67
C SER A 2 27.56 12.96 12.58
N SER A 3 26.48 13.52 13.14
CA SER A 3 25.61 12.77 14.03
C SER A 3 24.90 11.65 13.29
N GLY A 4 25.14 10.41 13.72
CA GLY A 4 24.53 9.26 13.08
C GLY A 4 24.77 9.23 11.58
N SER A 5 25.87 8.57 11.18
CA SER A 5 26.22 8.47 9.78
C SER A 5 25.05 7.92 8.96
N SER A 6 25.21 7.93 7.65
CA SER A 6 24.16 7.44 6.74
C SER A 6 24.65 7.44 5.30
N GLY A 7 23.86 6.83 4.42
CA GLY A 7 24.22 6.77 3.02
C GLY A 7 23.04 6.46 2.12
N PRO A 8 22.96 5.20 1.66
CA PRO A 8 21.87 4.74 0.79
C PRO A 8 20.54 4.66 1.52
N SER A 9 19.45 4.82 0.78
CA SER A 9 18.11 4.76 1.35
C SER A 9 17.75 3.33 1.76
N LYS A 10 17.11 3.19 2.91
CA LYS A 10 16.71 1.87 3.41
C LYS A 10 15.53 2.00 4.36
N PHE A 11 14.44 1.32 4.04
CA PHE A 11 13.24 1.35 4.88
C PHE A 11 13.59 1.03 6.33
N ILE A 12 13.14 1.89 7.24
CA ILE A 12 13.40 1.70 8.66
C ILE A 12 12.31 0.86 9.31
N GLU A 13 11.05 1.22 9.05
CA GLU A 13 9.92 0.50 9.61
C GLU A 13 9.49 -0.65 8.69
N GLY A 14 9.74 -0.47 7.40
CA GLY A 14 9.37 -1.49 6.43
C GLY A 14 7.87 -1.76 6.40
N LEU A 15 7.37 -2.14 5.24
CA LEU A 15 5.95 -2.42 5.08
C LEU A 15 5.53 -3.62 5.93
N ARG A 16 4.35 -3.53 6.53
CA ARG A 16 3.84 -4.61 7.37
C ARG A 16 2.54 -5.17 6.81
N ASN A 17 2.16 -6.35 7.26
CA ASN A 17 0.93 -7.00 6.80
C ASN A 17 -0.27 -6.09 7.01
N GLU A 18 -0.76 -5.49 5.92
CA GLU A 18 -1.91 -4.60 5.99
C GLU A 18 -3.21 -5.36 5.74
N GLU A 19 -4.17 -5.19 6.63
CA GLU A 19 -5.46 -5.86 6.51
C GLU A 19 -6.59 -4.84 6.42
N ALA A 20 -7.34 -4.89 5.32
CA ALA A 20 -8.46 -3.98 5.12
C ALA A 20 -9.68 -4.71 4.57
N THR A 21 -10.81 -4.01 4.52
CA THR A 21 -12.04 -4.60 4.02
C THR A 21 -12.33 -4.14 2.60
N GLU A 22 -12.60 -5.11 1.72
CA GLU A 22 -12.89 -4.81 0.32
C GLU A 22 -13.65 -3.49 0.20
N GLY A 23 -13.44 -2.79 -0.91
CA GLY A 23 -14.12 -1.53 -1.14
C GLY A 23 -13.44 -0.37 -0.43
N ASP A 24 -13.02 -0.61 0.81
CA ASP A 24 -12.34 0.43 1.60
C ASP A 24 -11.12 0.95 0.87
N THR A 25 -10.36 1.82 1.54
CA THR A 25 -9.17 2.40 0.96
C THR A 25 -7.92 2.04 1.77
N ALA A 26 -7.17 1.06 1.29
CA ALA A 26 -5.96 0.62 1.97
C ALA A 26 -4.87 1.69 1.90
N THR A 27 -4.24 1.96 3.04
CA THR A 27 -3.18 2.97 3.11
C THR A 27 -1.91 2.37 3.70
N LEU A 28 -0.85 2.35 2.89
CA LEU A 28 0.43 1.82 3.34
C LEU A 28 1.47 2.92 3.46
N TRP A 29 2.36 2.78 4.43
CA TRP A 29 3.42 3.78 4.66
C TRP A 29 4.72 3.10 5.05
N CYS A 30 5.84 3.76 4.73
CA CYS A 30 7.15 3.21 5.05
C CYS A 30 8.16 4.34 5.28
N GLU A 31 8.98 4.18 6.32
CA GLU A 31 9.98 5.19 6.65
C GLU A 31 11.21 5.05 5.75
N LEU A 32 12.05 6.08 5.76
CA LEU A 32 13.26 6.08 4.94
C LEU A 32 14.42 6.73 5.69
N SER A 33 15.59 6.11 5.62
CA SER A 33 16.78 6.63 6.28
C SER A 33 17.30 7.87 5.57
N LYS A 34 16.82 8.10 4.36
CA LYS A 34 17.23 9.26 3.57
C LYS A 34 16.20 9.58 2.49
N ALA A 35 15.66 10.79 2.55
CA ALA A 35 14.65 11.23 1.57
C ALA A 35 15.05 10.79 0.17
N ALA A 36 14.17 10.05 -0.49
CA ALA A 36 14.42 9.57 -1.84
C ALA A 36 13.13 9.12 -2.51
N PRO A 37 13.09 9.22 -3.85
CA PRO A 37 11.93 8.82 -4.65
C PRO A 37 11.72 7.31 -4.65
N VAL A 38 10.66 6.86 -3.97
CA VAL A 38 10.36 5.44 -3.90
C VAL A 38 9.31 5.05 -4.95
N GLU A 39 9.33 3.78 -5.34
CA GLU A 39 8.40 3.29 -6.34
C GLU A 39 7.58 2.11 -5.80
N TRP A 40 6.28 2.17 -6.00
CA TRP A 40 5.38 1.11 -5.53
C TRP A 40 5.04 0.15 -6.65
N ARG A 41 4.85 -1.12 -6.29
CA ARG A 41 4.52 -2.16 -7.28
C ARG A 41 3.49 -3.12 -6.72
N LYS A 42 2.53 -3.50 -7.56
CA LYS A 42 1.47 -4.42 -7.16
C LYS A 42 1.51 -5.69 -8.00
N GLY A 43 2.29 -6.68 -7.56
CA GLY A 43 2.39 -7.93 -8.28
C GLY A 43 3.25 -7.81 -9.53
N HIS A 44 2.65 -8.09 -10.68
CA HIS A 44 3.37 -8.01 -11.95
C HIS A 44 3.11 -6.67 -12.63
N GLU A 45 3.26 -5.59 -11.87
CA GLU A 45 3.04 -4.25 -12.40
C GLU A 45 3.57 -3.19 -11.44
N THR A 46 3.76 -1.97 -11.94
CA THR A 46 4.27 -0.88 -11.14
C THR A 46 3.20 0.19 -10.93
N LEU A 47 2.91 0.50 -9.68
CA LEU A 47 1.90 1.51 -9.36
C LEU A 47 2.33 2.88 -9.86
N ARG A 48 1.35 3.71 -10.21
CA ARG A 48 1.62 5.05 -10.72
C ARG A 48 0.44 5.99 -10.44
N ASP A 49 0.76 7.20 -10.00
CA ASP A 49 -0.28 8.18 -9.68
C ASP A 49 -1.42 8.10 -10.69
N GLY A 50 -2.62 7.86 -10.17
CA GLY A 50 -3.80 7.75 -11.04
C GLY A 50 -5.06 8.23 -10.36
N ASP A 51 -6.21 7.80 -10.86
CA ASP A 51 -7.49 8.18 -10.31
C ASP A 51 -7.76 7.45 -8.99
N ARG A 52 -7.56 6.13 -9.00
CA ARG A 52 -7.76 5.32 -7.81
C ARG A 52 -6.44 4.98 -7.14
N HIS A 53 -5.56 5.96 -7.05
CA HIS A 53 -4.25 5.77 -6.44
C HIS A 53 -3.66 7.10 -5.96
N SER A 54 -2.97 7.06 -4.83
CA SER A 54 -2.36 8.26 -4.26
C SER A 54 -0.92 8.00 -3.85
N LEU A 55 0.02 8.36 -4.72
CA LEU A 55 1.44 8.16 -4.44
C LEU A 55 2.10 9.48 -4.07
N ARG A 56 2.49 9.62 -2.80
CA ARG A 56 3.14 10.83 -2.32
C ARG A 56 4.03 10.53 -1.12
N GLN A 57 5.19 11.17 -1.08
CA GLN A 57 6.13 10.97 0.03
C GLN A 57 6.60 12.30 0.59
N ASP A 58 6.57 12.42 1.92
CA ASP A 58 6.98 13.64 2.59
C ASP A 58 8.35 13.46 3.26
N GLY A 59 9.35 14.15 2.73
CA GLY A 59 10.69 14.04 3.29
C GLY A 59 11.25 12.64 3.20
N SER A 60 11.13 11.88 4.28
CA SER A 60 11.63 10.52 4.31
C SER A 60 10.51 9.53 4.65
N ARG A 61 9.28 9.88 4.29
CA ARG A 61 8.13 9.04 4.55
C ARG A 61 7.28 8.86 3.29
N CYS A 62 7.24 7.63 2.78
CA CYS A 62 6.47 7.33 1.58
C CYS A 62 5.10 6.76 1.94
N GLU A 63 4.05 7.33 1.38
CA GLU A 63 2.70 6.88 1.64
C GLU A 63 1.96 6.55 0.34
N LEU A 64 1.28 5.41 0.32
CA LEU A 64 0.55 4.99 -0.87
C LEU A 64 -0.91 4.71 -0.53
N GLN A 65 -1.80 5.05 -1.46
CA GLN A 65 -3.24 4.84 -1.25
C GLN A 65 -3.85 4.12 -2.45
N ILE A 66 -4.74 3.17 -2.17
CA ILE A 66 -5.40 2.41 -3.22
C ILE A 66 -6.92 2.50 -3.08
N ARG A 67 -7.50 3.54 -3.67
CA ARG A 67 -8.94 3.73 -3.62
C ARG A 67 -9.68 2.65 -4.41
N GLY A 68 -10.64 2.01 -3.77
CA GLY A 68 -11.40 0.96 -4.42
C GLY A 68 -10.73 -0.39 -4.30
N LEU A 69 -10.56 -0.87 -3.07
CA LEU A 69 -9.92 -2.16 -2.83
C LEU A 69 -10.69 -3.27 -3.52
N ALA A 70 -10.00 -4.38 -3.80
CA ALA A 70 -10.61 -5.52 -4.45
C ALA A 70 -9.89 -6.82 -4.10
N VAL A 71 -10.62 -7.92 -4.09
CA VAL A 71 -10.04 -9.22 -3.77
C VAL A 71 -8.79 -9.48 -4.59
N VAL A 72 -8.81 -9.06 -5.86
CA VAL A 72 -7.67 -9.25 -6.75
C VAL A 72 -6.49 -8.37 -6.32
N ASP A 73 -6.80 -7.21 -5.76
CA ASP A 73 -5.77 -6.28 -5.31
C ASP A 73 -4.94 -6.90 -4.18
N ALA A 74 -5.50 -7.92 -3.53
CA ALA A 74 -4.81 -8.59 -2.44
C ALA A 74 -3.79 -9.60 -2.97
N GLY A 75 -2.56 -9.49 -2.49
CA GLY A 75 -1.52 -10.40 -2.93
C GLY A 75 -0.17 -10.11 -2.28
N GLU A 76 0.49 -9.06 -2.76
CA GLU A 76 1.79 -8.67 -2.23
C GLU A 76 2.27 -7.38 -2.87
N TYR A 77 2.45 -6.35 -2.05
CA TYR A 77 2.90 -5.05 -2.55
C TYR A 77 4.38 -4.83 -2.20
N SER A 78 5.17 -4.49 -3.20
CA SER A 78 6.60 -4.24 -3.01
C SER A 78 6.94 -2.78 -3.29
N CYS A 79 7.85 -2.23 -2.49
CA CYS A 79 8.27 -0.84 -2.65
C CYS A 79 9.77 -0.76 -2.94
N VAL A 80 10.10 -0.41 -4.18
CA VAL A 80 11.49 -0.29 -4.59
C VAL A 80 11.92 1.17 -4.67
N CYS A 81 13.00 1.49 -3.97
CA CYS A 81 13.52 2.86 -3.95
C CYS A 81 14.78 2.97 -4.81
N GLY A 82 15.54 1.89 -4.86
CA GLY A 82 16.77 1.88 -5.64
C GLY A 82 17.51 0.56 -5.54
N GLN A 83 18.23 0.37 -4.44
CA GLN A 83 19.00 -0.85 -4.22
C GLN A 83 18.21 -1.84 -3.37
N GLU A 84 17.60 -1.34 -2.30
CA GLU A 84 16.82 -2.17 -1.40
C GLU A 84 15.34 -2.16 -1.78
N ARG A 85 14.59 -3.14 -1.30
CA ARG A 85 13.16 -3.23 -1.59
C ARG A 85 12.44 -4.03 -0.50
N THR A 86 11.25 -3.57 -0.15
CA THR A 86 10.45 -4.23 0.88
C THR A 86 9.22 -4.90 0.28
N SER A 87 8.63 -5.82 1.03
CA SER A 87 7.44 -6.55 0.57
C SER A 87 6.45 -6.74 1.71
N ALA A 88 5.17 -6.84 1.35
CA ALA A 88 4.12 -7.03 2.34
C ALA A 88 2.84 -7.55 1.69
N THR A 89 2.19 -8.51 2.35
CA THR A 89 0.97 -9.09 1.83
C THR A 89 -0.24 -8.23 2.17
N LEU A 90 -1.18 -8.15 1.24
CA LEU A 90 -2.39 -7.36 1.44
C LEU A 90 -3.62 -8.25 1.63
N THR A 91 -4.40 -7.96 2.66
CA THR A 91 -5.60 -8.74 2.94
C THR A 91 -6.87 -7.93 2.67
N VAL A 92 -7.67 -8.39 1.71
CA VAL A 92 -8.90 -7.71 1.36
C VAL A 92 -10.12 -8.61 1.59
N ARG A 93 -10.80 -8.40 2.71
CA ARG A 93 -11.98 -9.19 3.05
C ARG A 93 -13.17 -8.79 2.18
N ALA A 94 -13.64 -9.74 1.37
CA ALA A 94 -14.78 -9.49 0.49
C ALA A 94 -16.02 -9.10 1.29
N LEU A 95 -16.63 -7.98 0.92
CA LEU A 95 -17.82 -7.49 1.60
C LEU A 95 -18.94 -8.52 1.54
N PRO A 96 -19.73 -8.61 2.62
CA PRO A 96 -20.85 -9.55 2.71
C PRO A 96 -22.00 -9.18 1.79
N ALA A 97 -22.28 -10.05 0.83
CA ALA A 97 -23.36 -9.82 -0.12
C ALA A 97 -24.71 -10.23 0.46
N ARG A 98 -25.48 -9.24 0.91
CA ARG A 98 -26.79 -9.50 1.49
C ARG A 98 -27.90 -8.95 0.61
N PHE A 99 -28.73 -9.85 0.09
CA PHE A 99 -29.84 -9.45 -0.78
C PHE A 99 -31.18 -9.67 -0.09
N ILE A 100 -31.29 -9.19 1.15
CA ILE A 100 -32.52 -9.34 1.92
C ILE A 100 -33.18 -7.99 2.17
N GLU A 101 -34.34 -7.78 1.57
CA GLU A 101 -35.07 -6.53 1.73
C GLU A 101 -35.75 -6.47 3.09
N SER A 102 -35.85 -5.26 3.64
CA SER A 102 -36.48 -5.06 4.94
C SER A 102 -37.34 -3.80 4.95
N GLY A 103 -38.51 -3.90 5.57
CA GLY A 103 -39.41 -2.76 5.64
C GLY A 103 -39.63 -2.27 7.05
N PRO A 104 -40.47 -1.24 7.21
CA PRO A 104 -40.78 -0.65 8.52
C PRO A 104 -41.60 -1.59 9.39
N SER A 105 -40.95 -2.21 10.36
CA SER A 105 -41.63 -3.13 11.27
C SER A 105 -41.62 -2.60 12.70
N SER A 106 -42.68 -2.91 13.45
CA SER A 106 -42.79 -2.45 14.83
C SER A 106 -43.20 -3.61 15.75
N GLY A 107 -42.98 -3.43 17.04
CA GLY A 107 -43.32 -4.47 18.00
C GLY A 107 -42.87 -4.13 19.40
N GLY A 1 20.87 15.58 0.19
CA GLY A 1 21.37 16.94 0.23
C GLY A 1 22.60 17.09 1.09
N SER A 2 23.55 16.18 0.92
CA SER A 2 24.79 16.21 1.69
C SER A 2 25.98 15.78 0.84
N SER A 3 27.14 16.38 1.10
CA SER A 3 28.34 16.07 0.35
C SER A 3 29.07 14.87 0.97
N GLY A 4 29.67 14.04 0.12
CA GLY A 4 30.39 12.87 0.60
C GLY A 4 30.07 11.63 -0.20
N SER A 5 29.85 10.52 0.50
CA SER A 5 29.53 9.25 -0.16
C SER A 5 28.03 9.14 -0.42
N SER A 6 27.68 8.43 -1.50
CA SER A 6 26.29 8.25 -1.87
C SER A 6 25.64 7.17 -1.01
N GLY A 7 24.88 7.60 0.01
CA GLY A 7 24.22 6.66 0.89
C GLY A 7 22.92 6.15 0.30
N PRO A 8 22.60 4.87 0.57
CA PRO A 8 21.38 4.23 0.07
C PRO A 8 20.13 4.78 0.76
N SER A 9 18.99 4.16 0.49
CA SER A 9 17.73 4.58 1.08
C SER A 9 16.99 3.40 1.70
N LYS A 10 17.69 2.64 2.53
CA LYS A 10 17.12 1.47 3.18
C LYS A 10 15.83 1.85 3.91
N PHE A 11 15.05 0.83 4.28
CA PHE A 11 13.78 1.05 4.98
C PHE A 11 13.96 0.89 6.49
N ILE A 12 13.39 1.82 7.24
CA ILE A 12 13.49 1.77 8.70
C ILE A 12 12.27 1.07 9.31
N GLU A 13 11.09 1.60 9.01
CA GLU A 13 9.85 1.02 9.54
C GLU A 13 9.42 -0.19 8.70
N GLY A 14 9.52 -0.03 7.37
CA GLY A 14 9.13 -1.11 6.47
C GLY A 14 7.65 -1.39 6.51
N LEU A 15 7.10 -1.82 5.38
CA LEU A 15 5.68 -2.12 5.28
C LEU A 15 5.32 -3.36 6.11
N ARG A 16 4.14 -3.33 6.73
CA ARG A 16 3.68 -4.44 7.54
C ARG A 16 2.38 -5.01 7.01
N ASN A 17 2.05 -6.23 7.42
CA ASN A 17 0.82 -6.89 6.99
C ASN A 17 -0.40 -6.01 7.26
N GLU A 18 -0.97 -5.46 6.19
CA GLU A 18 -2.14 -4.60 6.33
C GLU A 18 -3.40 -5.34 5.91
N GLU A 19 -4.35 -5.45 6.84
CA GLU A 19 -5.61 -6.14 6.56
C GLU A 19 -6.76 -5.15 6.48
N ALA A 20 -7.44 -5.12 5.34
CA ALA A 20 -8.57 -4.22 5.14
C ALA A 20 -9.76 -4.96 4.55
N THR A 21 -10.90 -4.27 4.46
CA THR A 21 -12.11 -4.86 3.91
C THR A 21 -12.38 -4.37 2.50
N GLU A 22 -12.83 -5.28 1.64
CA GLU A 22 -13.11 -4.94 0.25
C GLU A 22 -13.93 -3.64 0.16
N GLY A 23 -13.56 -2.79 -0.79
CA GLY A 23 -14.27 -1.52 -0.95
C GLY A 23 -13.54 -0.36 -0.30
N ASP A 24 -13.09 -0.58 0.94
CA ASP A 24 -12.38 0.46 1.67
C ASP A 24 -11.16 0.94 0.90
N THR A 25 -10.38 1.82 1.51
CA THR A 25 -9.17 2.36 0.88
C THR A 25 -7.94 2.06 1.72
N ALA A 26 -7.14 1.09 1.27
CA ALA A 26 -5.92 0.72 1.97
C ALA A 26 -4.90 1.85 1.96
N THR A 27 -4.22 2.03 3.08
CA THR A 27 -3.21 3.08 3.20
C THR A 27 -1.91 2.54 3.78
N LEU A 28 -0.94 2.29 2.91
CA LEU A 28 0.35 1.76 3.35
C LEU A 28 1.40 2.87 3.41
N TRP A 29 2.36 2.74 4.31
CA TRP A 29 3.42 3.72 4.47
C TRP A 29 4.67 3.09 5.06
N CYS A 30 5.80 3.75 4.86
CA CYS A 30 7.07 3.25 5.38
C CYS A 30 8.10 4.38 5.49
N GLU A 31 9.11 4.18 6.34
CA GLU A 31 10.15 5.18 6.54
C GLU A 31 11.35 4.90 5.66
N LEU A 32 12.07 5.95 5.29
CA LEU A 32 13.25 5.81 4.45
C LEU A 32 14.48 6.41 5.12
N SER A 33 15.61 5.72 5.03
CA SER A 33 16.85 6.18 5.63
C SER A 33 17.35 7.44 4.93
N LYS A 34 16.88 7.66 3.71
CA LYS A 34 17.28 8.83 2.94
C LYS A 34 16.12 9.35 2.10
N ALA A 35 16.04 10.67 1.95
CA ALA A 35 14.98 11.29 1.17
C ALA A 35 15.18 11.04 -0.32
N ALA A 36 14.35 10.18 -0.90
CA ALA A 36 14.44 9.86 -2.32
C ALA A 36 13.10 9.33 -2.85
N PRO A 37 12.88 9.49 -4.15
CA PRO A 37 11.65 9.04 -4.81
C PRO A 37 11.57 7.51 -4.89
N VAL A 38 10.64 6.94 -4.13
CA VAL A 38 10.46 5.49 -4.11
C VAL A 38 9.49 5.05 -5.20
N GLU A 39 9.46 3.75 -5.47
CA GLU A 39 8.56 3.20 -6.49
C GLU A 39 7.76 2.03 -5.93
N TRP A 40 6.44 2.10 -6.07
CA TRP A 40 5.55 1.05 -5.58
C TRP A 40 5.18 0.08 -6.69
N ARG A 41 5.02 -1.18 -6.35
CA ARG A 41 4.66 -2.20 -7.32
C ARG A 41 3.56 -3.11 -6.78
N LYS A 42 2.64 -3.50 -7.66
CA LYS A 42 1.52 -4.36 -7.27
C LYS A 42 1.37 -5.52 -8.26
N GLY A 43 2.00 -6.65 -7.95
CA GLY A 43 1.92 -7.80 -8.82
C GLY A 43 2.56 -7.57 -10.16
N HIS A 44 3.86 -7.87 -10.26
CA HIS A 44 4.61 -7.68 -11.49
C HIS A 44 4.12 -6.44 -12.24
N GLU A 45 3.82 -5.39 -11.49
CA GLU A 45 3.35 -4.14 -12.08
C GLU A 45 3.74 -2.94 -11.21
N THR A 46 3.95 -1.80 -11.85
CA THR A 46 4.33 -0.59 -11.14
C THR A 46 3.14 0.36 -10.98
N LEU A 47 2.86 0.73 -9.74
CA LEU A 47 1.74 1.64 -9.45
C LEU A 47 2.08 3.07 -9.86
N ARG A 48 1.06 3.80 -10.29
CA ARG A 48 1.24 5.19 -10.71
C ARG A 48 0.21 6.11 -10.05
N ASP A 49 0.60 7.35 -9.81
CA ASP A 49 -0.29 8.32 -9.19
C ASP A 49 -1.27 8.89 -10.21
N GLY A 50 -2.56 8.57 -10.05
CA GLY A 50 -3.56 9.05 -10.97
C GLY A 50 -4.76 9.65 -10.26
N ASP A 51 -5.91 8.99 -10.37
CA ASP A 51 -7.13 9.46 -9.72
C ASP A 51 -7.45 8.62 -8.49
N ARG A 52 -7.48 7.30 -8.67
CA ARG A 52 -7.78 6.39 -7.57
C ARG A 52 -6.54 6.17 -6.70
N HIS A 53 -5.40 5.95 -7.34
CA HIS A 53 -4.16 5.72 -6.63
C HIS A 53 -3.49 7.04 -6.26
N SER A 54 -2.86 7.09 -5.09
CA SER A 54 -2.19 8.29 -4.63
C SER A 54 -0.78 7.97 -4.12
N LEU A 55 0.20 8.18 -4.98
CA LEU A 55 1.59 7.91 -4.62
C LEU A 55 2.34 9.21 -4.33
N ARG A 56 2.68 9.43 -3.07
CA ARG A 56 3.40 10.63 -2.66
C ARG A 56 4.16 10.40 -1.36
N GLN A 57 5.43 10.75 -1.35
CA GLN A 57 6.26 10.58 -0.16
C GLN A 57 6.80 11.92 0.32
N ASP A 58 6.69 12.16 1.62
CA ASP A 58 7.16 13.41 2.22
C ASP A 58 8.56 13.23 2.81
N GLY A 59 9.51 13.99 2.29
CA GLY A 59 10.88 13.90 2.79
C GLY A 59 11.41 12.48 2.76
N SER A 60 11.26 11.78 3.88
CA SER A 60 11.73 10.40 3.98
C SER A 60 10.61 9.46 4.42
N ARG A 61 9.38 9.80 4.03
CA ARG A 61 8.22 9.00 4.39
C ARG A 61 7.35 8.72 3.16
N CYS A 62 7.10 7.45 2.89
CA CYS A 62 6.28 7.05 1.75
C CYS A 62 4.87 6.68 2.20
N GLU A 63 3.89 7.04 1.38
CA GLU A 63 2.49 6.75 1.70
C GLU A 63 1.70 6.45 0.42
N LEU A 64 1.27 5.20 0.28
CA LEU A 64 0.50 4.78 -0.89
C LEU A 64 -0.97 4.62 -0.54
N GLN A 65 -1.83 5.02 -1.47
CA GLN A 65 -3.28 4.90 -1.26
C GLN A 65 -3.95 4.18 -2.43
N ILE A 66 -4.81 3.23 -2.12
CA ILE A 66 -5.52 2.47 -3.13
C ILE A 66 -7.03 2.49 -2.88
N ARG A 67 -7.74 3.31 -3.64
CA ARG A 67 -9.18 3.42 -3.51
C ARG A 67 -9.89 2.31 -4.28
N GLY A 68 -10.99 1.83 -3.72
CA GLY A 68 -11.74 0.76 -4.37
C GLY A 68 -11.07 -0.60 -4.21
N LEU A 69 -10.68 -0.92 -2.98
CA LEU A 69 -10.02 -2.19 -2.71
C LEU A 69 -10.78 -3.35 -3.35
N ALA A 70 -10.05 -4.41 -3.70
CA ALA A 70 -10.65 -5.58 -4.32
C ALA A 70 -9.90 -6.85 -3.95
N VAL A 71 -10.51 -8.00 -4.22
CA VAL A 71 -9.89 -9.28 -3.91
C VAL A 71 -8.58 -9.47 -4.69
N VAL A 72 -8.56 -8.93 -5.91
CA VAL A 72 -7.37 -9.04 -6.75
C VAL A 72 -6.23 -8.16 -6.23
N ASP A 73 -6.60 -7.16 -5.41
CA ASP A 73 -5.62 -6.25 -4.84
C ASP A 73 -4.85 -6.92 -3.71
N ALA A 74 -5.50 -7.85 -3.03
CA ALA A 74 -4.87 -8.57 -1.92
C ALA A 74 -3.80 -9.53 -2.43
N GLY A 75 -2.56 -9.28 -2.04
CA GLY A 75 -1.46 -10.13 -2.46
C GLY A 75 -0.15 -9.77 -1.79
N GLU A 76 0.68 -9.01 -2.48
CA GLU A 76 1.98 -8.60 -1.94
C GLU A 76 2.46 -7.32 -2.61
N TYR A 77 2.61 -6.26 -1.81
CA TYR A 77 3.06 -4.97 -2.32
C TYR A 77 4.53 -4.74 -1.99
N SER A 78 5.33 -4.52 -3.03
CA SER A 78 6.77 -4.29 -2.85
C SER A 78 7.13 -2.85 -3.19
N CYS A 79 7.91 -2.23 -2.32
CA CYS A 79 8.33 -0.85 -2.53
C CYS A 79 9.83 -0.76 -2.75
N VAL A 80 10.23 -0.36 -3.95
CA VAL A 80 11.64 -0.24 -4.30
C VAL A 80 12.06 1.23 -4.40
N CYS A 81 13.09 1.60 -3.64
CA CYS A 81 13.60 2.97 -3.66
C CYS A 81 14.91 3.07 -4.43
N GLY A 82 15.78 2.09 -4.22
CA GLY A 82 17.06 2.09 -4.92
C GLY A 82 17.77 0.76 -4.81
N GLN A 83 18.47 0.54 -3.69
CA GLN A 83 19.20 -0.70 -3.47
C GLN A 83 18.38 -1.67 -2.61
N GLU A 84 17.62 -1.12 -1.67
CA GLU A 84 16.80 -1.93 -0.79
C GLU A 84 15.38 -2.08 -1.35
N ARG A 85 14.63 -3.03 -0.80
CA ARG A 85 13.27 -3.28 -1.24
C ARG A 85 12.49 -4.07 -0.18
N THR A 86 11.34 -3.54 0.21
CA THR A 86 10.49 -4.19 1.20
C THR A 86 9.26 -4.82 0.56
N SER A 87 8.55 -5.64 1.34
CA SER A 87 7.36 -6.31 0.84
C SER A 87 6.35 -6.52 1.96
N ALA A 88 5.07 -6.57 1.61
CA ALA A 88 4.00 -6.77 2.59
C ALA A 88 2.77 -7.39 1.93
N THR A 89 2.16 -8.34 2.63
CA THR A 89 0.97 -9.02 2.12
C THR A 89 -0.28 -8.20 2.41
N LEU A 90 -1.10 -8.01 1.38
CA LEU A 90 -2.34 -7.25 1.52
C LEU A 90 -3.55 -8.18 1.56
N THR A 91 -4.43 -7.96 2.53
CA THR A 91 -5.63 -8.77 2.67
C THR A 91 -6.89 -7.94 2.44
N VAL A 92 -7.78 -8.46 1.60
CA VAL A 92 -9.03 -7.77 1.29
C VAL A 92 -10.23 -8.69 1.49
N ARG A 93 -10.94 -8.53 2.60
CA ARG A 93 -12.10 -9.35 2.89
C ARG A 93 -13.26 -9.00 1.96
N ALA A 94 -13.55 -9.89 1.02
CA ALA A 94 -14.63 -9.68 0.07
C ALA A 94 -15.95 -9.40 0.79
N LEU A 95 -16.54 -8.24 0.51
CA LEU A 95 -17.80 -7.87 1.14
C LEU A 95 -18.86 -8.93 0.92
N PRO A 96 -19.76 -9.09 1.90
CA PRO A 96 -20.85 -10.08 1.83
C PRO A 96 -21.90 -9.72 0.79
N ALA A 97 -22.36 -10.72 0.05
CA ALA A 97 -23.36 -10.50 -0.99
C ALA A 97 -24.58 -11.39 -0.75
N ARG A 98 -25.63 -10.81 -0.17
CA ARG A 98 -26.86 -11.55 0.11
C ARG A 98 -28.05 -10.59 0.21
N PHE A 99 -29.26 -11.16 0.20
CA PHE A 99 -30.47 -10.36 0.30
C PHE A 99 -31.05 -10.42 1.71
N ILE A 100 -30.59 -9.52 2.56
CA ILE A 100 -31.06 -9.46 3.94
C ILE A 100 -31.60 -8.08 4.28
N GLU A 101 -32.69 -8.05 5.04
CA GLU A 101 -33.31 -6.78 5.44
C GLU A 101 -33.48 -6.72 6.95
N SER A 102 -33.33 -5.51 7.51
CA SER A 102 -33.47 -5.32 8.94
C SER A 102 -33.57 -3.83 9.28
N GLY A 103 -34.07 -3.53 10.48
CA GLY A 103 -34.21 -2.15 10.90
C GLY A 103 -33.65 -1.91 12.29
N PRO A 104 -32.99 -0.75 12.47
CA PRO A 104 -32.40 -0.38 13.76
C PRO A 104 -33.45 -0.06 14.81
N SER A 105 -33.06 -0.16 16.08
CA SER A 105 -33.97 0.13 17.18
C SER A 105 -33.78 1.55 17.70
N SER A 106 -34.74 2.42 17.37
CA SER A 106 -34.68 3.82 17.79
C SER A 106 -36.08 4.39 17.96
N GLY A 107 -36.25 5.25 18.96
CA GLY A 107 -37.54 5.85 19.22
C GLY A 107 -38.53 4.88 19.83
N GLY A 1 32.12 15.99 13.65
CA GLY A 1 32.34 15.60 12.28
C GLY A 1 31.19 16.00 11.37
N SER A 2 30.20 15.12 11.24
CA SER A 2 29.05 15.39 10.40
C SER A 2 27.81 14.66 10.92
N SER A 3 26.66 15.33 10.86
CA SER A 3 25.41 14.76 11.32
C SER A 3 24.54 14.32 10.15
N GLY A 4 25.18 13.77 9.12
CA GLY A 4 24.44 13.33 7.95
C GLY A 4 25.09 12.14 7.27
N SER A 5 24.31 11.39 6.51
CA SER A 5 24.83 10.21 5.81
C SER A 5 24.37 10.21 4.36
N SER A 6 25.26 9.75 3.48
CA SER A 6 24.96 9.70 2.05
C SER A 6 24.95 8.26 1.55
N GLY A 7 24.14 7.99 0.53
CA GLY A 7 24.06 6.66 -0.03
C GLY A 7 22.64 6.27 -0.39
N PRO A 8 22.38 4.95 -0.46
CA PRO A 8 21.06 4.42 -0.79
C PRO A 8 20.04 4.67 0.31
N SER A 9 18.76 4.45 -0.02
CA SER A 9 17.69 4.66 0.95
C SER A 9 17.25 3.33 1.56
N LYS A 10 17.59 3.14 2.83
CA LYS A 10 17.23 1.92 3.54
C LYS A 10 15.87 2.06 4.22
N PHE A 11 15.05 1.03 4.11
CA PHE A 11 13.72 1.04 4.72
C PHE A 11 13.81 0.77 6.22
N ILE A 12 13.23 1.68 7.01
CA ILE A 12 13.24 1.54 8.46
C ILE A 12 12.04 0.74 8.95
N GLU A 13 10.84 1.15 8.51
CA GLU A 13 9.62 0.48 8.90
C GLU A 13 9.00 -0.26 7.72
N GLY A 14 9.80 -1.06 7.04
CA GLY A 14 9.31 -1.81 5.90
C GLY A 14 7.87 -2.22 6.05
N LEU A 15 7.08 -2.00 5.00
CA LEU A 15 5.66 -2.36 5.03
C LEU A 15 5.44 -3.67 5.76
N ARG A 16 4.41 -3.71 6.61
CA ARG A 16 4.09 -4.91 7.37
C ARG A 16 2.73 -5.47 6.96
N ASN A 17 2.53 -6.76 7.21
CA ASN A 17 1.28 -7.42 6.86
C ASN A 17 0.08 -6.51 7.14
N GLU A 18 -0.50 -5.97 6.07
CA GLU A 18 -1.65 -5.08 6.21
C GLU A 18 -2.94 -5.78 5.76
N GLU A 19 -4.02 -5.51 6.47
CA GLU A 19 -5.31 -6.11 6.14
C GLU A 19 -6.42 -5.06 6.13
N ALA A 20 -7.11 -4.95 5.00
CA ALA A 20 -8.19 -3.98 4.86
C ALA A 20 -9.49 -4.67 4.48
N THR A 21 -10.58 -3.91 4.43
CA THR A 21 -11.88 -4.44 4.07
C THR A 21 -12.30 -4.01 2.68
N GLU A 22 -12.59 -4.98 1.82
CA GLU A 22 -12.99 -4.69 0.45
C GLU A 22 -13.86 -3.43 0.39
N GLY A 23 -13.68 -2.63 -0.65
CA GLY A 23 -14.45 -1.42 -0.80
C GLY A 23 -13.76 -0.21 -0.19
N ASP A 24 -13.15 -0.41 0.98
CA ASP A 24 -12.46 0.67 1.67
C ASP A 24 -11.21 1.09 0.91
N THR A 25 -10.56 2.14 1.38
CA THR A 25 -9.35 2.64 0.73
C THR A 25 -8.10 2.24 1.52
N ALA A 26 -7.41 1.21 1.05
CA ALA A 26 -6.20 0.73 1.70
C ALA A 26 -5.07 1.75 1.57
N THR A 27 -4.55 2.19 2.71
CA THR A 27 -3.46 3.16 2.73
C THR A 27 -2.26 2.63 3.51
N LEU A 28 -1.23 2.20 2.78
CA LEU A 28 -0.02 1.67 3.40
C LEU A 28 1.04 2.76 3.54
N TRP A 29 2.12 2.44 4.25
CA TRP A 29 3.21 3.39 4.45
C TRP A 29 4.45 2.68 4.95
N CYS A 30 5.61 3.32 4.75
CA CYS A 30 6.89 2.74 5.18
C CYS A 30 7.92 3.84 5.41
N GLU A 31 8.62 3.77 6.53
CA GLU A 31 9.64 4.75 6.87
C GLU A 31 10.89 4.56 6.01
N LEU A 32 11.66 5.62 5.83
CA LEU A 32 12.87 5.57 5.04
C LEU A 32 14.02 6.27 5.75
N SER A 33 15.24 5.80 5.50
CA SER A 33 16.42 6.39 6.12
C SER A 33 16.75 7.74 5.51
N LYS A 34 16.40 7.92 4.24
CA LYS A 34 16.64 9.17 3.54
C LYS A 34 15.42 9.57 2.71
N ALA A 35 15.17 10.88 2.64
CA ALA A 35 14.04 11.40 1.87
C ALA A 35 14.31 11.32 0.37
N ALA A 36 14.01 10.17 -0.23
CA ALA A 36 14.22 9.97 -1.65
C ALA A 36 12.94 9.54 -2.34
N PRO A 37 12.86 9.77 -3.66
CA PRO A 37 11.70 9.41 -4.47
C PRO A 37 11.54 7.91 -4.62
N VAL A 38 10.92 7.27 -3.64
CA VAL A 38 10.69 5.83 -3.66
C VAL A 38 9.79 5.43 -4.81
N GLU A 39 9.49 4.14 -4.91
CA GLU A 39 8.63 3.63 -5.97
C GLU A 39 7.91 2.36 -5.52
N TRP A 40 6.60 2.33 -5.73
CA TRP A 40 5.79 1.18 -5.34
C TRP A 40 5.54 0.27 -6.54
N ARG A 41 5.22 -1.00 -6.26
CA ARG A 41 4.96 -1.97 -7.31
C ARG A 41 3.89 -2.97 -6.87
N LYS A 42 2.87 -3.14 -7.71
CA LYS A 42 1.79 -4.07 -7.41
C LYS A 42 1.96 -5.37 -8.19
N GLY A 43 2.50 -6.39 -7.53
CA GLY A 43 2.70 -7.67 -8.18
C GLY A 43 3.84 -7.63 -9.18
N HIS A 44 3.48 -7.56 -10.47
CA HIS A 44 4.49 -7.52 -11.53
C HIS A 44 4.36 -6.24 -12.34
N GLU A 45 4.06 -5.14 -11.66
CA GLU A 45 3.91 -3.85 -12.32
C GLU A 45 4.15 -2.71 -11.33
N THR A 46 4.81 -1.65 -11.80
CA THR A 46 5.09 -0.50 -10.96
C THR A 46 3.87 0.40 -10.83
N LEU A 47 3.48 0.70 -9.60
CA LEU A 47 2.32 1.56 -9.34
C LEU A 47 2.60 2.99 -9.77
N ARG A 48 1.53 3.73 -10.05
CA ARG A 48 1.66 5.12 -10.48
C ARG A 48 0.43 5.93 -10.05
N ASP A 49 0.65 7.20 -9.75
CA ASP A 49 -0.43 8.08 -9.32
C ASP A 49 -1.46 8.25 -10.44
N GLY A 50 -2.55 7.47 -10.35
CA GLY A 50 -3.58 7.55 -11.35
C GLY A 50 -4.91 8.02 -10.78
N ASP A 51 -6.00 7.43 -11.24
CA ASP A 51 -7.33 7.80 -10.78
C ASP A 51 -7.69 7.03 -9.50
N ARG A 52 -7.20 5.79 -9.40
CA ARG A 52 -7.48 4.96 -8.25
C ARG A 52 -6.18 4.57 -7.54
N HIS A 53 -5.22 5.49 -7.52
CA HIS A 53 -3.93 5.24 -6.89
C HIS A 53 -3.26 6.55 -6.51
N SER A 54 -2.61 6.57 -5.34
CA SER A 54 -1.92 7.76 -4.87
C SER A 54 -0.53 7.41 -4.33
N LEU A 55 0.50 7.82 -5.08
CA LEU A 55 1.88 7.56 -4.68
C LEU A 55 2.61 8.85 -4.35
N ARG A 56 2.82 9.10 -3.06
CA ARG A 56 3.51 10.31 -2.61
C ARG A 56 4.22 10.06 -1.29
N GLN A 57 5.46 10.55 -1.19
CA GLN A 57 6.25 10.38 0.02
C GLN A 57 6.78 11.72 0.52
N ASP A 58 6.90 11.86 1.83
CA ASP A 58 7.41 13.10 2.42
C ASP A 58 8.33 12.80 3.60
N GLY A 59 9.33 13.65 3.81
CA GLY A 59 10.26 13.46 4.90
C GLY A 59 10.55 12.00 5.17
N SER A 60 11.19 11.34 4.20
CA SER A 60 11.52 9.92 4.33
C SER A 60 10.31 9.12 4.80
N ARG A 61 9.15 9.44 4.23
CA ARG A 61 7.91 8.74 4.58
C ARG A 61 7.08 8.43 3.34
N CYS A 62 6.95 7.15 3.04
CA CYS A 62 6.18 6.71 1.88
C CYS A 62 4.74 6.40 2.26
N GLU A 63 3.81 6.73 1.37
CA GLU A 63 2.39 6.50 1.61
C GLU A 63 1.66 6.21 0.31
N LEU A 64 1.20 4.97 0.15
CA LEU A 64 0.48 4.57 -1.05
C LEU A 64 -1.02 4.42 -0.77
N GLN A 65 -1.84 4.76 -1.76
CA GLN A 65 -3.29 4.66 -1.61
C GLN A 65 -3.90 3.86 -2.77
N ILE A 66 -4.90 3.05 -2.45
CA ILE A 66 -5.57 2.24 -3.46
C ILE A 66 -7.09 2.38 -3.37
N ARG A 67 -7.59 3.52 -3.84
CA ARG A 67 -9.02 3.79 -3.82
C ARG A 67 -9.81 2.57 -4.28
N GLY A 68 -11.02 2.44 -3.77
CA GLY A 68 -11.86 1.31 -4.15
C GLY A 68 -11.12 -0.02 -4.08
N LEU A 69 -10.94 -0.52 -2.87
CA LEU A 69 -10.24 -1.79 -2.67
C LEU A 69 -10.86 -2.89 -3.52
N ALA A 70 -10.23 -4.06 -3.52
CA ALA A 70 -10.72 -5.19 -4.28
C ALA A 70 -9.98 -6.47 -3.90
N VAL A 71 -10.68 -7.60 -3.99
CA VAL A 71 -10.10 -8.90 -3.64
C VAL A 71 -8.96 -9.25 -4.59
N VAL A 72 -8.95 -8.63 -5.76
CA VAL A 72 -7.91 -8.88 -6.75
C VAL A 72 -6.65 -8.10 -6.42
N ASP A 73 -6.81 -6.97 -5.73
CA ASP A 73 -5.68 -6.13 -5.35
C ASP A 73 -4.89 -6.77 -4.21
N ALA A 74 -5.59 -7.53 -3.38
CA ALA A 74 -4.96 -8.20 -2.24
C ALA A 74 -3.96 -9.25 -2.70
N GLY A 75 -2.67 -8.97 -2.46
CA GLY A 75 -1.63 -9.89 -2.87
C GLY A 75 -0.30 -9.60 -2.20
N GLU A 76 0.56 -8.86 -2.90
CA GLU A 76 1.86 -8.50 -2.38
C GLU A 76 2.36 -7.19 -2.98
N TYR A 77 2.51 -6.18 -2.13
CA TYR A 77 2.98 -4.87 -2.59
C TYR A 77 4.43 -4.63 -2.20
N SER A 78 5.24 -4.21 -3.17
CA SER A 78 6.66 -3.97 -2.92
C SER A 78 6.99 -2.49 -3.15
N CYS A 79 7.91 -1.97 -2.35
CA CYS A 79 8.32 -0.57 -2.47
C CYS A 79 9.84 -0.45 -2.44
N VAL A 80 10.41 -0.02 -3.56
CA VAL A 80 11.86 0.14 -3.67
C VAL A 80 12.22 1.49 -4.27
N CYS A 81 13.36 2.02 -3.87
CA CYS A 81 13.83 3.31 -4.37
C CYS A 81 15.16 3.17 -5.10
N GLY A 82 16.08 2.42 -4.51
CA GLY A 82 17.38 2.22 -5.11
C GLY A 82 17.81 0.77 -5.11
N GLN A 83 18.41 0.33 -4.00
CA GLN A 83 18.87 -1.05 -3.88
C GLN A 83 17.95 -1.85 -2.96
N GLU A 84 17.50 -1.21 -1.89
CA GLU A 84 16.61 -1.86 -0.93
C GLU A 84 15.18 -1.93 -1.47
N ARG A 85 14.54 -3.09 -1.31
CA ARG A 85 13.18 -3.29 -1.79
C ARG A 85 12.34 -4.01 -0.74
N THR A 86 11.38 -3.30 -0.17
CA THR A 86 10.50 -3.87 0.85
C THR A 86 9.29 -4.53 0.22
N SER A 87 8.62 -5.39 0.98
CA SER A 87 7.44 -6.11 0.50
C SER A 87 6.49 -6.43 1.65
N ALA A 88 5.20 -6.54 1.34
CA ALA A 88 4.20 -6.85 2.34
C ALA A 88 2.92 -7.37 1.69
N THR A 89 2.41 -8.48 2.19
CA THR A 89 1.19 -9.08 1.66
C THR A 89 -0.04 -8.35 2.18
N LEU A 90 -0.98 -8.08 1.27
CA LEU A 90 -2.21 -7.39 1.62
C LEU A 90 -3.36 -8.38 1.82
N THR A 91 -4.28 -8.04 2.71
CA THR A 91 -5.43 -8.90 2.97
C THR A 91 -6.74 -8.12 2.88
N VAL A 92 -7.49 -8.37 1.81
CA VAL A 92 -8.77 -7.69 1.60
C VAL A 92 -9.94 -8.60 1.92
N ARG A 93 -10.73 -8.24 2.92
CA ARG A 93 -11.88 -9.03 3.33
C ARG A 93 -13.11 -8.67 2.49
N ALA A 94 -13.59 -9.63 1.71
CA ALA A 94 -14.76 -9.42 0.86
C ALA A 94 -15.96 -8.97 1.69
N LEU A 95 -16.54 -7.84 1.30
CA LEU A 95 -17.71 -7.30 2.00
C LEU A 95 -18.84 -8.31 2.05
N PRO A 96 -19.59 -8.31 3.16
CA PRO A 96 -20.71 -9.23 3.35
C PRO A 96 -21.89 -8.91 2.43
N ALA A 97 -22.63 -9.94 2.04
CA ALA A 97 -23.78 -9.77 1.17
C ALA A 97 -25.04 -9.48 1.97
N ARG A 98 -24.95 -9.66 3.29
CA ARG A 98 -26.10 -9.42 4.17
C ARG A 98 -25.84 -8.20 5.06
N PHE A 99 -26.90 -7.42 5.30
CA PHE A 99 -26.79 -6.23 6.13
C PHE A 99 -26.64 -6.60 7.60
N ILE A 100 -25.78 -5.88 8.30
CA ILE A 100 -25.54 -6.13 9.72
C ILE A 100 -26.83 -5.97 10.53
N GLU A 101 -27.27 -7.07 11.14
CA GLU A 101 -28.48 -7.05 11.95
C GLU A 101 -28.16 -6.83 13.42
N SER A 102 -29.03 -6.10 14.11
CA SER A 102 -28.83 -5.81 15.52
C SER A 102 -29.55 -6.82 16.40
N GLY A 103 -28.84 -7.87 16.80
CA GLY A 103 -29.44 -8.90 17.63
C GLY A 103 -29.11 -10.29 17.15
N PRO A 104 -27.94 -10.81 17.56
CA PRO A 104 -27.49 -12.15 17.17
C PRO A 104 -28.32 -13.25 17.82
N SER A 105 -29.15 -12.87 18.78
CA SER A 105 -30.00 -13.83 19.49
C SER A 105 -30.82 -14.65 18.51
N SER A 106 -30.70 -15.97 18.59
CA SER A 106 -31.42 -16.87 17.71
C SER A 106 -31.73 -18.19 18.41
N GLY A 107 -32.64 -18.97 17.83
CA GLY A 107 -33.01 -20.24 18.41
C GLY A 107 -34.00 -20.09 19.55
#